data_1FYK
# 
_entry.id   1FYK 
# 
_audit_conform.dict_name       mmcif_pdbx.dic 
_audit_conform.dict_version    5.399 
_audit_conform.dict_location   http://mmcif.pdb.org/dictionaries/ascii/mmcif_pdbx.dic 
# 
loop_
_database_2.database_id 
_database_2.database_code 
_database_2.pdbx_database_accession 
_database_2.pdbx_DOI 
PDB   1FYK         pdb_00001fyk 10.2210/pdb1fyk/pdb 
NDB   PD0182       ?            ?                   
RCSB  RCSB012018   ?            ?                   
WWPDB D_1000012018 ?            ?                   
# 
loop_
_pdbx_audit_revision_history.ordinal 
_pdbx_audit_revision_history.data_content_type 
_pdbx_audit_revision_history.major_revision 
_pdbx_audit_revision_history.minor_revision 
_pdbx_audit_revision_history.revision_date 
1 'Structure model' 1 0 2001-09-28 
2 'Structure model' 1 1 2008-04-27 
3 'Structure model' 1 2 2011-07-13 
4 'Structure model' 2 0 2021-11-03 
5 'Structure model' 2 1 2024-11-20 
# 
_pdbx_audit_revision_details.ordinal             1 
_pdbx_audit_revision_details.revision_ordinal    1 
_pdbx_audit_revision_details.data_content_type   'Structure model' 
_pdbx_audit_revision_details.provider            repository 
_pdbx_audit_revision_details.type                'Initial release' 
_pdbx_audit_revision_details.description         ? 
_pdbx_audit_revision_details.details             ? 
# 
loop_
_pdbx_audit_revision_group.ordinal 
_pdbx_audit_revision_group.revision_ordinal 
_pdbx_audit_revision_group.data_content_type 
_pdbx_audit_revision_group.group 
1 2 'Structure model' 'Version format compliance' 
2 3 'Structure model' 'Version format compliance' 
3 4 'Structure model' 'Database references'       
4 4 'Structure model' 'Derived calculations'      
5 4 'Structure model' 'Polymer sequence'          
6 5 'Structure model' 'Data collection'           
7 5 'Structure model' 'Structure summary'         
# 
loop_
_pdbx_audit_revision_category.ordinal 
_pdbx_audit_revision_category.revision_ordinal 
_pdbx_audit_revision_category.data_content_type 
_pdbx_audit_revision_category.category 
1 4 'Structure model' database_2                
2 4 'Structure model' entity_poly               
3 4 'Structure model' struct_conn               
4 4 'Structure model' struct_ref_seq_dif        
5 5 'Structure model' chem_comp_atom            
6 5 'Structure model' chem_comp_bond            
7 5 'Structure model' pdbx_entry_details        
8 5 'Structure model' pdbx_modification_feature 
# 
loop_
_pdbx_audit_revision_item.ordinal 
_pdbx_audit_revision_item.revision_ordinal 
_pdbx_audit_revision_item.data_content_type 
_pdbx_audit_revision_item.item 
1 4 'Structure model' '_database_2.pdbx_DOI'                  
2 4 'Structure model' '_database_2.pdbx_database_accession'   
3 4 'Structure model' '_entity_poly.pdbx_seq_one_letter_code' 
4 4 'Structure model' '_struct_conn.pdbx_leaving_atom_flag'   
5 4 'Structure model' '_struct_ref_seq_dif.details'           
# 
_pdbx_database_status.status_code                     REL 
_pdbx_database_status.entry_id                        1FYK 
_pdbx_database_status.recvd_initial_deposition_date   2000-10-02 
_pdbx_database_status.deposit_site                    NDB 
_pdbx_database_status.process_site                    NDB 
_pdbx_database_status.status_code_sf                  REL 
_pdbx_database_status.status_code_mr                  ? 
_pdbx_database_status.SG_entry                        ? 
_pdbx_database_status.pdb_format_compatible           Y 
_pdbx_database_status.status_code_cs                  ? 
_pdbx_database_status.status_code_nmr_data            ? 
_pdbx_database_status.methods_development_category    ? 
# 
loop_
_pdbx_database_related.db_name 
_pdbx_database_related.db_id 
_pdbx_database_related.details 
_pdbx_database_related.content_type 
PDB 3HTS '3HTS is the HEAT SHOCK TRANSCRIPTION FACTOR DNA-BINDING DOMAIN/DNA COMPLEX' unspecified 
PDB 2HTS '2HTS is the heat shock transcription factor DNA-binding domain' unspecified 
PDB 1FYL 
;1FYL is the serendipitous crystal structure containing the heat shock transcription factor's DNA binding domain and cognate DNA in a head-to-head orientation
;
unspecified 
PDB 1FYM 
;1FYM is the serendipitous crystal structure containing the heat shock transcription factor's DNA binding domain and cognate DNA in a tail-to-tail orientation
;
unspecified 
# 
loop_
_audit_author.name 
_audit_author.pdbx_ordinal 
'Littlefield, O.' 1 
'Nelson, H.C.M.'  2 
# 
loop_
_citation.id 
_citation.title 
_citation.journal_abbrev 
_citation.journal_volume 
_citation.page_first 
_citation.page_last 
_citation.year 
_citation.journal_id_ASTM 
_citation.country 
_citation.journal_id_ISSN 
_citation.journal_id_CSD 
_citation.book_publisher 
_citation.pdbx_database_id_PubMed 
_citation.pdbx_database_id_DOI 
primary 'Crystal packing interaction that blocks crystallization of a site-specific DNA binding protein-DNA complex.' Proteins 45 
219 228 2001 PSFGEY US 0887-3585 0867 ? 11599025 10.1002/prot.1142 
1       
;A new use for the 'wing' of the 'winged' helix-turn-helix motif in the HSF-DNA cocrystal
;
Nat.Struct.Biol. 6  464 470 1999 NSBIEW US 1072-8368 2024 ? ?        10.1038/8269      
# 
loop_
_citation_author.citation_id 
_citation_author.name 
_citation_author.ordinal 
_citation_author.identifier_ORCID 
primary 'Littlefield, O.' 1 ? 
primary 'Nelson, H.C.'    2 ? 
1       'Littlefield, O.' 3 ? 
1       'Nelson, H.C.M.'  4 ? 
# 
loop_
_entity.id 
_entity.type 
_entity.src_method 
_entity.pdbx_description 
_entity.formula_weight 
_entity.pdbx_number_of_molecules 
_entity.pdbx_ec 
_entity.pdbx_mutation 
_entity.pdbx_fragment 
_entity.details 
1 polymer syn 'HSE DNA-PHOSPHATE BACKBONE' 739.422   1  ? ?                     ?                    ? 
2 polymer man 'HEAT SHOCK FACTOR PROTEIN'  11090.966 1  ? 'N282R, F283H, K284A' 'DNA BINDING DOMAIN' ? 
3 water   nat water                        18.015    38 ? ?                     ?                    ? 
# 
_entity_name_com.entity_id   2 
_entity_name_com.name        'HEAT SHOCK TRANSCRIPTION FACTOR' 
# 
loop_
_entity_poly.entity_id 
_entity_poly.type 
_entity_poly.nstd_linkage 
_entity_poly.nstd_monomer 
_entity_poly.pdbx_seq_one_letter_code 
_entity_poly.pdbx_seq_one_letter_code_can 
_entity_poly.pdbx_strand_id 
_entity_poly.pdbx_target_identifier 
1 polydeoxyribonucleotide no no  '(N)(N)(N)(N)' NNNN C ? 
2 'polypeptide(L)'        no yes 
;ARPAFVNKLWS(MSE)VNDKSNEKFIHWSTSGESIVVPNRERFVQEVLPKYFKHSNFASFVRQLN(MSE)YGWHKVQDVK
SGS(MSE)LSNNDSRWEFENERHA
;
;ARPAFVNKLWSMVNDKSNEKFIHWSTSGESIVVPNRERFVQEVLPKYFKHSNFASFVRQLNMYGWHKVQDVKSGSMLSNN
DSRWEFENERHA
;
A ? 
# 
_pdbx_entity_nonpoly.entity_id   3 
_pdbx_entity_nonpoly.name        water 
_pdbx_entity_nonpoly.comp_id     HOH 
# 
loop_
_entity_poly_seq.entity_id 
_entity_poly_seq.num 
_entity_poly_seq.mon_id 
_entity_poly_seq.hetero 
1 1  N   n 
1 2  N   n 
1 3  N   n 
1 4  N   n 
2 1  ALA n 
2 2  ARG n 
2 3  PRO n 
2 4  ALA n 
2 5  PHE n 
2 6  VAL n 
2 7  ASN n 
2 8  LYS n 
2 9  LEU n 
2 10 TRP n 
2 11 SER n 
2 12 MSE n 
2 13 VAL n 
2 14 ASN n 
2 15 ASP n 
2 16 LYS n 
2 17 SER n 
2 18 ASN n 
2 19 GLU n 
2 20 LYS n 
2 21 PHE n 
2 22 ILE n 
2 23 HIS n 
2 24 TRP n 
2 25 SER n 
2 26 THR n 
2 27 SER n 
2 28 GLY n 
2 29 GLU n 
2 30 SER n 
2 31 ILE n 
2 32 VAL n 
2 33 VAL n 
2 34 PRO n 
2 35 ASN n 
2 36 ARG n 
2 37 GLU n 
2 38 ARG n 
2 39 PHE n 
2 40 VAL n 
2 41 GLN n 
2 42 GLU n 
2 43 VAL n 
2 44 LEU n 
2 45 PRO n 
2 46 LYS n 
2 47 TYR n 
2 48 PHE n 
2 49 LYS n 
2 50 HIS n 
2 51 SER n 
2 52 ASN n 
2 53 PHE n 
2 54 ALA n 
2 55 SER n 
2 56 PHE n 
2 57 VAL n 
2 58 ARG n 
2 59 GLN n 
2 60 LEU n 
2 61 ASN n 
2 62 MSE n 
2 63 TYR n 
2 64 GLY n 
2 65 TRP n 
2 66 HIS n 
2 67 LYS n 
2 68 VAL n 
2 69 GLN n 
2 70 ASP n 
2 71 VAL n 
2 72 LYS n 
2 73 SER n 
2 74 GLY n 
2 75 SER n 
2 76 MSE n 
2 77 LEU n 
2 78 SER n 
2 79 ASN n 
2 80 ASN n 
2 81 ASP n 
2 82 SER n 
2 83 ARG n 
2 84 TRP n 
2 85 GLU n 
2 86 PHE n 
2 87 GLU n 
2 88 ASN n 
2 89 GLU n 
2 90 ARG n 
2 91 HIS n 
2 92 ALA n 
# 
_entity_src_gen.entity_id                          2 
_entity_src_gen.pdbx_src_id                        1 
_entity_src_gen.pdbx_alt_source_flag               sample 
_entity_src_gen.pdbx_seq_type                      ? 
_entity_src_gen.pdbx_beg_seq_num                   ? 
_entity_src_gen.pdbx_end_seq_num                   ? 
_entity_src_gen.gene_src_common_name               ? 
_entity_src_gen.gene_src_genus                     Kluyveromyces 
_entity_src_gen.pdbx_gene_src_gene                 ? 
_entity_src_gen.gene_src_species                   ? 
_entity_src_gen.gene_src_strain                    ? 
_entity_src_gen.gene_src_tissue                    ? 
_entity_src_gen.gene_src_tissue_fraction           ? 
_entity_src_gen.gene_src_details                   ? 
_entity_src_gen.pdbx_gene_src_fragment             ? 
_entity_src_gen.pdbx_gene_src_scientific_name      'Kluyveromyces lactis' 
_entity_src_gen.pdbx_gene_src_ncbi_taxonomy_id     28985 
_entity_src_gen.pdbx_gene_src_variant              ? 
_entity_src_gen.pdbx_gene_src_cell_line            ? 
_entity_src_gen.pdbx_gene_src_atcc                 ? 
_entity_src_gen.pdbx_gene_src_organ                ? 
_entity_src_gen.pdbx_gene_src_organelle            ? 
_entity_src_gen.pdbx_gene_src_cell                 ? 
_entity_src_gen.pdbx_gene_src_cellular_location    ? 
_entity_src_gen.host_org_common_name               ? 
_entity_src_gen.pdbx_host_org_scientific_name      'Escherichia coli' 
_entity_src_gen.pdbx_host_org_ncbi_taxonomy_id     562 
_entity_src_gen.host_org_genus                     Escherichia 
_entity_src_gen.pdbx_host_org_gene                 ? 
_entity_src_gen.pdbx_host_org_organ                ? 
_entity_src_gen.host_org_species                   ? 
_entity_src_gen.pdbx_host_org_tissue               ? 
_entity_src_gen.pdbx_host_org_tissue_fraction      ? 
_entity_src_gen.pdbx_host_org_strain               ? 
_entity_src_gen.pdbx_host_org_variant              ? 
_entity_src_gen.pdbx_host_org_cell_line            ? 
_entity_src_gen.pdbx_host_org_atcc                 ? 
_entity_src_gen.pdbx_host_org_culture_collection   ? 
_entity_src_gen.pdbx_host_org_cell                 ? 
_entity_src_gen.pdbx_host_org_organelle            ? 
_entity_src_gen.pdbx_host_org_cellular_location    ? 
_entity_src_gen.pdbx_host_org_vector_type          PLASMID 
_entity_src_gen.pdbx_host_org_vector               ? 
_entity_src_gen.host_org_details                   ? 
_entity_src_gen.expression_system_id               ? 
_entity_src_gen.plasmid_name                       PHN280R 
_entity_src_gen.plasmid_details                    ? 
_entity_src_gen.pdbx_description                   ? 
# 
_pdbx_entity_src_syn.entity_id              1 
_pdbx_entity_src_syn.pdbx_src_id            1 
_pdbx_entity_src_syn.pdbx_alt_source_flag   sample 
_pdbx_entity_src_syn.pdbx_beg_seq_num       ? 
_pdbx_entity_src_syn.pdbx_end_seq_num       ? 
_pdbx_entity_src_syn.organism_scientific    ? 
_pdbx_entity_src_syn.organism_common_name   ? 
_pdbx_entity_src_syn.ncbi_taxonomy_id       ? 
_pdbx_entity_src_syn.details                'This sequence is based on an idealized HSE sequence.' 
# 
loop_
_chem_comp.id 
_chem_comp.type 
_chem_comp.mon_nstd_flag 
_chem_comp.name 
_chem_comp.pdbx_synonyms 
_chem_comp.formula 
_chem_comp.formula_weight 
ALA 'L-peptide linking' y ALANINE                           ?                                   'C3 H7 N O2'     89.093  
ARG 'L-peptide linking' y ARGININE                          ?                                   'C6 H15 N4 O2 1' 175.209 
ASN 'L-peptide linking' y ASPARAGINE                        ?                                   'C4 H8 N2 O3'    132.118 
ASP 'L-peptide linking' y 'ASPARTIC ACID'                   ?                                   'C4 H7 N O4'     133.103 
GLN 'L-peptide linking' y GLUTAMINE                         ?                                   'C5 H10 N2 O3'   146.144 
GLU 'L-peptide linking' y 'GLUTAMIC ACID'                   ?                                   'C5 H9 N O4'     147.129 
GLY 'peptide linking'   y GLYCINE                           ?                                   'C2 H5 N O2'     75.067  
HIS 'L-peptide linking' y HISTIDINE                         ?                                   'C6 H10 N3 O2 1' 156.162 
HOH non-polymer         . WATER                             ?                                   'H2 O'           18.015  
ILE 'L-peptide linking' y ISOLEUCINE                        ?                                   'C6 H13 N O2'    131.173 
LEU 'L-peptide linking' y LEUCINE                           ?                                   'C6 H13 N O2'    131.173 
LYS 'L-peptide linking' y LYSINE                            ?                                   'C6 H15 N2 O2 1' 147.195 
MET 'L-peptide linking' y METHIONINE                        ?                                   'C5 H11 N O2 S'  149.211 
MSE 'L-peptide linking' n SELENOMETHIONINE                  ?                                   'C5 H11 N O2 Se' 196.106 
N   'RNA linking'       . 
;ANY 5'-MONOPHOSPHATE NUCLEOTIDE
;
"1-DEOXY-RIBOFURANOSE-5'-PHOSPHATE" 'C5 H11 O7 P'    214.110 
PHE 'L-peptide linking' y PHENYLALANINE                     ?                                   'C9 H11 N O2'    165.189 
PRO 'L-peptide linking' y PROLINE                           ?                                   'C5 H9 N O2'     115.130 
SER 'L-peptide linking' y SERINE                            ?                                   'C3 H7 N O3'     105.093 
THR 'L-peptide linking' y THREONINE                         ?                                   'C4 H9 N O3'     119.119 
TRP 'L-peptide linking' y TRYPTOPHAN                        ?                                   'C11 H12 N2 O2'  204.225 
TYR 'L-peptide linking' y TYROSINE                          ?                                   'C9 H11 N O3'    181.189 
VAL 'L-peptide linking' y VALINE                            ?                                   'C5 H11 N O2'    117.146 
# 
loop_
_pdbx_poly_seq_scheme.asym_id 
_pdbx_poly_seq_scheme.entity_id 
_pdbx_poly_seq_scheme.seq_id 
_pdbx_poly_seq_scheme.mon_id 
_pdbx_poly_seq_scheme.ndb_seq_num 
_pdbx_poly_seq_scheme.pdb_seq_num 
_pdbx_poly_seq_scheme.auth_seq_num 
_pdbx_poly_seq_scheme.pdb_mon_id 
_pdbx_poly_seq_scheme.auth_mon_id 
_pdbx_poly_seq_scheme.pdb_strand_id 
_pdbx_poly_seq_scheme.pdb_ins_code 
_pdbx_poly_seq_scheme.hetero 
A 1 1  N   1  1   1   N   N   C . n 
A 1 2  N   2  2   2   N   N   C . n 
A 1 3  N   3  3   3   N   N   C . n 
A 1 4  N   4  4   4   N   N   C . n 
B 2 1  ALA 1  193 193 ALA ALA A . n 
B 2 2  ARG 2  194 194 ARG ARG A . n 
B 2 3  PRO 3  195 195 PRO PRO A . n 
B 2 4  ALA 4  196 196 ALA ALA A . n 
B 2 5  PHE 5  197 197 PHE PHE A . n 
B 2 6  VAL 6  198 198 VAL VAL A . n 
B 2 7  ASN 7  199 199 ASN ASN A . n 
B 2 8  LYS 8  200 200 LYS LYS A . n 
B 2 9  LEU 9  201 201 LEU LEU A . n 
B 2 10 TRP 10 202 202 TRP TRP A . n 
B 2 11 SER 11 203 203 SER SER A . n 
B 2 12 MSE 12 204 204 MSE MSE A . n 
B 2 13 VAL 13 205 205 VAL VAL A . n 
B 2 14 ASN 14 206 206 ASN ASN A . n 
B 2 15 ASP 15 207 207 ASP ASP A . n 
B 2 16 LYS 16 208 208 LYS LYS A . n 
B 2 17 SER 17 209 209 SER SER A . n 
B 2 18 ASN 18 210 210 ASN ASN A . n 
B 2 19 GLU 19 211 211 GLU GLU A . n 
B 2 20 LYS 20 212 212 LYS LYS A . n 
B 2 21 PHE 21 213 213 PHE PHE A . n 
B 2 22 ILE 22 214 214 ILE ILE A . n 
B 2 23 HIS 23 215 215 HIS HIS A . n 
B 2 24 TRP 24 216 216 TRP TRP A . n 
B 2 25 SER 25 217 217 SER SER A . n 
B 2 26 THR 26 218 218 THR THR A . n 
B 2 27 SER 27 219 219 SER SER A . n 
B 2 28 GLY 28 220 220 GLY GLY A . n 
B 2 29 GLU 29 221 221 GLU GLU A . n 
B 2 30 SER 30 222 222 SER SER A . n 
B 2 31 ILE 31 223 223 ILE ILE A . n 
B 2 32 VAL 32 224 224 VAL VAL A . n 
B 2 33 VAL 33 225 225 VAL VAL A . n 
B 2 34 PRO 34 226 226 PRO PRO A . n 
B 2 35 ASN 35 227 227 ASN ASN A . n 
B 2 36 ARG 36 228 228 ARG ARG A . n 
B 2 37 GLU 37 229 229 GLU GLU A . n 
B 2 38 ARG 38 230 230 ARG ARG A . n 
B 2 39 PHE 39 231 231 PHE PHE A . n 
B 2 40 VAL 40 232 232 VAL VAL A . n 
B 2 41 GLN 41 233 233 GLN GLN A . n 
B 2 42 GLU 42 234 234 GLU GLU A . n 
B 2 43 VAL 43 235 235 VAL VAL A . n 
B 2 44 LEU 44 236 236 LEU LEU A . n 
B 2 45 PRO 45 237 237 PRO PRO A . n 
B 2 46 LYS 46 238 238 LYS LYS A . n 
B 2 47 TYR 47 239 239 TYR TYR A . n 
B 2 48 PHE 48 240 240 PHE PHE A . n 
B 2 49 LYS 49 241 241 LYS LYS A . n 
B 2 50 HIS 50 242 242 HIS HIS A . n 
B 2 51 SER 51 243 243 SER SER A . n 
B 2 52 ASN 52 244 244 ASN ASN A . n 
B 2 53 PHE 53 245 245 PHE PHE A . n 
B 2 54 ALA 54 246 246 ALA ALA A . n 
B 2 55 SER 55 247 247 SER SER A . n 
B 2 56 PHE 56 248 248 PHE PHE A . n 
B 2 57 VAL 57 249 249 VAL VAL A . n 
B 2 58 ARG 58 250 250 ARG ARG A . n 
B 2 59 GLN 59 251 251 GLN GLN A . n 
B 2 60 LEU 60 252 252 LEU LEU A . n 
B 2 61 ASN 61 253 253 ASN ASN A . n 
B 2 62 MSE 62 254 254 MSE MSE A . n 
B 2 63 TYR 63 255 255 TYR TYR A . n 
B 2 64 GLY 64 256 256 GLY GLY A . n 
B 2 65 TRP 65 257 257 TRP TRP A . n 
B 2 66 HIS 66 258 258 HIS HIS A . n 
B 2 67 LYS 67 259 259 LYS LYS A . n 
B 2 68 VAL 68 260 260 VAL VAL A . n 
B 2 69 GLN 69 261 261 GLN GLN A . n 
B 2 70 ASP 70 262 262 ASP ASP A . n 
B 2 71 VAL 71 263 263 VAL VAL A . n 
B 2 72 LYS 72 264 264 LYS LYS A . n 
B 2 73 SER 73 265 265 SER SER A . n 
B 2 74 GLY 74 266 266 GLY GLY A . n 
B 2 75 SER 75 267 ?   ?   ?   A . n 
B 2 76 MSE 76 268 ?   ?   ?   A . n 
B 2 77 LEU 77 269 ?   ?   ?   A . n 
B 2 78 SER 78 270 ?   ?   ?   A . n 
B 2 79 ASN 79 271 271 ASN ASN A . n 
B 2 80 ASN 80 272 272 ASN ASN A . n 
B 2 81 ASP 81 273 273 ASP ASP A . n 
B 2 82 SER 82 274 274 SER SER A . n 
B 2 83 ARG 83 275 275 ARG ARG A . n 
B 2 84 TRP 84 276 276 TRP TRP A . n 
B 2 85 GLU 85 277 277 GLU GLU A . n 
B 2 86 PHE 86 278 278 PHE PHE A . n 
B 2 87 GLU 87 279 279 GLU GLU A . n 
B 2 88 ASN 88 280 280 ASN ASN A . n 
B 2 89 GLU 89 281 281 GLU GLU A . n 
B 2 90 ARG 90 282 282 ARG ARG A . n 
B 2 91 HIS 91 283 283 HIS HIS A . n 
B 2 92 ALA 92 284 284 ALA ALA A . n 
# 
loop_
_pdbx_nonpoly_scheme.asym_id 
_pdbx_nonpoly_scheme.entity_id 
_pdbx_nonpoly_scheme.mon_id 
_pdbx_nonpoly_scheme.ndb_seq_num 
_pdbx_nonpoly_scheme.pdb_seq_num 
_pdbx_nonpoly_scheme.auth_seq_num 
_pdbx_nonpoly_scheme.pdb_mon_id 
_pdbx_nonpoly_scheme.auth_mon_id 
_pdbx_nonpoly_scheme.pdb_strand_id 
_pdbx_nonpoly_scheme.pdb_ins_code 
C 3 HOH 1  1  1  HOH WAT A . 
C 3 HOH 2  2  2  HOH WAT A . 
C 3 HOH 3  3  3  HOH WAT A . 
C 3 HOH 4  4  4  HOH WAT A . 
C 3 HOH 5  5  5  HOH WAT A . 
C 3 HOH 6  6  6  HOH WAT A . 
C 3 HOH 7  7  7  HOH WAT A . 
C 3 HOH 8  8  8  HOH WAT A . 
C 3 HOH 9  9  9  HOH WAT A . 
C 3 HOH 10 10 10 HOH WAT A . 
C 3 HOH 11 11 11 HOH WAT A . 
C 3 HOH 12 12 12 HOH WAT A . 
C 3 HOH 13 13 13 HOH WAT A . 
C 3 HOH 14 14 14 HOH WAT A . 
C 3 HOH 15 15 15 HOH WAT A . 
C 3 HOH 16 16 16 HOH WAT A . 
C 3 HOH 17 17 17 HOH WAT A . 
C 3 HOH 18 18 18 HOH WAT A . 
C 3 HOH 19 19 19 HOH WAT A . 
C 3 HOH 20 20 20 HOH WAT A . 
C 3 HOH 21 21 21 HOH WAT A . 
C 3 HOH 22 22 22 HOH WAT A . 
C 3 HOH 23 23 23 HOH WAT A . 
C 3 HOH 24 24 24 HOH WAT A . 
C 3 HOH 25 25 25 HOH WAT A . 
C 3 HOH 26 26 26 HOH WAT A . 
C 3 HOH 27 27 27 HOH WAT A . 
C 3 HOH 28 28 28 HOH WAT A . 
C 3 HOH 29 29 29 HOH WAT A . 
C 3 HOH 30 30 30 HOH WAT A . 
C 3 HOH 31 31 31 HOH WAT A . 
C 3 HOH 32 32 32 HOH WAT A . 
C 3 HOH 33 33 33 HOH WAT A . 
C 3 HOH 34 34 34 HOH WAT A . 
C 3 HOH 35 35 35 HOH WAT A . 
C 3 HOH 36 36 36 HOH WAT A . 
C 3 HOH 37 37 37 HOH WAT A . 
C 3 HOH 38 38 38 HOH WAT A . 
# 
loop_
_software.name 
_software.classification 
_software.version 
_software.citation_id 
_software.pdbx_ordinal 
MLPHARE phasing          .         ? 1 
X-PLOR  refinement       3.1       ? 2 
DENZO   'data reduction' .         ? 3 
CCP4    'data scaling'   '(SCALA)' ? 4 
# 
_cell.entry_id           1FYK 
_cell.length_a           103.150 
_cell.length_b           32.990 
_cell.length_c           42.570 
_cell.angle_alpha        90.00 
_cell.angle_beta         109.90 
_cell.angle_gamma        90.00 
_cell.Z_PDB              4 
_cell.pdbx_unique_axis   ? 
_cell.length_a_esd       ? 
_cell.length_b_esd       ? 
_cell.length_c_esd       ? 
_cell.angle_alpha_esd    ? 
_cell.angle_beta_esd     ? 
_cell.angle_gamma_esd    ? 
# 
_symmetry.entry_id                         1FYK 
_symmetry.space_group_name_H-M             'C 1 2 1' 
_symmetry.pdbx_full_space_group_name_H-M   ? 
_symmetry.cell_setting                     ? 
_symmetry.Int_Tables_number                5 
_symmetry.space_group_name_Hall            ? 
# 
_exptl.entry_id          1FYK 
_exptl.method            'X-RAY DIFFRACTION' 
_exptl.crystals_number   1 
# 
_exptl_crystal.id                    1 
_exptl_crystal.density_meas          ? 
_exptl_crystal.density_percent_sol   57.26 
_exptl_crystal.density_Matthews      2.88 
_exptl_crystal.description           ? 
_exptl_crystal.F_000                 ? 
_exptl_crystal.preparation           ? 
# 
_exptl_crystal_grow.crystal_id      1 
_exptl_crystal_grow.method          'VAPOR DIFFUSION, HANGING DROP' 
_exptl_crystal_grow.pH              6.0 
_exptl_crystal_grow.temp            291 
_exptl_crystal_grow.temp_details    ? 
_exptl_crystal_grow.pdbx_details    
'PEG 4000, Cacodylate, Ammonium Acetate, pH 6.0, VAPOR DIFFUSION, HANGING DROP, temperature 291K' 
_exptl_crystal_grow.pdbx_pH_range   . 
# 
loop_
_exptl_crystal_grow_comp.crystal_id 
_exptl_crystal_grow_comp.id 
_exptl_crystal_grow_comp.sol_id 
_exptl_crystal_grow_comp.name 
_exptl_crystal_grow_comp.conc 
_exptl_crystal_grow_comp.volume 
_exptl_crystal_grow_comp.details 
1 1 1 'PEG 4000'         ? ? ? 
1 2 1 Cacodylate         ? ? ? 
1 3 1 'Ammonium Acetate' ? ? ? 
# 
_diffrn.id                     1 
_diffrn.ambient_temp           100 
_diffrn.ambient_temp_details   ? 
_diffrn.crystal_id             1 
# 
_diffrn_detector.diffrn_id              1 
_diffrn_detector.detector               'IMAGE PLATE' 
_diffrn_detector.type                   FUJI 
_diffrn_detector.pdbx_collection_date   1995-01-01 
_diffrn_detector.details                ? 
# 
_diffrn_radiation.diffrn_id                        1 
_diffrn_radiation.wavelength_id                    1 
_diffrn_radiation.monochromator                    ? 
_diffrn_radiation.pdbx_monochromatic_or_laue_m_l   M 
_diffrn_radiation.pdbx_diffrn_protocol             'SINGLE WAVELENGTH' 
_diffrn_radiation.pdbx_scattering_type             x-ray 
# 
_diffrn_radiation_wavelength.id           1 
_diffrn_radiation_wavelength.wavelength   0.99981 
_diffrn_radiation_wavelength.wt           1.0 
# 
_diffrn_source.diffrn_id                   1 
_diffrn_source.source                      SYNCHROTRON 
_diffrn_source.type                        'SSRL BEAMLINE BL1-5' 
_diffrn_source.pdbx_wavelength             0.99981 
_diffrn_source.pdbx_synchrotron_site       SSRL 
_diffrn_source.pdbx_synchrotron_beamline   BL1-5 
_diffrn_source.pdbx_wavelength_list        ? 
# 
_reflns.entry_id                     1FYK 
_reflns.observed_criterion_sigma_I   0.0 
_reflns.observed_criterion_sigma_F   0.0 
_reflns.d_resolution_low             20.0 
_reflns.d_resolution_high            2.5 
_reflns.number_obs                   4940 
_reflns.number_all                   4940 
_reflns.percent_possible_obs         98.2 
_reflns.pdbx_Rmerge_I_obs            0.05 
_reflns.pdbx_Rsym_value              ? 
_reflns.pdbx_netI_over_sigmaI        10.3 
_reflns.B_iso_Wilson_estimate        ? 
_reflns.pdbx_redundancy              3.7 
_reflns.R_free_details               ? 
_reflns.pdbx_chi_squared             ? 
_reflns.pdbx_scaling_rejects         ? 
_reflns.pdbx_diffrn_id               1 
_reflns.pdbx_ordinal                 1 
# 
_reflns_shell.d_res_high             2.5 
_reflns_shell.d_res_low              2.55 
_reflns_shell.percent_possible_obs   ? 
_reflns_shell.percent_possible_all   89.2 
_reflns_shell.Rmerge_I_obs           0.113 
_reflns_shell.meanI_over_sigI_obs    ? 
_reflns_shell.pdbx_Rsym_value        ? 
_reflns_shell.pdbx_redundancy        3.4 
_reflns_shell.number_unique_all      ? 
_reflns_shell.number_measured_all    ? 
_reflns_shell.number_measured_obs    ? 
_reflns_shell.number_unique_obs      ? 
_reflns_shell.pdbx_chi_squared       ? 
_reflns_shell.pdbx_diffrn_id         ? 
_reflns_shell.pdbx_ordinal           1 
# 
_refine.entry_id                                 1FYK 
_refine.ls_number_reflns_obs                     4939 
_refine.ls_number_reflns_all                     4939 
_refine.pdbx_ls_sigma_I                          0.0 
_refine.pdbx_ls_sigma_F                          0.0 
_refine.pdbx_data_cutoff_high_absF               ? 
_refine.pdbx_data_cutoff_low_absF                ? 
_refine.ls_d_res_low                             20.0 
_refine.ls_d_res_high                            2.5 
_refine.ls_percent_reflns_obs                    ? 
_refine.ls_R_factor_obs                          ? 
_refine.ls_R_factor_all                          ? 
_refine.ls_R_factor_R_work                       0.209 
_refine.ls_R_factor_R_free                       0.278 
_refine.ls_R_factor_R_free_error                 ? 
_refine.ls_R_factor_R_free_error_details         ? 
_refine.ls_percent_reflns_R_free                 ? 
_refine.ls_number_reflns_R_free                  518 
_refine.ls_number_parameters                     ? 
_refine.ls_number_restraints                     ? 
_refine.occupancy_min                            ? 
_refine.occupancy_max                            ? 
_refine.B_iso_mean                               ? 
_refine.aniso_B[1][1]                            ? 
_refine.aniso_B[2][2]                            ? 
_refine.aniso_B[3][3]                            ? 
_refine.aniso_B[1][2]                            ? 
_refine.aniso_B[1][3]                            ? 
_refine.aniso_B[2][3]                            ? 
_refine.solvent_model_details                    ? 
_refine.solvent_model_param_ksol                 ? 
_refine.solvent_model_param_bsol                 ? 
_refine.pdbx_ls_cross_valid_method               ? 
_refine.details                                  
;The structure was originally refined by mistake with methionine in lieu of
selenomethionine.  The deposited coordinates have been adjusted to contain 
selenomethionine.  Because the refinement used group B-factors, 
the B-factors were kept the same.
;
_refine.pdbx_starting_model                      ? 
_refine.pdbx_method_to_determine_struct          ? 
_refine.pdbx_isotropic_thermal_model             ? 
_refine.pdbx_stereochemistry_target_values       'Engh & Huber' 
_refine.pdbx_stereochem_target_val_spec_case     ? 
_refine.pdbx_R_Free_selection_details            RANDOM 
_refine.pdbx_overall_ESU_R_Free                  ? 
_refine.overall_SU_B                             ? 
_refine.ls_redundancy_reflns_obs                 ? 
_refine.overall_SU_ML                            ? 
_refine.pdbx_overall_ESU_R                       ? 
_refine.pdbx_data_cutoff_high_rms_absF           ? 
_refine.correlation_coeff_Fo_to_Fc               ? 
_refine.correlation_coeff_Fo_to_Fc_free          ? 
_refine.overall_SU_R_Cruickshank_DPI             ? 
_refine.overall_SU_R_free                        ? 
_refine.pdbx_solvent_vdw_probe_radii             ? 
_refine.pdbx_solvent_ion_probe_radii             ? 
_refine.pdbx_solvent_shrinkage_radii             ? 
_refine.ls_wR_factor_R_free                      ? 
_refine.ls_wR_factor_R_work                      ? 
_refine.overall_FOM_free_R_set                   ? 
_refine.overall_FOM_work_R_set                   ? 
_refine.pdbx_refine_id                           'X-RAY DIFFRACTION' 
_refine.pdbx_diffrn_id                           1 
_refine.pdbx_TLS_residual_ADP_flag               ? 
_refine.pdbx_overall_phase_error                 ? 
_refine.pdbx_overall_SU_R_free_Cruickshank_DPI   ? 
_refine.pdbx_overall_SU_R_Blow_DPI               ? 
_refine.pdbx_overall_SU_R_free_Blow_DPI          ? 
# 
_refine_hist.pdbx_refine_id                   'X-RAY DIFFRACTION' 
_refine_hist.cycle_id                         LAST 
_refine_hist.pdbx_number_atoms_protein        778 
_refine_hist.pdbx_number_atoms_nucleic_acid   41 
_refine_hist.pdbx_number_atoms_ligand         0 
_refine_hist.number_atoms_solvent             38 
_refine_hist.number_atoms_total               857 
_refine_hist.d_res_high                       2.5 
_refine_hist.d_res_low                        20.0 
# 
loop_
_refine_ls_restr.type 
_refine_ls_restr.dev_ideal 
_refine_ls_restr.dev_ideal_target 
_refine_ls_restr.weight 
_refine_ls_restr.number 
_refine_ls_restr.pdbx_refine_id 
_refine_ls_restr.pdbx_restraint_function 
x_bond_d    0.007 ? ? ? 'X-RAY DIFFRACTION' ? 
x_angle_deg 1.593 ? ? ? 'X-RAY DIFFRACTION' ? 
# 
_struct.entry_id                  1FYK 
_struct.title                     
;SERENDIPITOUS CRYSTAL STRUCTURE CONTAINING THE HEAT SHOCK TRANSCRIPTION FACTOR'S DNA BINDING DOMAIN AND COGNATE DNA THAT IS TRANSLATIONALLY DISORDERED
;
_struct.pdbx_model_details        ? 
_struct.pdbx_CASP_flag            ? 
_struct.pdbx_model_type_details   ? 
# 
_struct_keywords.entry_id        1FYK 
_struct_keywords.pdbx_keywords   TRANSCRIPTION/DNA 
_struct_keywords.text            
;crystal-packing interface, crystallization, protein-DNA interface, protein-protein interface, static disorder, TRANSCRIPTION-DNA COMPLEX
;
# 
loop_
_struct_asym.id 
_struct_asym.pdbx_blank_PDB_chainid_flag 
_struct_asym.pdbx_modified 
_struct_asym.entity_id 
_struct_asym.details 
A N N 1 ? 
B N N 2 ? 
C N N 3 ? 
# 
loop_
_struct_ref.id 
_struct_ref.db_code 
_struct_ref.db_name 
_struct_ref.entity_id 
_struct_ref.pdbx_db_accession 
_struct_ref.pdbx_align_begin 
_struct_ref.pdbx_seq_one_letter_code 
_struct_ref.pdbx_db_isoform 
1 HSF_KLULA UNP 2 P22121 193 
;ARPAFVNKLWSMVNDKSNEKFIHWSTSGESIVVPNRERFVQEVLPKYFKHSNFASFVRQLNMYGWHKVQDVKSGSMLSNN
DSRWEFENENFK
;
? 
2 1FYK      PDB 1 1FYK   ?   ?                                                                                               ? 
# 
loop_
_struct_ref_seq.align_id 
_struct_ref_seq.ref_id 
_struct_ref_seq.pdbx_PDB_id_code 
_struct_ref_seq.pdbx_strand_id 
_struct_ref_seq.seq_align_beg 
_struct_ref_seq.pdbx_seq_align_beg_ins_code 
_struct_ref_seq.seq_align_end 
_struct_ref_seq.pdbx_seq_align_end_ins_code 
_struct_ref_seq.pdbx_db_accession 
_struct_ref_seq.db_align_beg 
_struct_ref_seq.pdbx_db_align_beg_ins_code 
_struct_ref_seq.db_align_end 
_struct_ref_seq.pdbx_db_align_end_ins_code 
_struct_ref_seq.pdbx_auth_seq_align_beg 
_struct_ref_seq.pdbx_auth_seq_align_end 
1 1 1FYK A 1 ? 92 ? P22121 193 ? 284 ? 193 284 
2 2 1FYK C 1 ? 4  ? 1FYK   1   ? 4   ? 1   4   
# 
loop_
_struct_ref_seq_dif.align_id 
_struct_ref_seq_dif.pdbx_pdb_id_code 
_struct_ref_seq_dif.mon_id 
_struct_ref_seq_dif.pdbx_pdb_strand_id 
_struct_ref_seq_dif.seq_num 
_struct_ref_seq_dif.pdbx_pdb_ins_code 
_struct_ref_seq_dif.pdbx_seq_db_name 
_struct_ref_seq_dif.pdbx_seq_db_accession_code 
_struct_ref_seq_dif.db_mon_id 
_struct_ref_seq_dif.pdbx_seq_db_seq_num 
_struct_ref_seq_dif.details 
_struct_ref_seq_dif.pdbx_auth_seq_num 
_struct_ref_seq_dif.pdbx_ordinal 
1 1FYK MSE A 12 ? UNP P22121 MET 204 'modified residue'    204 1 
1 1FYK MSE A 62 ? UNP P22121 MET 254 'modified residue'    254 2 
1 1FYK MSE A 76 ? UNP P22121 MET 268 'modified residue'    268 3 
1 1FYK ARG A 90 ? UNP P22121 ASN 282 'engineered mutation' 282 4 
1 1FYK HIS A 91 ? UNP P22121 PHE 283 'engineered mutation' 283 5 
1 1FYK ALA A 92 ? UNP P22121 LYS 284 'engineered mutation' 284 6 
# 
_pdbx_struct_assembly.id                   1 
_pdbx_struct_assembly.details              author_defined_assembly 
_pdbx_struct_assembly.method_details       ? 
_pdbx_struct_assembly.oligomeric_details   tetrameric 
_pdbx_struct_assembly.oligomeric_count     4 
# 
_pdbx_struct_assembly_gen.assembly_id       1 
_pdbx_struct_assembly_gen.oper_expression   1,2 
_pdbx_struct_assembly_gen.asym_id_list      A,B,C 
# 
loop_
_pdbx_struct_oper_list.id 
_pdbx_struct_oper_list.type 
_pdbx_struct_oper_list.name 
_pdbx_struct_oper_list.symmetry_operation 
_pdbx_struct_oper_list.matrix[1][1] 
_pdbx_struct_oper_list.matrix[1][2] 
_pdbx_struct_oper_list.matrix[1][3] 
_pdbx_struct_oper_list.vector[1] 
_pdbx_struct_oper_list.matrix[2][1] 
_pdbx_struct_oper_list.matrix[2][2] 
_pdbx_struct_oper_list.matrix[2][3] 
_pdbx_struct_oper_list.vector[2] 
_pdbx_struct_oper_list.matrix[3][1] 
_pdbx_struct_oper_list.matrix[3][2] 
_pdbx_struct_oper_list.matrix[3][3] 
_pdbx_struct_oper_list.vector[3] 
1 'identity operation'         1_555 x,y,z   1.0000000000  0.0000000000 0.0000000000  0.0000000000   0.0000000000 1.0000000000 0.0000000000  0.0000000000 0.0000000000  0.0000000000  1.0000000000  0.0000000000  
2 'crystal symmetry operation' 2_555 -x,y,-z -0.9395683063 0.2930837341 -0.1769557082 -51.2567546762 0.2930837341 0.4214077066 -0.8582059599 9.7003983574 -0.1769557082 -0.8582059599 -0.4818394003 -1.4382329349 
# 
_struct_biol.id                    1 
_struct_biol.details               'protein and DNA are not interacting in a physiologically relevant manner' 
_struct_biol.pdbx_parent_biol_id   ? 
# 
loop_
_struct_conf.conf_type_id 
_struct_conf.id 
_struct_conf.pdbx_PDB_helix_id 
_struct_conf.beg_label_comp_id 
_struct_conf.beg_label_asym_id 
_struct_conf.beg_label_seq_id 
_struct_conf.pdbx_beg_PDB_ins_code 
_struct_conf.end_label_comp_id 
_struct_conf.end_label_asym_id 
_struct_conf.end_label_seq_id 
_struct_conf.pdbx_end_PDB_ins_code 
_struct_conf.beg_auth_comp_id 
_struct_conf.beg_auth_asym_id 
_struct_conf.beg_auth_seq_id 
_struct_conf.end_auth_comp_id 
_struct_conf.end_auth_asym_id 
_struct_conf.end_auth_seq_id 
_struct_conf.pdbx_PDB_helix_class 
_struct_conf.details 
_struct_conf.pdbx_PDB_helix_length 
HELX_P HELX_P1 1 PRO B 3  ? ASP B 15 ? PRO A 195 ASP A 207 1 ? 13 
HELX_P HELX_P2 2 LYS B 16 ? GLU B 19 ? LYS A 208 GLU A 211 5 ? 4  
HELX_P HELX_P3 3 ASN B 35 ? VAL B 43 ? ASN A 227 VAL A 235 1 ? 9  
HELX_P HELX_P4 4 LEU B 44 ? TYR B 47 ? LEU A 236 TYR A 239 5 ? 4  
HELX_P HELX_P5 5 ASN B 52 ? TYR B 63 ? ASN A 244 TYR A 255 1 ? 12 
# 
_struct_conf_type.id          HELX_P 
_struct_conf_type.criteria    ? 
_struct_conf_type.reference   ? 
# 
loop_
_struct_conn.id 
_struct_conn.conn_type_id 
_struct_conn.pdbx_leaving_atom_flag 
_struct_conn.pdbx_PDB_id 
_struct_conn.ptnr1_label_asym_id 
_struct_conn.ptnr1_label_comp_id 
_struct_conn.ptnr1_label_seq_id 
_struct_conn.ptnr1_label_atom_id 
_struct_conn.pdbx_ptnr1_label_alt_id 
_struct_conn.pdbx_ptnr1_PDB_ins_code 
_struct_conn.pdbx_ptnr1_standard_comp_id 
_struct_conn.ptnr1_symmetry 
_struct_conn.ptnr2_label_asym_id 
_struct_conn.ptnr2_label_comp_id 
_struct_conn.ptnr2_label_seq_id 
_struct_conn.ptnr2_label_atom_id 
_struct_conn.pdbx_ptnr2_label_alt_id 
_struct_conn.pdbx_ptnr2_PDB_ins_code 
_struct_conn.ptnr1_auth_asym_id 
_struct_conn.ptnr1_auth_comp_id 
_struct_conn.ptnr1_auth_seq_id 
_struct_conn.ptnr2_auth_asym_id 
_struct_conn.ptnr2_auth_comp_id 
_struct_conn.ptnr2_auth_seq_id 
_struct_conn.ptnr2_symmetry 
_struct_conn.pdbx_ptnr3_label_atom_id 
_struct_conn.pdbx_ptnr3_label_seq_id 
_struct_conn.pdbx_ptnr3_label_comp_id 
_struct_conn.pdbx_ptnr3_label_asym_id 
_struct_conn.pdbx_ptnr3_label_alt_id 
_struct_conn.pdbx_ptnr3_PDB_ins_code 
_struct_conn.details 
_struct_conn.pdbx_dist_value 
_struct_conn.pdbx_value_order 
_struct_conn.pdbx_role 
covale1 covale both ? B SER 11 C ? ? ? 1_555 B MSE 12 N ? ? A SER 203 A MSE 204 1_555 ? ? ? ? ? ? ? 1.327 ? ? 
covale2 covale both ? B MSE 12 C ? ? ? 1_555 B VAL 13 N ? ? A MSE 204 A VAL 205 1_555 ? ? ? ? ? ? ? 1.329 ? ? 
covale3 covale both ? B ASN 61 C ? ? ? 1_555 B MSE 62 N ? ? A ASN 253 A MSE 254 1_555 ? ? ? ? ? ? ? 1.334 ? ? 
covale4 covale both ? B MSE 62 C ? ? ? 1_555 B TYR 63 N ? ? A MSE 254 A TYR 255 1_555 ? ? ? ? ? ? ? 1.329 ? ? 
# 
_struct_conn_type.id          covale 
_struct_conn_type.criteria    ? 
_struct_conn_type.reference   ? 
# 
loop_
_pdbx_modification_feature.ordinal 
_pdbx_modification_feature.label_comp_id 
_pdbx_modification_feature.label_asym_id 
_pdbx_modification_feature.label_seq_id 
_pdbx_modification_feature.label_alt_id 
_pdbx_modification_feature.modified_residue_label_comp_id 
_pdbx_modification_feature.modified_residue_label_asym_id 
_pdbx_modification_feature.modified_residue_label_seq_id 
_pdbx_modification_feature.modified_residue_label_alt_id 
_pdbx_modification_feature.auth_comp_id 
_pdbx_modification_feature.auth_asym_id 
_pdbx_modification_feature.auth_seq_id 
_pdbx_modification_feature.PDB_ins_code 
_pdbx_modification_feature.symmetry 
_pdbx_modification_feature.modified_residue_auth_comp_id 
_pdbx_modification_feature.modified_residue_auth_asym_id 
_pdbx_modification_feature.modified_residue_auth_seq_id 
_pdbx_modification_feature.modified_residue_PDB_ins_code 
_pdbx_modification_feature.modified_residue_symmetry 
_pdbx_modification_feature.comp_id_linking_atom 
_pdbx_modification_feature.modified_residue_id_linking_atom 
_pdbx_modification_feature.modified_residue_id 
_pdbx_modification_feature.ref_pcm_id 
_pdbx_modification_feature.ref_comp_id 
_pdbx_modification_feature.type 
_pdbx_modification_feature.category 
1 MSE B 12 ? . . . . MSE A 204 ? 1_555 . . . . . . . MET 1 MSE Selenomethionine 'Named protein modification' 
2 MSE B 62 ? . . . . MSE A 254 ? 1_555 . . . . . . . MET 1 MSE Selenomethionine 'Named protein modification' 
# 
_struct_sheet.id               A 
_struct_sheet.type             ? 
_struct_sheet.number_strands   4 
_struct_sheet.details          ? 
# 
loop_
_struct_sheet_order.sheet_id 
_struct_sheet_order.range_id_1 
_struct_sheet_order.range_id_2 
_struct_sheet_order.offset 
_struct_sheet_order.sense 
A 1 2 ? anti-parallel 
A 2 3 ? anti-parallel 
A 3 4 ? anti-parallel 
# 
loop_
_struct_sheet_range.sheet_id 
_struct_sheet_range.id 
_struct_sheet_range.beg_label_comp_id 
_struct_sheet_range.beg_label_asym_id 
_struct_sheet_range.beg_label_seq_id 
_struct_sheet_range.pdbx_beg_PDB_ins_code 
_struct_sheet_range.end_label_comp_id 
_struct_sheet_range.end_label_asym_id 
_struct_sheet_range.end_label_seq_id 
_struct_sheet_range.pdbx_end_PDB_ins_code 
_struct_sheet_range.beg_auth_comp_id 
_struct_sheet_range.beg_auth_asym_id 
_struct_sheet_range.beg_auth_seq_id 
_struct_sheet_range.end_auth_comp_id 
_struct_sheet_range.end_auth_asym_id 
_struct_sheet_range.end_auth_seq_id 
A 1 HIS B 23 ? TRP B 24 ? HIS A 215 TRP A 216 
A 2 ILE B 31 ? VAL B 33 ? ILE A 223 VAL A 225 
A 3 TRP B 84 ? ASN B 88 ? TRP A 276 ASN A 280 
A 4 TRP B 65 ? LYS B 67 ? TRP A 257 LYS A 259 
# 
loop_
_pdbx_struct_sheet_hbond.sheet_id 
_pdbx_struct_sheet_hbond.range_id_1 
_pdbx_struct_sheet_hbond.range_id_2 
_pdbx_struct_sheet_hbond.range_1_label_atom_id 
_pdbx_struct_sheet_hbond.range_1_label_comp_id 
_pdbx_struct_sheet_hbond.range_1_label_asym_id 
_pdbx_struct_sheet_hbond.range_1_label_seq_id 
_pdbx_struct_sheet_hbond.range_1_PDB_ins_code 
_pdbx_struct_sheet_hbond.range_1_auth_atom_id 
_pdbx_struct_sheet_hbond.range_1_auth_comp_id 
_pdbx_struct_sheet_hbond.range_1_auth_asym_id 
_pdbx_struct_sheet_hbond.range_1_auth_seq_id 
_pdbx_struct_sheet_hbond.range_2_label_atom_id 
_pdbx_struct_sheet_hbond.range_2_label_comp_id 
_pdbx_struct_sheet_hbond.range_2_label_asym_id 
_pdbx_struct_sheet_hbond.range_2_label_seq_id 
_pdbx_struct_sheet_hbond.range_2_PDB_ins_code 
_pdbx_struct_sheet_hbond.range_2_auth_atom_id 
_pdbx_struct_sheet_hbond.range_2_auth_comp_id 
_pdbx_struct_sheet_hbond.range_2_auth_asym_id 
_pdbx_struct_sheet_hbond.range_2_auth_seq_id 
A 1 2 O HIS B 23 ? O HIS A 215 N VAL B 32 ? N VAL A 224 
A 2 3 N VAL B 33 ? N VAL A 225 O TRP B 84 ? O TRP A 276 
A 3 4 O GLU B 87 ? O GLU A 279 N HIS B 66 ? N HIS A 258 
# 
_pdbx_entry_details.entry_id                   1FYK 
_pdbx_entry_details.compound_details           ? 
_pdbx_entry_details.source_details             ? 
_pdbx_entry_details.nonpolymer_details         ? 
_pdbx_entry_details.sequence_details           ? 
_pdbx_entry_details.has_ligand_of_interest     ? 
_pdbx_entry_details.has_protein_modification   Y 
# 
loop_
_pdbx_validate_torsion.id 
_pdbx_validate_torsion.PDB_model_num 
_pdbx_validate_torsion.auth_comp_id 
_pdbx_validate_torsion.auth_asym_id 
_pdbx_validate_torsion.auth_seq_id 
_pdbx_validate_torsion.PDB_ins_code 
_pdbx_validate_torsion.label_alt_id 
_pdbx_validate_torsion.phi 
_pdbx_validate_torsion.psi 
1 1 THR A 218 ? A -40.86  104.46  
2 1 GLN A 261 ? ? -117.77 75.31   
3 1 SER A 265 ? ? -67.66  77.54   
4 1 ASN A 272 ? ? -81.71  -145.66 
5 1 ASP A 273 ? ? -44.99  -3.85   
# 
loop_
_pdbx_struct_mod_residue.id 
_pdbx_struct_mod_residue.label_asym_id 
_pdbx_struct_mod_residue.label_comp_id 
_pdbx_struct_mod_residue.label_seq_id 
_pdbx_struct_mod_residue.auth_asym_id 
_pdbx_struct_mod_residue.auth_comp_id 
_pdbx_struct_mod_residue.auth_seq_id 
_pdbx_struct_mod_residue.PDB_ins_code 
_pdbx_struct_mod_residue.parent_comp_id 
_pdbx_struct_mod_residue.details 
1 B MSE 12 A MSE 204 ? MET SELENOMETHIONINE 
2 B MSE 62 A MSE 254 ? MET SELENOMETHIONINE 
# 
loop_
_pdbx_unobs_or_zero_occ_residues.id 
_pdbx_unobs_or_zero_occ_residues.PDB_model_num 
_pdbx_unobs_or_zero_occ_residues.polymer_flag 
_pdbx_unobs_or_zero_occ_residues.occupancy_flag 
_pdbx_unobs_or_zero_occ_residues.auth_asym_id 
_pdbx_unobs_or_zero_occ_residues.auth_comp_id 
_pdbx_unobs_or_zero_occ_residues.auth_seq_id 
_pdbx_unobs_or_zero_occ_residues.PDB_ins_code 
_pdbx_unobs_or_zero_occ_residues.label_asym_id 
_pdbx_unobs_or_zero_occ_residues.label_comp_id 
_pdbx_unobs_or_zero_occ_residues.label_seq_id 
1 1 Y 1 A SER 267 ? B SER 75 
2 1 Y 1 A MSE 268 ? B MSE 76 
3 1 Y 1 A LEU 269 ? B LEU 77 
4 1 Y 1 A SER 270 ? B SER 78 
# 
loop_
_chem_comp_atom.comp_id 
_chem_comp_atom.atom_id 
_chem_comp_atom.type_symbol 
_chem_comp_atom.pdbx_aromatic_flag 
_chem_comp_atom.pdbx_stereo_config 
_chem_comp_atom.pdbx_ordinal 
ALA N    N  N N 1   
ALA CA   C  N S 2   
ALA C    C  N N 3   
ALA O    O  N N 4   
ALA CB   C  N N 5   
ALA OXT  O  N N 6   
ALA H    H  N N 7   
ALA H2   H  N N 8   
ALA HA   H  N N 9   
ALA HB1  H  N N 10  
ALA HB2  H  N N 11  
ALA HB3  H  N N 12  
ALA HXT  H  N N 13  
ARG N    N  N N 14  
ARG CA   C  N S 15  
ARG C    C  N N 16  
ARG O    O  N N 17  
ARG CB   C  N N 18  
ARG CG   C  N N 19  
ARG CD   C  N N 20  
ARG NE   N  N N 21  
ARG CZ   C  N N 22  
ARG NH1  N  N N 23  
ARG NH2  N  N N 24  
ARG OXT  O  N N 25  
ARG H    H  N N 26  
ARG H2   H  N N 27  
ARG HA   H  N N 28  
ARG HB2  H  N N 29  
ARG HB3  H  N N 30  
ARG HG2  H  N N 31  
ARG HG3  H  N N 32  
ARG HD2  H  N N 33  
ARG HD3  H  N N 34  
ARG HE   H  N N 35  
ARG HH11 H  N N 36  
ARG HH12 H  N N 37  
ARG HH21 H  N N 38  
ARG HH22 H  N N 39  
ARG HXT  H  N N 40  
ASN N    N  N N 41  
ASN CA   C  N S 42  
ASN C    C  N N 43  
ASN O    O  N N 44  
ASN CB   C  N N 45  
ASN CG   C  N N 46  
ASN OD1  O  N N 47  
ASN ND2  N  N N 48  
ASN OXT  O  N N 49  
ASN H    H  N N 50  
ASN H2   H  N N 51  
ASN HA   H  N N 52  
ASN HB2  H  N N 53  
ASN HB3  H  N N 54  
ASN HD21 H  N N 55  
ASN HD22 H  N N 56  
ASN HXT  H  N N 57  
ASP N    N  N N 58  
ASP CA   C  N S 59  
ASP C    C  N N 60  
ASP O    O  N N 61  
ASP CB   C  N N 62  
ASP CG   C  N N 63  
ASP OD1  O  N N 64  
ASP OD2  O  N N 65  
ASP OXT  O  N N 66  
ASP H    H  N N 67  
ASP H2   H  N N 68  
ASP HA   H  N N 69  
ASP HB2  H  N N 70  
ASP HB3  H  N N 71  
ASP HD2  H  N N 72  
ASP HXT  H  N N 73  
GLN N    N  N N 74  
GLN CA   C  N S 75  
GLN C    C  N N 76  
GLN O    O  N N 77  
GLN CB   C  N N 78  
GLN CG   C  N N 79  
GLN CD   C  N N 80  
GLN OE1  O  N N 81  
GLN NE2  N  N N 82  
GLN OXT  O  N N 83  
GLN H    H  N N 84  
GLN H2   H  N N 85  
GLN HA   H  N N 86  
GLN HB2  H  N N 87  
GLN HB3  H  N N 88  
GLN HG2  H  N N 89  
GLN HG3  H  N N 90  
GLN HE21 H  N N 91  
GLN HE22 H  N N 92  
GLN HXT  H  N N 93  
GLU N    N  N N 94  
GLU CA   C  N S 95  
GLU C    C  N N 96  
GLU O    O  N N 97  
GLU CB   C  N N 98  
GLU CG   C  N N 99  
GLU CD   C  N N 100 
GLU OE1  O  N N 101 
GLU OE2  O  N N 102 
GLU OXT  O  N N 103 
GLU H    H  N N 104 
GLU H2   H  N N 105 
GLU HA   H  N N 106 
GLU HB2  H  N N 107 
GLU HB3  H  N N 108 
GLU HG2  H  N N 109 
GLU HG3  H  N N 110 
GLU HE2  H  N N 111 
GLU HXT  H  N N 112 
GLY N    N  N N 113 
GLY CA   C  N N 114 
GLY C    C  N N 115 
GLY O    O  N N 116 
GLY OXT  O  N N 117 
GLY H    H  N N 118 
GLY H2   H  N N 119 
GLY HA2  H  N N 120 
GLY HA3  H  N N 121 
GLY HXT  H  N N 122 
HIS N    N  N N 123 
HIS CA   C  N S 124 
HIS C    C  N N 125 
HIS O    O  N N 126 
HIS CB   C  N N 127 
HIS CG   C  Y N 128 
HIS ND1  N  Y N 129 
HIS CD2  C  Y N 130 
HIS CE1  C  Y N 131 
HIS NE2  N  Y N 132 
HIS OXT  O  N N 133 
HIS H    H  N N 134 
HIS H2   H  N N 135 
HIS HA   H  N N 136 
HIS HB2  H  N N 137 
HIS HB3  H  N N 138 
HIS HD1  H  N N 139 
HIS HD2  H  N N 140 
HIS HE1  H  N N 141 
HIS HE2  H  N N 142 
HIS HXT  H  N N 143 
HOH O    O  N N 144 
HOH H1   H  N N 145 
HOH H2   H  N N 146 
ILE N    N  N N 147 
ILE CA   C  N S 148 
ILE C    C  N N 149 
ILE O    O  N N 150 
ILE CB   C  N S 151 
ILE CG1  C  N N 152 
ILE CG2  C  N N 153 
ILE CD1  C  N N 154 
ILE OXT  O  N N 155 
ILE H    H  N N 156 
ILE H2   H  N N 157 
ILE HA   H  N N 158 
ILE HB   H  N N 159 
ILE HG12 H  N N 160 
ILE HG13 H  N N 161 
ILE HG21 H  N N 162 
ILE HG22 H  N N 163 
ILE HG23 H  N N 164 
ILE HD11 H  N N 165 
ILE HD12 H  N N 166 
ILE HD13 H  N N 167 
ILE HXT  H  N N 168 
LEU N    N  N N 169 
LEU CA   C  N S 170 
LEU C    C  N N 171 
LEU O    O  N N 172 
LEU CB   C  N N 173 
LEU CG   C  N N 174 
LEU CD1  C  N N 175 
LEU CD2  C  N N 176 
LEU OXT  O  N N 177 
LEU H    H  N N 178 
LEU H2   H  N N 179 
LEU HA   H  N N 180 
LEU HB2  H  N N 181 
LEU HB3  H  N N 182 
LEU HG   H  N N 183 
LEU HD11 H  N N 184 
LEU HD12 H  N N 185 
LEU HD13 H  N N 186 
LEU HD21 H  N N 187 
LEU HD22 H  N N 188 
LEU HD23 H  N N 189 
LEU HXT  H  N N 190 
LYS N    N  N N 191 
LYS CA   C  N S 192 
LYS C    C  N N 193 
LYS O    O  N N 194 
LYS CB   C  N N 195 
LYS CG   C  N N 196 
LYS CD   C  N N 197 
LYS CE   C  N N 198 
LYS NZ   N  N N 199 
LYS OXT  O  N N 200 
LYS H    H  N N 201 
LYS H2   H  N N 202 
LYS HA   H  N N 203 
LYS HB2  H  N N 204 
LYS HB3  H  N N 205 
LYS HG2  H  N N 206 
LYS HG3  H  N N 207 
LYS HD2  H  N N 208 
LYS HD3  H  N N 209 
LYS HE2  H  N N 210 
LYS HE3  H  N N 211 
LYS HZ1  H  N N 212 
LYS HZ2  H  N N 213 
LYS HZ3  H  N N 214 
LYS HXT  H  N N 215 
MET N    N  N N 216 
MET CA   C  N S 217 
MET C    C  N N 218 
MET O    O  N N 219 
MET CB   C  N N 220 
MET CG   C  N N 221 
MET SD   S  N N 222 
MET CE   C  N N 223 
MET OXT  O  N N 224 
MET H    H  N N 225 
MET H2   H  N N 226 
MET HA   H  N N 227 
MET HB2  H  N N 228 
MET HB3  H  N N 229 
MET HG2  H  N N 230 
MET HG3  H  N N 231 
MET HE1  H  N N 232 
MET HE2  H  N N 233 
MET HE3  H  N N 234 
MET HXT  H  N N 235 
MSE N    N  N N 236 
MSE CA   C  N S 237 
MSE C    C  N N 238 
MSE O    O  N N 239 
MSE OXT  O  N N 240 
MSE CB   C  N N 241 
MSE CG   C  N N 242 
MSE SE   SE N N 243 
MSE CE   C  N N 244 
MSE H    H  N N 245 
MSE H2   H  N N 246 
MSE HA   H  N N 247 
MSE HXT  H  N N 248 
MSE HB2  H  N N 249 
MSE HB3  H  N N 250 
MSE HG2  H  N N 251 
MSE HG3  H  N N 252 
MSE HE1  H  N N 253 
MSE HE2  H  N N 254 
MSE HE3  H  N N 255 
PHE N    N  N N 256 
PHE CA   C  N S 257 
PHE C    C  N N 258 
PHE O    O  N N 259 
PHE CB   C  N N 260 
PHE CG   C  Y N 261 
PHE CD1  C  Y N 262 
PHE CD2  C  Y N 263 
PHE CE1  C  Y N 264 
PHE CE2  C  Y N 265 
PHE CZ   C  Y N 266 
PHE OXT  O  N N 267 
PHE H    H  N N 268 
PHE H2   H  N N 269 
PHE HA   H  N N 270 
PHE HB2  H  N N 271 
PHE HB3  H  N N 272 
PHE HD1  H  N N 273 
PHE HD2  H  N N 274 
PHE HE1  H  N N 275 
PHE HE2  H  N N 276 
PHE HZ   H  N N 277 
PHE HXT  H  N N 278 
PRO N    N  N N 279 
PRO CA   C  N S 280 
PRO C    C  N N 281 
PRO O    O  N N 282 
PRO CB   C  N N 283 
PRO CG   C  N N 284 
PRO CD   C  N N 285 
PRO OXT  O  N N 286 
PRO H    H  N N 287 
PRO HA   H  N N 288 
PRO HB2  H  N N 289 
PRO HB3  H  N N 290 
PRO HG2  H  N N 291 
PRO HG3  H  N N 292 
PRO HD2  H  N N 293 
PRO HD3  H  N N 294 
PRO HXT  H  N N 295 
SER N    N  N N 296 
SER CA   C  N S 297 
SER C    C  N N 298 
SER O    O  N N 299 
SER CB   C  N N 300 
SER OG   O  N N 301 
SER OXT  O  N N 302 
SER H    H  N N 303 
SER H2   H  N N 304 
SER HA   H  N N 305 
SER HB2  H  N N 306 
SER HB3  H  N N 307 
SER HG   H  N N 308 
SER HXT  H  N N 309 
THR N    N  N N 310 
THR CA   C  N S 311 
THR C    C  N N 312 
THR O    O  N N 313 
THR CB   C  N R 314 
THR OG1  O  N N 315 
THR CG2  C  N N 316 
THR OXT  O  N N 317 
THR H    H  N N 318 
THR H2   H  N N 319 
THR HA   H  N N 320 
THR HB   H  N N 321 
THR HG1  H  N N 322 
THR HG21 H  N N 323 
THR HG22 H  N N 324 
THR HG23 H  N N 325 
THR HXT  H  N N 326 
TRP N    N  N N 327 
TRP CA   C  N S 328 
TRP C    C  N N 329 
TRP O    O  N N 330 
TRP CB   C  N N 331 
TRP CG   C  Y N 332 
TRP CD1  C  Y N 333 
TRP CD2  C  Y N 334 
TRP NE1  N  Y N 335 
TRP CE2  C  Y N 336 
TRP CE3  C  Y N 337 
TRP CZ2  C  Y N 338 
TRP CZ3  C  Y N 339 
TRP CH2  C  Y N 340 
TRP OXT  O  N N 341 
TRP H    H  N N 342 
TRP H2   H  N N 343 
TRP HA   H  N N 344 
TRP HB2  H  N N 345 
TRP HB3  H  N N 346 
TRP HD1  H  N N 347 
TRP HE1  H  N N 348 
TRP HE3  H  N N 349 
TRP HZ2  H  N N 350 
TRP HZ3  H  N N 351 
TRP HH2  H  N N 352 
TRP HXT  H  N N 353 
TYR N    N  N N 354 
TYR CA   C  N S 355 
TYR C    C  N N 356 
TYR O    O  N N 357 
TYR CB   C  N N 358 
TYR CG   C  Y N 359 
TYR CD1  C  Y N 360 
TYR CD2  C  Y N 361 
TYR CE1  C  Y N 362 
TYR CE2  C  Y N 363 
TYR CZ   C  Y N 364 
TYR OH   O  N N 365 
TYR OXT  O  N N 366 
TYR H    H  N N 367 
TYR H2   H  N N 368 
TYR HA   H  N N 369 
TYR HB2  H  N N 370 
TYR HB3  H  N N 371 
TYR HD1  H  N N 372 
TYR HD2  H  N N 373 
TYR HE1  H  N N 374 
TYR HE2  H  N N 375 
TYR HH   H  N N 376 
TYR HXT  H  N N 377 
VAL N    N  N N 378 
VAL CA   C  N S 379 
VAL C    C  N N 380 
VAL O    O  N N 381 
VAL CB   C  N N 382 
VAL CG1  C  N N 383 
VAL CG2  C  N N 384 
VAL OXT  O  N N 385 
VAL H    H  N N 386 
VAL H2   H  N N 387 
VAL HA   H  N N 388 
VAL HB   H  N N 389 
VAL HG11 H  N N 390 
VAL HG12 H  N N 391 
VAL HG13 H  N N 392 
VAL HG21 H  N N 393 
VAL HG22 H  N N 394 
VAL HG23 H  N N 395 
VAL HXT  H  N N 396 
# 
loop_
_chem_comp_bond.comp_id 
_chem_comp_bond.atom_id_1 
_chem_comp_bond.atom_id_2 
_chem_comp_bond.value_order 
_chem_comp_bond.pdbx_aromatic_flag 
_chem_comp_bond.pdbx_stereo_config 
_chem_comp_bond.pdbx_ordinal 
ALA N   CA   sing N N 1   
ALA N   H    sing N N 2   
ALA N   H2   sing N N 3   
ALA CA  C    sing N N 4   
ALA CA  CB   sing N N 5   
ALA CA  HA   sing N N 6   
ALA C   O    doub N N 7   
ALA C   OXT  sing N N 8   
ALA CB  HB1  sing N N 9   
ALA CB  HB2  sing N N 10  
ALA CB  HB3  sing N N 11  
ALA OXT HXT  sing N N 12  
ARG N   CA   sing N N 13  
ARG N   H    sing N N 14  
ARG N   H2   sing N N 15  
ARG CA  C    sing N N 16  
ARG CA  CB   sing N N 17  
ARG CA  HA   sing N N 18  
ARG C   O    doub N N 19  
ARG C   OXT  sing N N 20  
ARG CB  CG   sing N N 21  
ARG CB  HB2  sing N N 22  
ARG CB  HB3  sing N N 23  
ARG CG  CD   sing N N 24  
ARG CG  HG2  sing N N 25  
ARG CG  HG3  sing N N 26  
ARG CD  NE   sing N N 27  
ARG CD  HD2  sing N N 28  
ARG CD  HD3  sing N N 29  
ARG NE  CZ   sing N N 30  
ARG NE  HE   sing N N 31  
ARG CZ  NH1  sing N N 32  
ARG CZ  NH2  doub N N 33  
ARG NH1 HH11 sing N N 34  
ARG NH1 HH12 sing N N 35  
ARG NH2 HH21 sing N N 36  
ARG NH2 HH22 sing N N 37  
ARG OXT HXT  sing N N 38  
ASN N   CA   sing N N 39  
ASN N   H    sing N N 40  
ASN N   H2   sing N N 41  
ASN CA  C    sing N N 42  
ASN CA  CB   sing N N 43  
ASN CA  HA   sing N N 44  
ASN C   O    doub N N 45  
ASN C   OXT  sing N N 46  
ASN CB  CG   sing N N 47  
ASN CB  HB2  sing N N 48  
ASN CB  HB3  sing N N 49  
ASN CG  OD1  doub N N 50  
ASN CG  ND2  sing N N 51  
ASN ND2 HD21 sing N N 52  
ASN ND2 HD22 sing N N 53  
ASN OXT HXT  sing N N 54  
ASP N   CA   sing N N 55  
ASP N   H    sing N N 56  
ASP N   H2   sing N N 57  
ASP CA  C    sing N N 58  
ASP CA  CB   sing N N 59  
ASP CA  HA   sing N N 60  
ASP C   O    doub N N 61  
ASP C   OXT  sing N N 62  
ASP CB  CG   sing N N 63  
ASP CB  HB2  sing N N 64  
ASP CB  HB3  sing N N 65  
ASP CG  OD1  doub N N 66  
ASP CG  OD2  sing N N 67  
ASP OD2 HD2  sing N N 68  
ASP OXT HXT  sing N N 69  
GLN N   CA   sing N N 70  
GLN N   H    sing N N 71  
GLN N   H2   sing N N 72  
GLN CA  C    sing N N 73  
GLN CA  CB   sing N N 74  
GLN CA  HA   sing N N 75  
GLN C   O    doub N N 76  
GLN C   OXT  sing N N 77  
GLN CB  CG   sing N N 78  
GLN CB  HB2  sing N N 79  
GLN CB  HB3  sing N N 80  
GLN CG  CD   sing N N 81  
GLN CG  HG2  sing N N 82  
GLN CG  HG3  sing N N 83  
GLN CD  OE1  doub N N 84  
GLN CD  NE2  sing N N 85  
GLN NE2 HE21 sing N N 86  
GLN NE2 HE22 sing N N 87  
GLN OXT HXT  sing N N 88  
GLU N   CA   sing N N 89  
GLU N   H    sing N N 90  
GLU N   H2   sing N N 91  
GLU CA  C    sing N N 92  
GLU CA  CB   sing N N 93  
GLU CA  HA   sing N N 94  
GLU C   O    doub N N 95  
GLU C   OXT  sing N N 96  
GLU CB  CG   sing N N 97  
GLU CB  HB2  sing N N 98  
GLU CB  HB3  sing N N 99  
GLU CG  CD   sing N N 100 
GLU CG  HG2  sing N N 101 
GLU CG  HG3  sing N N 102 
GLU CD  OE1  doub N N 103 
GLU CD  OE2  sing N N 104 
GLU OE2 HE2  sing N N 105 
GLU OXT HXT  sing N N 106 
GLY N   CA   sing N N 107 
GLY N   H    sing N N 108 
GLY N   H2   sing N N 109 
GLY CA  C    sing N N 110 
GLY CA  HA2  sing N N 111 
GLY CA  HA3  sing N N 112 
GLY C   O    doub N N 113 
GLY C   OXT  sing N N 114 
GLY OXT HXT  sing N N 115 
HIS N   CA   sing N N 116 
HIS N   H    sing N N 117 
HIS N   H2   sing N N 118 
HIS CA  C    sing N N 119 
HIS CA  CB   sing N N 120 
HIS CA  HA   sing N N 121 
HIS C   O    doub N N 122 
HIS C   OXT  sing N N 123 
HIS CB  CG   sing N N 124 
HIS CB  HB2  sing N N 125 
HIS CB  HB3  sing N N 126 
HIS CG  ND1  sing Y N 127 
HIS CG  CD2  doub Y N 128 
HIS ND1 CE1  doub Y N 129 
HIS ND1 HD1  sing N N 130 
HIS CD2 NE2  sing Y N 131 
HIS CD2 HD2  sing N N 132 
HIS CE1 NE2  sing Y N 133 
HIS CE1 HE1  sing N N 134 
HIS NE2 HE2  sing N N 135 
HIS OXT HXT  sing N N 136 
HOH O   H1   sing N N 137 
HOH O   H2   sing N N 138 
ILE N   CA   sing N N 139 
ILE N   H    sing N N 140 
ILE N   H2   sing N N 141 
ILE CA  C    sing N N 142 
ILE CA  CB   sing N N 143 
ILE CA  HA   sing N N 144 
ILE C   O    doub N N 145 
ILE C   OXT  sing N N 146 
ILE CB  CG1  sing N N 147 
ILE CB  CG2  sing N N 148 
ILE CB  HB   sing N N 149 
ILE CG1 CD1  sing N N 150 
ILE CG1 HG12 sing N N 151 
ILE CG1 HG13 sing N N 152 
ILE CG2 HG21 sing N N 153 
ILE CG2 HG22 sing N N 154 
ILE CG2 HG23 sing N N 155 
ILE CD1 HD11 sing N N 156 
ILE CD1 HD12 sing N N 157 
ILE CD1 HD13 sing N N 158 
ILE OXT HXT  sing N N 159 
LEU N   CA   sing N N 160 
LEU N   H    sing N N 161 
LEU N   H2   sing N N 162 
LEU CA  C    sing N N 163 
LEU CA  CB   sing N N 164 
LEU CA  HA   sing N N 165 
LEU C   O    doub N N 166 
LEU C   OXT  sing N N 167 
LEU CB  CG   sing N N 168 
LEU CB  HB2  sing N N 169 
LEU CB  HB3  sing N N 170 
LEU CG  CD1  sing N N 171 
LEU CG  CD2  sing N N 172 
LEU CG  HG   sing N N 173 
LEU CD1 HD11 sing N N 174 
LEU CD1 HD12 sing N N 175 
LEU CD1 HD13 sing N N 176 
LEU CD2 HD21 sing N N 177 
LEU CD2 HD22 sing N N 178 
LEU CD2 HD23 sing N N 179 
LEU OXT HXT  sing N N 180 
LYS N   CA   sing N N 181 
LYS N   H    sing N N 182 
LYS N   H2   sing N N 183 
LYS CA  C    sing N N 184 
LYS CA  CB   sing N N 185 
LYS CA  HA   sing N N 186 
LYS C   O    doub N N 187 
LYS C   OXT  sing N N 188 
LYS CB  CG   sing N N 189 
LYS CB  HB2  sing N N 190 
LYS CB  HB3  sing N N 191 
LYS CG  CD   sing N N 192 
LYS CG  HG2  sing N N 193 
LYS CG  HG3  sing N N 194 
LYS CD  CE   sing N N 195 
LYS CD  HD2  sing N N 196 
LYS CD  HD3  sing N N 197 
LYS CE  NZ   sing N N 198 
LYS CE  HE2  sing N N 199 
LYS CE  HE3  sing N N 200 
LYS NZ  HZ1  sing N N 201 
LYS NZ  HZ2  sing N N 202 
LYS NZ  HZ3  sing N N 203 
LYS OXT HXT  sing N N 204 
MET N   CA   sing N N 205 
MET N   H    sing N N 206 
MET N   H2   sing N N 207 
MET CA  C    sing N N 208 
MET CA  CB   sing N N 209 
MET CA  HA   sing N N 210 
MET C   O    doub N N 211 
MET C   OXT  sing N N 212 
MET CB  CG   sing N N 213 
MET CB  HB2  sing N N 214 
MET CB  HB3  sing N N 215 
MET CG  SD   sing N N 216 
MET CG  HG2  sing N N 217 
MET CG  HG3  sing N N 218 
MET SD  CE   sing N N 219 
MET CE  HE1  sing N N 220 
MET CE  HE2  sing N N 221 
MET CE  HE3  sing N N 222 
MET OXT HXT  sing N N 223 
MSE N   CA   sing N N 224 
MSE N   H    sing N N 225 
MSE N   H2   sing N N 226 
MSE CA  C    sing N N 227 
MSE CA  CB   sing N N 228 
MSE CA  HA   sing N N 229 
MSE C   O    doub N N 230 
MSE C   OXT  sing N N 231 
MSE OXT HXT  sing N N 232 
MSE CB  CG   sing N N 233 
MSE CB  HB2  sing N N 234 
MSE CB  HB3  sing N N 235 
MSE CG  SE   sing N N 236 
MSE CG  HG2  sing N N 237 
MSE CG  HG3  sing N N 238 
MSE SE  CE   sing N N 239 
MSE CE  HE1  sing N N 240 
MSE CE  HE2  sing N N 241 
MSE CE  HE3  sing N N 242 
PHE N   CA   sing N N 243 
PHE N   H    sing N N 244 
PHE N   H2   sing N N 245 
PHE CA  C    sing N N 246 
PHE CA  CB   sing N N 247 
PHE CA  HA   sing N N 248 
PHE C   O    doub N N 249 
PHE C   OXT  sing N N 250 
PHE CB  CG   sing N N 251 
PHE CB  HB2  sing N N 252 
PHE CB  HB3  sing N N 253 
PHE CG  CD1  doub Y N 254 
PHE CG  CD2  sing Y N 255 
PHE CD1 CE1  sing Y N 256 
PHE CD1 HD1  sing N N 257 
PHE CD2 CE2  doub Y N 258 
PHE CD2 HD2  sing N N 259 
PHE CE1 CZ   doub Y N 260 
PHE CE1 HE1  sing N N 261 
PHE CE2 CZ   sing Y N 262 
PHE CE2 HE2  sing N N 263 
PHE CZ  HZ   sing N N 264 
PHE OXT HXT  sing N N 265 
PRO N   CA   sing N N 266 
PRO N   CD   sing N N 267 
PRO N   H    sing N N 268 
PRO CA  C    sing N N 269 
PRO CA  CB   sing N N 270 
PRO CA  HA   sing N N 271 
PRO C   O    doub N N 272 
PRO C   OXT  sing N N 273 
PRO CB  CG   sing N N 274 
PRO CB  HB2  sing N N 275 
PRO CB  HB3  sing N N 276 
PRO CG  CD   sing N N 277 
PRO CG  HG2  sing N N 278 
PRO CG  HG3  sing N N 279 
PRO CD  HD2  sing N N 280 
PRO CD  HD3  sing N N 281 
PRO OXT HXT  sing N N 282 
SER N   CA   sing N N 283 
SER N   H    sing N N 284 
SER N   H2   sing N N 285 
SER CA  C    sing N N 286 
SER CA  CB   sing N N 287 
SER CA  HA   sing N N 288 
SER C   O    doub N N 289 
SER C   OXT  sing N N 290 
SER CB  OG   sing N N 291 
SER CB  HB2  sing N N 292 
SER CB  HB3  sing N N 293 
SER OG  HG   sing N N 294 
SER OXT HXT  sing N N 295 
THR N   CA   sing N N 296 
THR N   H    sing N N 297 
THR N   H2   sing N N 298 
THR CA  C    sing N N 299 
THR CA  CB   sing N N 300 
THR CA  HA   sing N N 301 
THR C   O    doub N N 302 
THR C   OXT  sing N N 303 
THR CB  OG1  sing N N 304 
THR CB  CG2  sing N N 305 
THR CB  HB   sing N N 306 
THR OG1 HG1  sing N N 307 
THR CG2 HG21 sing N N 308 
THR CG2 HG22 sing N N 309 
THR CG2 HG23 sing N N 310 
THR OXT HXT  sing N N 311 
TRP N   CA   sing N N 312 
TRP N   H    sing N N 313 
TRP N   H2   sing N N 314 
TRP CA  C    sing N N 315 
TRP CA  CB   sing N N 316 
TRP CA  HA   sing N N 317 
TRP C   O    doub N N 318 
TRP C   OXT  sing N N 319 
TRP CB  CG   sing N N 320 
TRP CB  HB2  sing N N 321 
TRP CB  HB3  sing N N 322 
TRP CG  CD1  doub Y N 323 
TRP CG  CD2  sing Y N 324 
TRP CD1 NE1  sing Y N 325 
TRP CD1 HD1  sing N N 326 
TRP CD2 CE2  doub Y N 327 
TRP CD2 CE3  sing Y N 328 
TRP NE1 CE2  sing Y N 329 
TRP NE1 HE1  sing N N 330 
TRP CE2 CZ2  sing Y N 331 
TRP CE3 CZ3  doub Y N 332 
TRP CE3 HE3  sing N N 333 
TRP CZ2 CH2  doub Y N 334 
TRP CZ2 HZ2  sing N N 335 
TRP CZ3 CH2  sing Y N 336 
TRP CZ3 HZ3  sing N N 337 
TRP CH2 HH2  sing N N 338 
TRP OXT HXT  sing N N 339 
TYR N   CA   sing N N 340 
TYR N   H    sing N N 341 
TYR N   H2   sing N N 342 
TYR CA  C    sing N N 343 
TYR CA  CB   sing N N 344 
TYR CA  HA   sing N N 345 
TYR C   O    doub N N 346 
TYR C   OXT  sing N N 347 
TYR CB  CG   sing N N 348 
TYR CB  HB2  sing N N 349 
TYR CB  HB3  sing N N 350 
TYR CG  CD1  doub Y N 351 
TYR CG  CD2  sing Y N 352 
TYR CD1 CE1  sing Y N 353 
TYR CD1 HD1  sing N N 354 
TYR CD2 CE2  doub Y N 355 
TYR CD2 HD2  sing N N 356 
TYR CE1 CZ   doub Y N 357 
TYR CE1 HE1  sing N N 358 
TYR CE2 CZ   sing Y N 359 
TYR CE2 HE2  sing N N 360 
TYR CZ  OH   sing N N 361 
TYR OH  HH   sing N N 362 
TYR OXT HXT  sing N N 363 
VAL N   CA   sing N N 364 
VAL N   H    sing N N 365 
VAL N   H2   sing N N 366 
VAL CA  C    sing N N 367 
VAL CA  CB   sing N N 368 
VAL CA  HA   sing N N 369 
VAL C   O    doub N N 370 
VAL C   OXT  sing N N 371 
VAL CB  CG1  sing N N 372 
VAL CB  CG2  sing N N 373 
VAL CB  HB   sing N N 374 
VAL CG1 HG11 sing N N 375 
VAL CG1 HG12 sing N N 376 
VAL CG1 HG13 sing N N 377 
VAL CG2 HG21 sing N N 378 
VAL CG2 HG22 sing N N 379 
VAL CG2 HG23 sing N N 380 
VAL OXT HXT  sing N N 381 
# 
_atom_sites.entry_id                    1FYK 
_atom_sites.fract_transf_matrix[1][1]   0.01011427 
_atom_sites.fract_transf_matrix[1][2]   -0.00106020 
_atom_sites.fract_transf_matrix[1][3]   0.00169814 
_atom_sites.fract_transf_matrix[2][1]   -0.00526905 
_atom_sites.fract_transf_matrix[2][2]   -0.02555400 
_atom_sites.fract_transf_matrix[2][3]   0.01542879 
_atom_sites.fract_transf_matrix[3][1]   0.01037254 
_atom_sites.fract_transf_matrix[3][2]   -0.01327598 
_atom_sites.fract_transf_matrix[3][3]   -0.01844611 
_atom_sites.fract_transf_vector[1]      0.265576 
_atom_sites.fract_transf_vector[2]      0.293097 
_atom_sites.fract_transf_vector[3]      0.316958 
# 
loop_
_atom_type.symbol 
C  
N  
O  
P  
SE 
# 
loop_
_atom_site.group_PDB 
_atom_site.id 
_atom_site.type_symbol 
_atom_site.label_atom_id 
_atom_site.label_alt_id 
_atom_site.label_comp_id 
_atom_site.label_asym_id 
_atom_site.label_entity_id 
_atom_site.label_seq_id 
_atom_site.pdbx_PDB_ins_code 
_atom_site.Cartn_x 
_atom_site.Cartn_y 
_atom_site.Cartn_z 
_atom_site.occupancy 
_atom_site.B_iso_or_equiv 
_atom_site.pdbx_formal_charge 
_atom_site.auth_seq_id 
_atom_site.auth_comp_id 
_atom_site.auth_asym_id 
_atom_site.auth_atom_id 
_atom_site.pdbx_PDB_model_num 
ATOM   1   O  "O5'" . N   A 1 1  ? -15.257 18.233  -2.410  1.00 100.00 ? 1   N   C "O5'" 1 
ATOM   2   C  "C5'" . N   A 1 1  ? -15.179 17.685  -1.084  1.00 100.00 ? 1   N   C "C5'" 1 
ATOM   3   C  "C4'" . N   A 1 1  ? -15.655 16.253  -0.965  1.00 100.00 ? 1   N   C "C4'" 1 
ATOM   4   O  "O4'" . N   A 1 1  ? -17.044 16.164  -1.369  1.00 100.00 ? 1   N   C "O4'" 1 
ATOM   5   C  "C3'" . N   A 1 1  ? -14.901 15.228  -1.823  1.00 100.00 ? 1   N   C "C3'" 1 
ATOM   6   O  "O3'" . N   A 1 1  ? -14.740 13.998  -1.092  1.00 100.00 ? 1   N   C "O3'" 1 
ATOM   7   C  "C2'" . N   A 1 1  ? -15.828 15.022  -3.006  1.00 100.00 ? 1   N   C "C2'" 1 
ATOM   8   C  "C1'" . N   A 1 1  ? -17.188 15.144  -2.344  1.00 100.00 ? 1   N   C "C1'" 1 
ATOM   9   P  P     . N   A 1 2  ? -14.062 12.714  -1.804  1.00 99.76  ? 2   N   C P     1 
ATOM   10  O  OP1   . N   A 1 2  ? -13.125 12.097  -0.827  1.00 99.76  ? 2   N   C OP1   1 
ATOM   11  O  OP2   . N   A 1 2  ? -13.569 13.075  -3.165  1.00 99.76  ? 2   N   C OP2   1 
ATOM   12  O  "O5'" . N   A 1 2  ? -15.271 11.692  -1.975  1.00 99.76  ? 2   N   C "O5'" 1 
ATOM   13  C  "C5'" . N   A 1 2  ? -16.543 12.128  -2.446  1.00 99.76  ? 2   N   C "C5'" 1 
ATOM   14  C  "C4'" . N   A 1 2  ? -17.465 10.946  -2.614  1.00 99.76  ? 2   N   C "C4'" 1 
ATOM   15  O  "O4'" . N   A 1 2  ? -18.772 11.425  -3.025  1.00 99.76  ? 2   N   C "O4'" 1 
ATOM   16  C  "C3'" . N   A 1 2  ? -17.010 9.951   -3.686  1.00 99.76  ? 2   N   C "C3'" 1 
ATOM   17  O  "O3'" . N   A 1 2  ? -17.194 8.603   -3.232  1.00 99.76  ? 2   N   C "O3'" 1 
ATOM   18  C  "C2'" . N   A 1 2  ? -17.917 10.264  -4.865  1.00 99.76  ? 2   N   C "C2'" 1 
ATOM   19  C  "C1'" . N   A 1 2  ? -19.189 10.721  -4.182  1.00 99.76  ? 2   N   C "C1'" 1 
ATOM   20  P  P     . N   A 1 3  ? -16.934 7.371   -4.239  1.00 56.17  ? 3   N   C P     1 
ATOM   21  O  OP1   . N   A 1 3  ? -16.608 6.193   -3.392  1.00 56.17  ? 3   N   C OP1   1 
ATOM   22  O  OP2   . N   A 1 3  ? -15.985 7.783   -5.304  1.00 56.17  ? 3   N   C OP2   1 
ATOM   23  O  "O5'" . N   A 1 3  ? -18.357 7.111   -4.909  1.00 56.17  ? 3   N   C "O5'" 1 
ATOM   24  C  "C5'" . N   A 1 3  ? -19.521 6.952   -4.089  1.00 56.17  ? 3   N   C "C5'" 1 
ATOM   25  C  "C4'" . N   A 1 3  ? -20.744 6.689   -4.933  1.00 56.17  ? 3   N   C "C4'" 1 
ATOM   26  O  "O4'" . N   A 1 3  ? -21.196 7.902   -5.589  1.00 56.17  ? 3   N   C "O4'" 1 
ATOM   27  C  "C3'" . N   A 1 3  ? -20.553 5.647   -6.035  1.00 56.17  ? 3   N   C "C3'" 1 
ATOM   28  O  "O3'" . N   A 1 3  ? -21.684 4.774   -6.069  1.00 56.17  ? 3   N   C "O3'" 1 
ATOM   29  C  "C2'" . N   A 1 3  ? -20.501 6.482   -7.301  1.00 56.17  ? 3   N   C "C2'" 1 
ATOM   30  C  "C1'" . N   A 1 3  ? -21.434 7.632   -6.961  1.00 56.17  ? 3   N   C "C1'" 1 
ATOM   31  P  P     . N   A 1 4  ? -21.577 3.359   -6.820  1.00 97.61  ? 4   N   C P     1 
ATOM   32  O  OP1   . N   A 1 4  ? -21.965 2.322   -5.826  1.00 97.61  ? 4   N   C OP1   1 
ATOM   33  O  OP2   . N   A 1 4  ? -20.267 3.259   -7.515  1.00 97.61  ? 4   N   C OP2   1 
ATOM   34  O  "O5'" . N   A 1 4  ? -22.718 3.456   -7.931  1.00 97.61  ? 4   N   C "O5'" 1 
ATOM   35  C  "C5'" . N   A 1 4  ? -24.081 3.665   -7.558  1.00 97.61  ? 4   N   C "C5'" 1 
ATOM   36  C  "C4'" . N   A 1 4  ? -24.902 4.108   -8.748  1.00 97.61  ? 4   N   C "C4'" 1 
ATOM   37  O  "O4'" . N   A 1 4  ? -24.473 5.427   -9.169  1.00 97.61  ? 4   N   C "O4'" 1 
ATOM   38  C  "C3'" . N   A 1 4  ? -24.800 3.212   -9.985  1.00 97.61  ? 4   N   C "C3'" 1 
ATOM   39  O  "O3'" . N   A 1 4  ? -26.037 3.158   -10.711 1.00 97.61  ? 4   N   C "O3'" 1 
ATOM   40  C  "C2'" . N   A 1 4  ? -23.787 3.947   -10.849 1.00 97.61  ? 4   N   C "C2'" 1 
ATOM   41  C  "C1'" . N   A 1 4  ? -24.082 5.406   -10.533 1.00 97.61  ? 4   N   C "C1'" 1 
ATOM   42  N  N     . ALA B 2 1  ? -13.074 11.320  -13.420 1.00 100.00 ? 193 ALA A N     1 
ATOM   43  C  CA    . ALA B 2 1  ? -14.169 10.515  -12.817 1.00 100.00 ? 193 ALA A CA    1 
ATOM   44  C  C     . ALA B 2 1  ? -13.604 9.175   -12.360 1.00 100.00 ? 193 ALA A C     1 
ATOM   45  O  O     . ALA B 2 1  ? -13.762 8.158   -13.035 1.00 100.00 ? 193 ALA A O     1 
ATOM   46  C  CB    . ALA B 2 1  ? -15.302 10.308  -13.825 1.00 68.69  ? 193 ALA A CB    1 
ATOM   47  N  N     . ARG B 2 2  ? -12.874 9.211   -11.251 1.00 38.14  ? 194 ARG A N     1 
ATOM   48  C  CA    . ARG B 2 2  ? -12.266 8.026   -10.662 1.00 38.14  ? 194 ARG A CA    1 
ATOM   49  C  C     . ARG B 2 2  ? -12.689 7.942   -9.207  1.00 38.14  ? 194 ARG A C     1 
ATOM   50  O  O     . ARG B 2 2  ? -12.755 8.964   -8.519  1.00 38.14  ? 194 ARG A O     1 
ATOM   51  C  CB    . ARG B 2 2  ? -10.750 8.121   -10.730 1.00 37.73  ? 194 ARG A CB    1 
ATOM   52  C  CG    . ARG B 2 2  ? -10.220 8.144   -12.125 1.00 37.73  ? 194 ARG A CG    1 
ATOM   53  C  CD    . ARG B 2 2  ? -8.804  7.857   -11.762 1.00 37.73  ? 194 ARG A CD    1 
ATOM   54  N  NE    . ARG B 2 2  ? -8.208  7.995   -13.036 1.00 37.73  ? 194 ARG A NE    1 
ATOM   55  C  CZ    . ARG B 2 2  ? -7.110  8.701   -13.269 1.00 37.73  ? 194 ARG A CZ    1 
ATOM   56  N  NH1   . ARG B 2 2  ? -6.503  9.340   -12.276 1.00 37.73  ? 194 ARG A NH1   1 
ATOM   57  N  NH2   . ARG B 2 2  ? -6.602  8.746   -14.492 1.00 37.73  ? 194 ARG A NH2   1 
ATOM   58  N  N     . PRO B 2 3  ? -12.947 6.721   -8.717  1.00 32.50  ? 195 PRO A N     1 
ATOM   59  C  CA    . PRO B 2 3  ? -13.369 6.463   -7.336  1.00 32.50  ? 195 PRO A CA    1 
ATOM   60  C  C     . PRO B 2 3  ? -12.492 7.138   -6.289  1.00 32.50  ? 195 PRO A C     1 
ATOM   61  O  O     . PRO B 2 3  ? -11.262 7.216   -6.426  1.00 32.50  ? 195 PRO A O     1 
ATOM   62  C  CB    . PRO B 2 3  ? -13.288 4.945   -7.240  1.00 23.07  ? 195 PRO A CB    1 
ATOM   63  C  CG    . PRO B 2 3  ? -13.650 4.513   -8.617  1.00 23.07  ? 195 PRO A CG    1 
ATOM   64  C  CD    . PRO B 2 3  ? -12.862 5.461   -9.478  1.00 23.07  ? 195 PRO A CD    1 
ATOM   65  N  N     . ALA B 2 4  ? -13.141 7.656   -5.254  1.00 31.37  ? 196 ALA A N     1 
ATOM   66  C  CA    . ALA B 2 4  ? -12.455 8.326   -4.165  1.00 31.37  ? 196 ALA A CA    1 
ATOM   67  C  C     . ALA B 2 4  ? -11.303 7.499   -3.606  1.00 31.37  ? 196 ALA A C     1 
ATOM   68  O  O     . ALA B 2 4  ? -10.245 8.052   -3.297  1.00 31.37  ? 196 ALA A O     1 
ATOM   69  C  CB    . ALA B 2 4  ? -13.429 8.674   -3.070  1.00 33.50  ? 196 ALA A CB    1 
ATOM   70  N  N     . PHE B 2 5  ? -11.460 6.178   -3.520  1.00 23.69  ? 197 PHE A N     1 
ATOM   71  C  CA    . PHE B 2 5  ? -10.378 5.355   -2.996  1.00 23.69  ? 197 PHE A CA    1 
ATOM   72  C  C     . PHE B 2 5  ? -9.184  5.417   -3.938  1.00 23.69  ? 197 PHE A C     1 
ATOM   73  O  O     . PHE B 2 5  ? -8.060  5.645   -3.497  1.00 23.69  ? 197 PHE A O     1 
ATOM   74  C  CB    . PHE B 2 5  ? -10.795 3.896   -2.769  1.00 24.64  ? 197 PHE A CB    1 
ATOM   75  C  CG    . PHE B 2 5  ? -9.679  3.038   -2.243  1.00 24.64  ? 197 PHE A CG    1 
ATOM   76  C  CD1   . PHE B 2 5  ? -9.241  3.168   -0.931  1.00 24.64  ? 197 PHE A CD1   1 
ATOM   77  C  CD2   . PHE B 2 5  ? -9.000  2.167   -3.088  1.00 24.64  ? 197 PHE A CD2   1 
ATOM   78  C  CE1   . PHE B 2 5  ? -8.134  2.456   -0.470  1.00 24.64  ? 197 PHE A CE1   1 
ATOM   79  C  CE2   . PHE B 2 5  ? -7.892  1.448   -2.645  1.00 24.64  ? 197 PHE A CE2   1 
ATOM   80  C  CZ    . PHE B 2 5  ? -7.457  1.595   -1.333  1.00 24.64  ? 197 PHE A CZ    1 
ATOM   81  N  N     . VAL B 2 6  ? -9.430  5.265   -5.238  1.00 25.35  ? 198 VAL A N     1 
ATOM   82  C  CA    . VAL B 2 6  ? -8.339  5.307   -6.211  1.00 25.35  ? 198 VAL A CA    1 
ATOM   83  C  C     . VAL B 2 6  ? -7.524  6.594   -6.060  1.00 25.35  ? 198 VAL A C     1 
ATOM   84  O  O     . VAL B 2 6  ? -6.294  6.547   -5.951  1.00 25.35  ? 198 VAL A O     1 
ATOM   85  C  CB    . VAL B 2 6  ? -8.845  5.127   -7.667  1.00 16.82  ? 198 VAL A CB    1 
ATOM   86  C  CG1   . VAL B 2 6  ? -7.682  5.225   -8.652  1.00 16.82  ? 198 VAL A CG1   1 
ATOM   87  C  CG2   . VAL B 2 6  ? -9.542  3.775   -7.814  1.00 16.82  ? 198 VAL A CG2   1 
ATOM   88  N  N     . ASN B 2 7  ? -8.204  7.731   -5.976  1.00 21.23  ? 199 ASN A N     1 
ATOM   89  C  CA    . ASN B 2 7  ? -7.506  9.002   -5.795  1.00 21.23  ? 199 ASN A CA    1 
ATOM   90  C  C     . ASN B 2 7  ? -6.755  9.035   -4.462  1.00 21.23  ? 199 ASN A C     1 
ATOM   91  O  O     . ASN B 2 7  ? -5.594  9.438   -4.421  1.00 21.23  ? 199 ASN A O     1 
ATOM   92  C  CB    . ASN B 2 7  ? -8.471  10.182  -5.879  1.00 34.56  ? 199 ASN A CB    1 
ATOM   93  C  CG    . ASN B 2 7  ? -9.222  10.220  -7.184  1.00 34.56  ? 199 ASN A CG    1 
ATOM   94  O  OD1   . ASN B 2 7  ? -8.683  9.858   -8.235  1.00 34.56  ? 199 ASN A OD1   1 
ATOM   95  N  ND2   . ASN B 2 7  ? -10.469 10.663  -7.136  1.00 34.56  ? 199 ASN A ND2   1 
ATOM   96  N  N     . LYS B 2 8  ? -7.404  8.607   -3.374  1.00 19.26  ? 200 LYS A N     1 
ATOM   97  C  CA    . LYS B 2 8  ? -6.775  8.585   -2.047  1.00 19.26  ? 200 LYS A CA    1 
ATOM   98  C  C     . LYS B 2 8  ? -5.456  7.824   -2.073  1.00 19.26  ? 200 LYS A C     1 
ATOM   99  O  O     . LYS B 2 8  ? -4.433  8.323   -1.611  1.00 19.26  ? 200 LYS A O     1 
ATOM   100 C  CB    . LYS B 2 8  ? -7.710  7.952   -1.019  1.00 49.40  ? 200 LYS A CB    1 
ATOM   101 C  CG    . LYS B 2 8  ? -8.977  8.739   -0.760  1.00 49.40  ? 200 LYS A CG    1 
ATOM   102 C  CD    . LYS B 2 8  ? -8.766  9.968   0.105   1.00 49.40  ? 200 LYS A CD    1 
ATOM   103 C  CE    . LYS B 2 8  ? -9.993  10.850  0.009   1.00 49.40  ? 200 LYS A CE    1 
ATOM   104 N  NZ    . LYS B 2 8  ? -11.200 10.212  0.581   1.00 49.40  ? 200 LYS A NZ    1 
ATOM   105 N  N     . LEU B 2 9  ? -5.478  6.625   -2.653  1.00 18.00  ? 201 LEU A N     1 
ATOM   106 C  CA    . LEU B 2 9  ? -4.281  5.792   -2.773  1.00 18.00  ? 201 LEU A CA    1 
ATOM   107 C  C     . LEU B 2 9  ? -3.211  6.477   -3.632  1.00 18.00  ? 201 LEU A C     1 
ATOM   108 O  O     . LEU B 2 9  ? -2.051  6.559   -3.234  1.00 18.00  ? 201 LEU A O     1 
ATOM   109 C  CB    . LEU B 2 9  ? -4.633  4.434   -3.380  1.00 19.49  ? 201 LEU A CB    1 
ATOM   110 C  CG    . LEU B 2 9  ? -3.504  3.407   -3.428  1.00 19.49  ? 201 LEU A CG    1 
ATOM   111 C  CD1   . LEU B 2 9  ? -3.143  3.005   -2.005  1.00 19.49  ? 201 LEU A CD1   1 
ATOM   112 C  CD2   . LEU B 2 9  ? -3.946  2.190   -4.235  1.00 19.49  ? 201 LEU A CD2   1 
ATOM   113 N  N     . TRP B 2 10 ? -3.596  6.935   -4.822  1.00 16.94  ? 202 TRP A N     1 
ATOM   114 C  CA    . TRP B 2 10 ? -2.676  7.619   -5.727  1.00 16.94  ? 202 TRP A CA    1 
ATOM   115 C  C     . TRP B 2 10 ? -1.990  8.780   -4.996  1.00 16.94  ? 202 TRP A C     1 
ATOM   116 O  O     . TRP B 2 10 ? -0.767  8.932   -5.032  1.00 16.94  ? 202 TRP A O     1 
ATOM   117 C  CB    . TRP B 2 10 ? -3.439  8.143   -6.952  1.00 27.07  ? 202 TRP A CB    1 
ATOM   118 C  CG    . TRP B 2 10 ? -2.564  8.789   -7.986  1.00 27.07  ? 202 TRP A CG    1 
ATOM   119 C  CD1   . TRP B 2 10 ? -2.569  10.100  -8.364  1.00 27.07  ? 202 TRP A CD1   1 
ATOM   120 C  CD2   . TRP B 2 10 ? -1.558  8.148   -8.781  1.00 27.07  ? 202 TRP A CD2   1 
ATOM   121 N  NE1   . TRP B 2 10 ? -1.633  10.316  -9.347  1.00 27.07  ? 202 TRP A NE1   1 
ATOM   122 C  CE2   . TRP B 2 10 ? -0.995  9.133   -9.620  1.00 27.07  ? 202 TRP A CE2   1 
ATOM   123 C  CE3   . TRP B 2 10 ? -1.076  6.835   -8.866  1.00 27.07  ? 202 TRP A CE3   1 
ATOM   124 C  CZ2   . TRP B 2 10 ? 0.024   8.846   -10.533 1.00 27.07  ? 202 TRP A CZ2   1 
ATOM   125 C  CZ3   . TRP B 2 10 ? -0.059  6.555   -9.777  1.00 27.07  ? 202 TRP A CZ3   1 
ATOM   126 C  CH2   . TRP B 2 10 ? 0.477   7.554   -10.595 1.00 27.07  ? 202 TRP A CH2   1 
ATOM   127 N  N     . SER B 2 11 ? -2.788  9.586   -4.312  1.00 19.93  ? 203 SER A N     1 
ATOM   128 C  CA    . SER B 2 11 ? -2.303  10.726  -3.546  1.00 19.93  ? 203 SER A CA    1 
ATOM   129 C  C     . SER B 2 11 ? -1.373  10.300  -2.411  1.00 19.93  ? 203 SER A C     1 
ATOM   130 O  O     . SER B 2 11 ? -0.316  10.892  -2.200  1.00 19.93  ? 203 SER A O     1 
ATOM   131 C  CB    . SER B 2 11 ? -3.494  11.480  -2.964  1.00 31.24  ? 203 SER A CB    1 
ATOM   132 O  OG    . SER B 2 11 ? -3.031  12.590  -2.239  1.00 31.24  ? 203 SER A OG    1 
HETATM 133 N  N     . MSE B 2 12 ? -1.811  9.298   -1.660  1.00 23.83  ? 204 MSE A N     1 
HETATM 134 C  CA    . MSE B 2 12 ? -1.081  8.741   -0.541  1.00 23.83  ? 204 MSE A CA    1 
HETATM 135 C  C     . MSE B 2 12 ? 0.298   8.211   -0.930  1.00 23.83  ? 204 MSE A C     1 
HETATM 136 O  O     . MSE B 2 12 ? 1.294   8.565   -0.310  1.00 23.83  ? 204 MSE A O     1 
HETATM 137 C  CB    . MSE B 2 12 ? -1.927  7.628   0.063   1.00 23.69  ? 204 MSE A CB    1 
HETATM 138 C  CG    . MSE B 2 12 ? -1.352  6.958   1.272   1.00 23.69  ? 204 MSE A CG    1 
HETATM 139 SE SE    . MSE B 2 12 ? -2.340  5.527   1.683   1.00 23.69  ? 204 MSE A SE    1 
HETATM 140 C  CE    . MSE B 2 12 ? -3.978  6.162   1.452   1.00 23.69  ? 204 MSE A CE    1 
ATOM   141 N  N     . VAL B 2 13 ? 0.361   7.386   -1.969  1.00 21.80  ? 205 VAL A N     1 
ATOM   142 C  CA    . VAL B 2 13 ? 1.624   6.800   -2.424  1.00 21.80  ? 205 VAL A CA    1 
ATOM   143 C  C     . VAL B 2 13 ? 2.622   7.795   -3.011  1.00 21.80  ? 205 VAL A C     1 
ATOM   144 O  O     . VAL B 2 13 ? 3.836   7.595   -2.901  1.00 21.80  ? 205 VAL A O     1 
ATOM   145 C  CB    . VAL B 2 13 ? 1.383   5.711   -3.488  1.00 22.92  ? 205 VAL A CB    1 
ATOM   146 C  CG1   . VAL B 2 13 ? 2.671   4.980   -3.791  1.00 22.92  ? 205 VAL A CG1   1 
ATOM   147 C  CG2   . VAL B 2 13 ? 0.354   4.730   -3.006  1.00 22.92  ? 205 VAL A CG2   1 
ATOM   148 N  N     . ASN B 2 14 ? 2.118   8.802   -3.717  1.00 35.06  ? 206 ASN A N     1 
ATOM   149 C  CA    . ASN B 2 14 ? 2.981   9.794   -4.355  1.00 35.06  ? 206 ASN A CA    1 
ATOM   150 C  C     . ASN B 2 14 ? 3.424   10.979  -3.501  1.00 35.06  ? 206 ASN A C     1 
ATOM   151 O  O     . ASN B 2 14 ? 4.341   11.696  -3.887  1.00 35.06  ? 206 ASN A O     1 
ATOM   152 C  CB    . ASN B 2 14 ? 2.362   10.269  -5.675  1.00 19.19  ? 206 ASN A CB    1 
ATOM   153 C  CG    . ASN B 2 14 ? 2.132   9.119   -6.651  1.00 19.19  ? 206 ASN A CG    1 
ATOM   154 O  OD1   . ASN B 2 14 ? 3.010   8.289   -6.870  1.00 19.19  ? 206 ASN A OD1   1 
ATOM   155 N  ND2   . ASN B 2 14 ? 0.932   9.029   -7.187  1.00 19.19  ? 206 ASN A ND2   1 
ATOM   156 N  N     . ASP B 2 15 ? 2.748   11.218  -2.381  1.00 27.30  ? 207 ASP A N     1 
ATOM   157 C  CA    . ASP B 2 15 ? 3.107   12.309  -1.482  1.00 27.30  ? 207 ASP A CA    1 
ATOM   158 C  C     . ASP B 2 15 ? 4.400   11.978  -0.744  1.00 27.30  ? 207 ASP A C     1 
ATOM   159 O  O     . ASP B 2 15 ? 4.418   11.138  0.160   1.00 27.30  ? 207 ASP A O     1 
ATOM   160 C  CB    . ASP B 2 15 ? 1.978   12.557  -0.471  1.00 26.76  ? 207 ASP A CB    1 
ATOM   161 C  CG    . ASP B 2 15 ? 2.161   13.852  0.310   1.00 26.76  ? 207 ASP A CG    1 
ATOM   162 O  OD1   . ASP B 2 15 ? 3.245   14.079  0.872   1.00 26.76  ? 207 ASP A OD1   1 
ATOM   163 O  OD2   . ASP B 2 15 ? 1.208   14.645  0.355   1.00 26.76  ? 207 ASP A OD2   1 
ATOM   164 N  N     . LYS B 2 16 ? 5.448   12.736  -1.037  1.00 38.15  ? 208 LYS A N     1 
ATOM   165 C  CA    . LYS B 2 16 ? 6.757   12.514  -0.430  1.00 38.15  ? 208 LYS A CA    1 
ATOM   166 C  C     . LYS B 2 16 ? 6.798   12.498  1.097   1.00 38.15  ? 208 LYS A C     1 
ATOM   167 O  O     . LYS B 2 16 ? 7.675   11.859  1.683   1.00 38.15  ? 208 LYS A O     1 
ATOM   168 C  CB    . LYS B 2 16 ? 7.788   13.508  -0.981  1.00 98.90  ? 208 LYS A CB    1 
ATOM   169 C  CG    . LYS B 2 16 ? 8.843   12.866  -1.883  1.00 86.44  ? 208 LYS A CG    1 
ATOM   170 C  CD    . LYS B 2 16 ? 8.330   12.086  -3.095  1.00 86.44  ? 208 LYS A CD    1 
ATOM   171 C  CE    . LYS B 2 16 ? 9.402   11.220  -3.752  1.00 86.44  ? 208 LYS A CE    1 
ATOM   172 N  NZ    . LYS B 2 16 ? 9.552   9.890   -3.093  1.00 86.44  ? 208 LYS A NZ    1 
ATOM   173 N  N     . SER B 2 17 ? 5.824   13.126  1.747   1.00 35.24  ? 209 SER A N     1 
ATOM   174 C  CA    . SER B 2 17 ? 5.822   13.155  3.199   1.00 35.24  ? 209 SER A CA    1 
ATOM   175 C  C     . SER B 2 17 ? 5.470   11.800  3.821   1.00 35.24  ? 209 SER A C     1 
ATOM   176 O  O     . SER B 2 17 ? 5.614   11.617  5.032   1.00 35.24  ? 209 SER A O     1 
ATOM   177 C  CB    . SER B 2 17 ? 4.896   14.260  3.719   1.00 32.90  ? 209 SER A CB    1 
ATOM   178 O  OG    . SER B 2 17 ? 3.543   14.004  3.384   1.00 32.90  ? 209 SER A OG    1 
ATOM   179 N  N     . ASN B 2 18 ? 5.004   10.855  3.006   1.00 27.02  ? 210 ASN A N     1 
ATOM   180 C  CA    . ASN B 2 18 ? 4.662   9.531   3.508   1.00 27.02  ? 210 ASN A CA    1 
ATOM   181 C  C     . ASN B 2 18 ? 5.734   8.527   3.119   1.00 27.02  ? 210 ASN A C     1 
ATOM   182 O  O     . ASN B 2 18 ? 5.641   7.365   3.482   1.00 27.02  ? 210 ASN A O     1 
ATOM   183 C  CB    . ASN B 2 18 ? 3.352   9.045   2.903   1.00 22.39  ? 210 ASN A CB    1 
ATOM   184 C  CG    . ASN B 2 18 ? 2.220   10.025  3.069   1.00 22.39  ? 210 ASN A CG    1 
ATOM   185 O  OD1   . ASN B 2 18 ? 2.126   10.741  4.062   1.00 22.39  ? 210 ASN A OD1   1 
ATOM   186 N  ND2   . ASN B 2 18 ? 1.349   10.066  2.080   1.00 22.39  ? 210 ASN A ND2   1 
ATOM   187 N  N     . GLU B 2 19 ? 6.770   8.983   2.415   1.00 37.46  ? 211 GLU A N     1 
ATOM   188 C  CA    . GLU B 2 19 ? 7.842   8.115   1.920   1.00 37.46  ? 211 GLU A CA    1 
ATOM   189 C  C     . GLU B 2 19 ? 8.361   7.027   2.860   1.00 37.46  ? 211 GLU A C     1 
ATOM   190 O  O     . GLU B 2 19 ? 8.647   5.911   2.419   1.00 37.46  ? 211 GLU A O     1 
ATOM   191 C  CB    . GLU B 2 19 ? 9.009   8.961   1.403   1.00 91.47  ? 211 GLU A CB    1 
ATOM   192 C  CG    . GLU B 2 19 ? 10.028  8.189   0.571   1.00 82.10  ? 211 GLU A CG    1 
ATOM   193 C  CD    . GLU B 2 19 ? 11.169  9.059   0.059   1.00 82.10  ? 211 GLU A CD    1 
ATOM   194 O  OE1   . GLU B 2 19 ? 11.700  9.878   0.840   1.00 82.10  ? 211 GLU A OE1   1 
ATOM   195 O  OE2   . GLU B 2 19 ? 11.541  8.923   -1.125  1.00 82.10  ? 211 GLU A OE2   1 
ATOM   196 N  N     . LYS B 2 20 ? 8.471   7.332   4.146   1.00 38.24  ? 212 LYS A N     1 
ATOM   197 C  CA    . LYS B 2 20 ? 8.976   6.362   5.116   1.00 38.24  ? 212 LYS A CA    1 
ATOM   198 C  C     . LYS B 2 20 ? 7.980   5.275   5.518   1.00 38.24  ? 212 LYS A C     1 
ATOM   199 O  O     . LYS B 2 20 ? 8.377   4.219   6.000   1.00 38.24  ? 212 LYS A O     1 
ATOM   200 C  CB    . LYS B 2 20 ? 9.472   7.084   6.370   1.00 91.01  ? 212 LYS A CB    1 
ATOM   201 C  CG    . LYS B 2 20 ? 10.520  8.155   6.102   1.00 91.01  ? 212 LYS A CG    1 
ATOM   202 C  CD    . LYS B 2 20 ? 11.959  7.731   6.347   1.00 91.01  ? 212 LYS A CD    1 
ATOM   203 C  CE    . LYS B 2 20 ? 12.321  7.836   7.826   1.00 91.01  ? 212 LYS A CE    1 
ATOM   204 N  NZ    . LYS B 2 20 ? 13.731  7.428   8.096   1.00 91.01  ? 212 LYS A NZ    1 
ATOM   205 N  N     . PHE B 2 21 ? 6.697   5.499   5.273   1.00 24.89  ? 213 PHE A N     1 
ATOM   206 C  CA    . PHE B 2 21 ? 5.673   4.541   5.668   1.00 24.89  ? 213 PHE A CA    1 
ATOM   207 C  C     . PHE B 2 21 ? 5.024   3.800   4.496   1.00 24.89  ? 213 PHE A C     1 
ATOM   208 O  O     . PHE B 2 21 ? 4.537   2.677   4.655   1.00 24.89  ? 213 PHE A O     1 
ATOM   209 C  CB    . PHE B 2 21 ? 4.610   5.260   6.497   1.00 41.01  ? 213 PHE A CB    1 
ATOM   210 C  CG    . PHE B 2 21 ? 5.183   6.266   7.450   1.00 41.01  ? 213 PHE A CG    1 
ATOM   211 C  CD1   . PHE B 2 21 ? 5.770   5.858   8.650   1.00 41.01  ? 213 PHE A CD1   1 
ATOM   212 C  CD2   . PHE B 2 21 ? 5.174   7.627   7.133   1.00 41.01  ? 213 PHE A CD2   1 
ATOM   213 C  CE1   . PHE B 2 21 ? 6.341   6.783   9.521   1.00 41.01  ? 213 PHE A CE1   1 
ATOM   214 C  CE2   . PHE B 2 21 ? 5.742   8.565   7.990   1.00 41.01  ? 213 PHE A CE2   1 
ATOM   215 C  CZ    . PHE B 2 21 ? 6.328   8.141   9.190   1.00 41.01  ? 213 PHE A CZ    1 
ATOM   216 N  N     . ILE B 2 22 ? 4.977   4.442   3.336   1.00 30.04  ? 214 ILE A N     1 
ATOM   217 C  CA    . ILE B 2 22 ? 4.403   3.839   2.144   1.00 30.04  ? 214 ILE A CA    1 
ATOM   218 C  C     . ILE B 2 22 ? 5.003   4.505   0.918   1.00 30.04  ? 214 ILE A C     1 
ATOM   219 O  O     . ILE B 2 22 ? 5.115   5.733   0.856   1.00 30.04  ? 214 ILE A O     1 
ATOM   220 C  CB    . ILE B 2 22 ? 2.879   3.994   2.113   1.00 19.18  ? 214 ILE A CB    1 
ATOM   221 C  CG1   . ILE B 2 22 ? 2.311   3.303   0.864   1.00 19.18  ? 214 ILE A CG1   1 
ATOM   222 C  CG2   . ILE B 2 22 ? 2.511   5.469   2.169   1.00 19.18  ? 214 ILE A CG2   1 
ATOM   223 C  CD1   . ILE B 2 22 ? 0.803   3.322   0.763   1.00 19.18  ? 214 ILE A CD1   1 
ATOM   224 N  N     . HIS B 2 23 ? 5.405   3.692   -0.050  1.00 22.72  ? 215 HIS A N     1 
ATOM   225 C  CA    . HIS B 2 23 ? 6.011   4.201   -1.276  1.00 22.72  ? 215 HIS A CA    1 
ATOM   226 C  C     . HIS B 2 23 ? 6.101   3.130   -2.353  1.00 22.72  ? 215 HIS A C     1 
ATOM   227 O  O     . HIS B 2 23 ? 5.963   1.940   -2.075  1.00 22.72  ? 215 HIS A O     1 
ATOM   228 C  CB    . HIS B 2 23 ? 7.425   4.699   -0.986  1.00 24.21  ? 215 HIS A CB    1 
ATOM   229 C  CG    . HIS B 2 23 ? 8.334   3.628   -0.482  1.00 24.21  ? 215 HIS A CG    1 
ATOM   230 N  ND1   . HIS B 2 23 ? 9.046   2.799   -1.321  1.00 24.21  ? 215 HIS A ND1   1 
ATOM   231 C  CD2   . HIS B 2 23 ? 8.626   3.228   0.777   1.00 24.21  ? 215 HIS A CD2   1 
ATOM   232 C  CE1   . HIS B 2 23 ? 9.739   1.937   -0.602  1.00 24.21  ? 215 HIS A CE1   1 
ATOM   233 N  NE2   . HIS B 2 23 ? 9.500   2.175   0.676   1.00 24.21  ? 215 HIS A NE2   1 
ATOM   234 N  N     . TRP B 2 24 ? 6.355   3.568   -3.580  1.00 28.99  ? 216 TRP A N     1 
ATOM   235 C  CA    . TRP B 2 24 ? 6.487   2.665   -4.710  1.00 28.99  ? 216 TRP A CA    1 
ATOM   236 C  C     . TRP B 2 24 ? 7.784   1.904   -4.598  1.00 28.99  ? 216 TRP A C     1 
ATOM   237 O  O     . TRP B 2 24 ? 8.766   2.416   -4.064  1.00 28.99  ? 216 TRP A O     1 
ATOM   238 C  CB    . TRP B 2 24 ? 6.553   3.447   -6.021  1.00 19.32  ? 216 TRP A CB    1 
ATOM   239 C  CG    . TRP B 2 24 ? 5.277   4.064   -6.451  1.00 19.32  ? 216 TRP A CG    1 
ATOM   240 C  CD1   . TRP B 2 24 ? 4.994   5.397   -6.521  1.00 19.32  ? 216 TRP A CD1   1 
ATOM   241 C  CD2   . TRP B 2 24 ? 4.120   3.379   -6.927  1.00 19.32  ? 216 TRP A CD2   1 
ATOM   242 N  NE1   . TRP B 2 24 ? 3.734   5.586   -7.012  1.00 19.32  ? 216 TRP A NE1   1 
ATOM   243 C  CE2   . TRP B 2 24 ? 3.167   4.359   -7.274  1.00 19.32  ? 216 TRP A CE2   1 
ATOM   244 C  CE3   . TRP B 2 24 ? 3.793   2.021   -7.102  1.00 19.32  ? 216 TRP A CE3   1 
ATOM   245 C  CZ2   . TRP B 2 24 ? 1.908   4.034   -7.776  1.00 19.32  ? 216 TRP A CZ2   1 
ATOM   246 C  CZ3   . TRP B 2 24 ? 2.542   1.695   -7.607  1.00 19.32  ? 216 TRP A CZ3   1 
ATOM   247 C  CH2   . TRP B 2 24 ? 1.617   2.694   -7.940  1.00 19.32  ? 216 TRP A CH2   1 
ATOM   248 N  N     A SER B 2 25 ? 7.771   0.664   -5.072  0.59 17.25  ? 217 SER A N     1 
ATOM   249 N  N     B SER B 2 25 ? 7.761   0.641   -5.008  0.38 26.85  ? 217 SER A N     1 
ATOM   250 C  CA    A SER B 2 25 ? 8.959   -0.168  -5.075  0.59 17.25  ? 217 SER A CA    1 
ATOM   251 C  CA    B SER B 2 25 ? 8.950   -0.196  -4.962  0.38 26.85  ? 217 SER A CA    1 
ATOM   252 C  C     A SER B 2 25 ? 9.902   0.456   -6.102  0.59 17.25  ? 217 SER A C     1 
ATOM   253 C  C     B SER B 2 25 ? 10.026  0.325   -5.896  0.38 26.85  ? 217 SER A C     1 
ATOM   254 O  O     A SER B 2 25 ? 9.456   1.039   -7.093  0.59 17.25  ? 217 SER A O     1 
ATOM   255 O  O     B SER B 2 25 ? 9.732   0.990   -6.890  0.38 26.85  ? 217 SER A O     1 
ATOM   256 C  CB    A SER B 2 25 ? 8.605   -1.582  -5.512  0.59 32.78  ? 217 SER A CB    1 
ATOM   257 C  CB    B SER B 2 25 ? 8.608   -1.629  -5.355  0.38 24.82  ? 217 SER A CB    1 
ATOM   258 O  OG    A SER B 2 25 ? 7.908   -1.584  -6.752  0.59 32.78  ? 217 SER A OG    1 
ATOM   259 O  OG    B SER B 2 25 ? 8.133   -1.697  -6.697  0.38 24.82  ? 217 SER A OG    1 
ATOM   260 N  N     A THR B 2 26 ? 11.199  0.324   -5.859  0.59 26.95  ? 218 THR A N     1 
ATOM   261 N  N     B THR B 2 26 ? 11.269  -0.051  -5.620  0.38 77.19  ? 218 THR A N     1 
ATOM   262 C  CA    A THR B 2 26 ? 12.235  0.860   -6.733  0.59 26.95  ? 218 THR A CA    1 
ATOM   263 C  CA    B THR B 2 26 ? 12.394  0.364   -6.441  0.38 77.19  ? 218 THR A CA    1 
ATOM   264 C  C     A THR B 2 26 ? 11.953  0.693   -8.227  0.59 26.95  ? 218 THR A C     1 
ATOM   265 C  C     B THR B 2 26 ? 12.378  -0.315  -7.814  0.38 77.19  ? 218 THR A C     1 
ATOM   266 O  O     A THR B 2 26 ? 12.062  -0.414  -8.759  0.59 26.95  ? 218 THR A O     1 
ATOM   267 O  O     B THR B 2 26 ? 13.347  -0.222  -8.570  0.38 77.19  ? 218 THR A O     1 
ATOM   268 C  CB    A THR B 2 26 ? 13.573  0.178   -6.427  0.59 54.87  ? 218 THR A CB    1 
ATOM   269 C  CB    B THR B 2 26 ? 13.729  0.070   -5.725  0.38 95.10  ? 218 THR A CB    1 
ATOM   270 O  OG1   A THR B 2 26 ? 13.328  -1.186  -6.056  0.59 54.87  ? 218 THR A OG1   1 
ATOM   271 O  OG1   B THR B 2 26 ? 13.716  -1.273  -5.224  0.38 95.10  ? 218 THR A OG1   1 
ATOM   272 C  CG2   A THR B 2 26 ? 14.298  0.886   -5.305  0.59 54.87  ? 218 THR A CG2   1 
ATOM   273 C  CG2   B THR B 2 26 ? 13.943  1.037   -4.570  0.38 95.10  ? 218 THR A CG2   1 
ATOM   274 N  N     A SER B 2 27 ? 11.561  1.780   -8.887  0.59 94.96  ? 219 SER A N     1 
ATOM   275 N  N     B SER B 2 27 ? 11.294  -1.030  -8.111  0.38 98.50  ? 219 SER A N     1 
ATOM   276 C  CA    A SER B 2 27 ? 11.273  1.755   -10.321 0.59 94.96  ? 219 SER A CA    1 
ATOM   277 C  CA    B SER B 2 27 ? 11.162  -1.708  -9.390  0.38 98.50  ? 219 SER A CA    1 
ATOM   278 C  C     A SER B 2 27 ? 10.292  0.637   -10.706 0.59 94.96  ? 219 SER A C     1 
ATOM   279 C  C     B SER B 2 27 ? 10.219  -0.911  -10.287 0.38 98.50  ? 219 SER A C     1 
ATOM   280 O  O     A SER B 2 27 ? 10.432  0.012   -11.764 0.59 94.96  ? 219 SER A O     1 
ATOM   281 O  O     B SER B 2 27 ? 10.580  -0.562  -11.416 0.38 98.50  ? 219 SER A O     1 
ATOM   282 C  CB    A SER B 2 27 ? 12.586  1.606   -11.103 0.59 60.66  ? 219 SER A CB    1 
ATOM   283 C  CB    B SER B 2 27 ? 10.650  -3.138  -9.195  0.38 67.44  ? 219 SER A CB    1 
ATOM   284 O  OG    A SER B 2 27 ? 12.369  1.585   -12.505 0.59 60.66  ? 219 SER A OG    1 
ATOM   285 O  OG    B SER B 2 27 ? 9.312   -3.165  -8.729  0.38 67.44  ? 219 SER A OG    1 
ATOM   286 N  N     A GLY B 2 28 ? 9.292   0.398   -9.861  0.59 75.67  ? 220 GLY A N     1 
ATOM   287 N  N     B GLY B 2 28 ? 9.020   -0.614  -9.786  0.38 61.95  ? 220 GLY A N     1 
ATOM   288 C  CA    A GLY B 2 28 ? 8.329   -0.649  -10.150 0.59 75.67  ? 220 GLY A CA    1 
ATOM   289 C  CA    B GLY B 2 28 ? 8.085   0.162   -10.584 0.38 61.95  ? 220 GLY A CA    1 
ATOM   290 C  C     A GLY B 2 28 ? 6.878   -0.241  -9.986  0.59 75.67  ? 220 GLY A C     1 
ATOM   291 C  C     B GLY B 2 28 ? 6.588   0.144   -10.316 0.38 61.95  ? 220 GLY A C     1 
ATOM   292 O  O     A GLY B 2 28 ? 6.552   0.949   -9.856  0.59 75.67  ? 220 GLY A O     1 
ATOM   293 O  O     B GLY B 2 28 ? 5.966   1.212   -10.274 0.38 61.95  ? 220 GLY A O     1 
ATOM   294 N  N     A GLU B 2 29 ? 6.000   -1.239  -10.013 0.59 40.71  ? 221 GLU A N     1 
ATOM   295 N  N     B GLU B 2 29 ? 5.993   -1.029  -10.116 0.38 33.44  ? 221 GLU A N     1 
ATOM   296 C  CA    A GLU B 2 29 ? 4.569   -1.006  -9.878  0.59 40.71  ? 221 GLU A CA    1 
ATOM   297 C  CA    B GLU B 2 29 ? 4.543   -1.090  -9.922  0.38 33.44  ? 221 GLU A CA    1 
ATOM   298 C  C     A GLU B 2 29 ? 3.931   -1.677  -8.665  0.59 40.71  ? 221 GLU A C     1 
ATOM   299 C  C     B GLU B 2 29 ? 3.939   -1.741  -8.682  0.38 33.44  ? 221 GLU A C     1 
ATOM   300 O  O     A GLU B 2 29 ? 2.736   -1.999  -8.691  0.59 40.71  ? 221 GLU A O     1 
ATOM   301 O  O     B GLU B 2 29 ? 2.756   -2.089  -8.699  0.38 33.44  ? 221 GLU A O     1 
ATOM   302 C  CB    A GLU B 2 29 ? 3.837   -1.437  -11.153 0.59 14.33  ? 221 GLU A CB    1 
ATOM   303 C  CB    B GLU B 2 29 ? 3.877   -1.702  -11.163 0.38 28.78  ? 221 GLU A CB    1 
ATOM   304 C  CG    A GLU B 2 29 ? 4.240   -0.664  -12.391 0.59 14.33  ? 221 GLU A CG    1 
ATOM   305 C  CG    B GLU B 2 29 ? 4.065   -0.916  -12.449 0.38 28.78  ? 221 GLU A CG    1 
ATOM   306 C  CD    A GLU B 2 29 ? 3.247   0.412   -12.761 0.59 14.33  ? 221 GLU A CD    1 
ATOM   307 C  CD    B GLU B 2 29 ? 3.081   0.223   -12.601 0.38 28.78  ? 221 GLU A CD    1 
ATOM   308 O  OE1   A GLU B 2 29 ? 2.833   1.173   -11.866 0.59 14.33  ? 221 GLU A OE1   1 
ATOM   309 O  OE1   B GLU B 2 29 ? 2.968   1.044   -11.671 0.38 28.78  ? 221 GLU A OE1   1 
ATOM   310 O  OE2   A GLU B 2 29 ? 2.880   0.499   -13.953 0.59 14.33  ? 221 GLU A OE2   1 
ATOM   311 O  OE2   B GLU B 2 29 ? 2.424   0.304   -13.661 0.38 28.78  ? 221 GLU A OE2   1 
ATOM   312 N  N     . SER B 2 30 ? 4.726   -1.932  -7.630  1.00 21.04  ? 222 SER A N     1 
ATOM   313 C  CA    . SER B 2 30 ? 4.200   -2.544  -6.423  1.00 21.04  ? 222 SER A CA    1 
ATOM   314 C  C     . SER B 2 30 ? 4.340   -1.521  -5.317  1.00 21.04  ? 222 SER A C     1 
ATOM   315 O  O     . SER B 2 30 ? 5.287   -0.741  -5.333  1.00 21.04  ? 222 SER A O     1 
ATOM   316 C  CB    . SER B 2 30 ? 4.876   -3.878  -6.102  1.00 38.69  ? 222 SER A CB    1 
ATOM   317 O  OG    . SER B 2 30 ? 6.182   -3.718  -5.608  1.00 38.69  ? 222 SER A OG    1 
ATOM   318 N  N     . ILE B 2 31 ? 3.403   -1.538  -4.375  1.00 21.20  ? 223 ILE A N     1 
ATOM   319 C  CA    . ILE B 2 31 ? 3.350   -0.612  -3.243  1.00 21.20  ? 223 ILE A CA    1 
ATOM   320 C  C     . ILE B 2 31 ? 3.910   -1.262  -1.994  1.00 21.20  ? 223 ILE A C     1 
ATOM   321 O  O     . ILE B 2 31 ? 3.375   -2.260  -1.528  1.00 21.20  ? 223 ILE A O     1 
ATOM   322 C  CB    . ILE B 2 31 ? 1.902   -0.186  -2.974  1.00 11.10  ? 223 ILE A CB    1 
ATOM   323 C  CG1   . ILE B 2 31 ? 1.361   0.585   -4.181  1.00 11.10  ? 223 ILE A CG1   1 
ATOM   324 C  CG2   . ILE B 2 31 ? 1.835   0.651   -1.729  1.00 11.10  ? 223 ILE A CG2   1 
ATOM   325 C  CD1   . ILE B 2 31 ? -0.138  0.735   -4.186  1.00 11.10  ? 223 ILE A CD1   1 
ATOM   326 N  N     . VAL B 2 32 ? 4.994   -0.695  -1.476  1.00 26.47  ? 224 VAL A N     1 
ATOM   327 C  CA    . VAL B 2 32 ? 5.669   -1.212  -0.295  1.00 26.47  ? 224 VAL A CA    1 
ATOM   328 C  C     . VAL B 2 32 ? 5.310   -0.422  0.958   1.00 26.47  ? 224 VAL A C     1 
ATOM   329 O  O     . VAL B 2 32 ? 5.403   0.809   0.966   1.00 26.47  ? 224 VAL A O     1 
ATOM   330 C  CB    . VAL B 2 32 ? 7.194   -1.165  -0.486  1.00 15.37  ? 224 VAL A CB    1 
ATOM   331 C  CG1   . VAL B 2 32 ? 7.908   -1.621  0.780   1.00 15.37  ? 224 VAL A CG1   1 
ATOM   332 C  CG2   . VAL B 2 32 ? 7.593   -2.018  -1.671  1.00 15.37  ? 224 VAL A CG2   1 
ATOM   333 N  N     . VAL B 2 33 ? 4.865   -1.140  1.985   1.00 20.56  ? 225 VAL A N     1 
ATOM   334 C  CA    . VAL B 2 33 ? 4.491   -0.588  3.285   1.00 20.56  ? 225 VAL A CA    1 
ATOM   335 C  C     . VAL B 2 33 ? 5.460   -1.299  4.231   1.00 20.56  ? 225 VAL A C     1 
ATOM   336 O  O     . VAL B 2 33 ? 5.232   -2.445  4.618   1.00 20.56  ? 225 VAL A O     1 
ATOM   337 C  CB    . VAL B 2 33 ? 3.041   -0.971  3.656   1.00 18.65  ? 225 VAL A CB    1 
ATOM   338 C  CG1   . VAL B 2 33 ? 2.711   -0.533  5.086   1.00 18.65  ? 225 VAL A CG1   1 
ATOM   339 C  CG2   . VAL B 2 33 ? 2.051   -0.365  2.648   1.00 18.65  ? 225 VAL A CG2   1 
ATOM   340 N  N     . PRO B 2 34 ? 6.588   -0.652  4.546   1.00 28.73  ? 226 PRO A N     1 
ATOM   341 C  CA    . PRO B 2 34 ? 7.647   -1.167  5.423   1.00 28.73  ? 226 PRO A CA    1 
ATOM   342 C  C     . PRO B 2 34 ? 7.265   -1.659  6.817   1.00 28.73  ? 226 PRO A C     1 
ATOM   343 O  O     . PRO B 2 34 ? 7.977   -2.505  7.394   1.00 28.73  ? 226 PRO A O     1 
ATOM   344 C  CB    . PRO B 2 34 ? 8.628   0.011   5.506   1.00 20.07  ? 226 PRO A CB    1 
ATOM   345 C  CG    . PRO B 2 34 ? 8.411   0.746   4.217   1.00 20.07  ? 226 PRO A CG    1 
ATOM   346 C  CD    . PRO B 2 34 ? 6.908   0.714   4.087   1.00 20.07  ? 226 PRO A CD    1 
ATOM   347 N  N     . ASN B 2 35 ? 6.199   -1.091  7.377   1.00 20.97  ? 227 ASN A N     1 
ATOM   348 C  CA    . ASN B 2 35 ? 5.738   -1.438  8.711   1.00 20.97  ? 227 ASN A CA    1 
ATOM   349 C  C     . ASN B 2 35 ? 4.268   -1.098  8.898   1.00 20.97  ? 227 ASN A C     1 
ATOM   350 O  O     . ASN B 2 35 ? 3.896   0.073   8.993   1.00 20.97  ? 227 ASN A O     1 
ATOM   351 C  CB    . ASN B 2 35 ? 6.573   -0.697  9.757   1.00 38.97  ? 227 ASN A CB    1 
ATOM   352 C  CG    . ASN B 2 35 ? 6.167   -1.037  11.182  1.00 38.97  ? 227 ASN A CG    1 
ATOM   353 O  OD1   . ASN B 2 35 ? 5.182   -0.517  11.690  1.00 38.97  ? 227 ASN A OD1   1 
ATOM   354 N  ND2   . ASN B 2 35 ? 6.942   -1.892  11.838  1.00 38.97  ? 227 ASN A ND2   1 
ATOM   355 N  N     . ARG B 2 36 ? 3.434   -2.130  8.925   1.00 33.50  ? 228 ARG A N     1 
ATOM   356 C  CA    . ARG B 2 36 ? 1.987   -2.015  9.118   1.00 33.50  ? 228 ARG A CA    1 
ATOM   357 C  C     . ARG B 2 36 ? 1.616   -1.014  10.211  1.00 33.50  ? 228 ARG A C     1 
ATOM   358 O  O     . ARG B 2 36 ? 0.908   -0.043  9.950   1.00 33.50  ? 228 ARG A O     1 
ATOM   359 C  CB    . ARG B 2 36 ? 1.404   -3.394  9.456   1.00 32.89  ? 228 ARG A CB    1 
ATOM   360 C  CG    . ARG B 2 36 ? -0.089  -3.413  9.721   1.00 32.89  ? 228 ARG A CG    1 
ATOM   361 C  CD    . ARG B 2 36 ? -0.428  -4.778  10.302  1.00 32.89  ? 228 ARG A CD    1 
ATOM   362 N  NE    . ARG B 2 36 ? -1.874  -4.894  10.482  1.00 32.89  ? 228 ARG A NE    1 
ATOM   363 C  CZ    . ARG B 2 36 ? -2.560  -6.031  10.382  1.00 32.89  ? 228 ARG A CZ    1 
ATOM   364 N  NH1   . ARG B 2 36 ? -1.935  -7.174  10.109  1.00 32.89  ? 228 ARG A NH1   1 
ATOM   365 N  NH2   . ARG B 2 36 ? -3.884  -6.016  10.509  1.00 32.89  ? 228 ARG A NH2   1 
ATOM   366 N  N     . GLU B 2 37 ? 2.148   -1.228  11.411  1.00 36.63  ? 229 GLU A N     1 
ATOM   367 C  CA    . GLU B 2 37 ? 1.878   -0.374  12.577  1.00 36.63  ? 229 GLU A CA    1 
ATOM   368 C  C     . GLU B 2 37 ? 2.077   1.120   12.339  1.00 36.63  ? 229 GLU A C     1 
ATOM   369 O  O     . GLU B 2 37 ? 1.136   1.905   12.478  1.00 36.63  ? 229 GLU A O     1 
ATOM   370 C  CB    . GLU B 2 37 ? 2.722   -0.827  13.773  1.00 85.12  ? 229 GLU A CB    1 
ATOM   371 C  CG    . GLU B 2 37 ? 2.250   -2.122  14.434  1.00 85.12  ? 229 GLU A CG    1 
ATOM   372 C  CD    . GLU B 2 37 ? 2.226   -3.316  13.486  1.00 85.12  ? 229 GLU A CD    1 
ATOM   373 O  OE1   . GLU B 2 37 ? 3.309   -3.842  13.138  1.00 85.12  ? 229 GLU A OE1   1 
ATOM   374 O  OE2   . GLU B 2 37 ? 1.118   -3.727  13.085  1.00 85.12  ? 229 GLU A OE2   1 
ATOM   375 N  N     . ARG B 2 38 ? 3.292   1.510   11.957  1.00 37.89  ? 230 ARG A N     1 
ATOM   376 C  CA    . ARG B 2 38 ? 3.612   2.915   11.683  1.00 37.89  ? 230 ARG A CA    1 
ATOM   377 C  C     . ARG B 2 38 ? 2.692   3.510   10.614  1.00 37.89  ? 230 ARG A C     1 
ATOM   378 O  O     . ARG B 2 38 ? 2.166   4.609   10.793  1.00 37.89  ? 230 ARG A O     1 
ATOM   379 C  CB    . ARG B 2 38 ? 5.080   3.065   11.278  1.00 94.31  ? 230 ARG A CB    1 
ATOM   380 C  CG    . ARG B 2 38 ? 6.043   2.903   12.441  1.00 94.31  ? 230 ARG A CG    1 
ATOM   381 C  CD    . ARG B 2 38 ? 7.516   2.889   12.086  1.00 94.31  ? 230 ARG A CD    1 
ATOM   382 N  NE    . ARG B 2 38 ? 8.268   2.921   13.339  1.00 94.31  ? 230 ARG A NE    1 
ATOM   383 C  CZ    . ARG B 2 38 ? 8.643   1.844   14.024  1.00 94.31  ? 230 ARG A CZ    1 
ATOM   384 N  NH1   . ARG B 2 38 ? 8.344   0.629   13.583  1.00 94.31  ? 230 ARG A NH1   1 
ATOM   385 N  NH2   . ARG B 2 38 ? 9.316   1.981   15.163  1.00 94.31  ? 230 ARG A NH2   1 
ATOM   386 N  N     . PHE B 2 39 ? 2.458   2.769   9.530   1.00 32.90  ? 231 PHE A N     1 
ATOM   387 C  CA    . PHE B 2 39 ? 1.573   3.215   8.450   1.00 32.90  ? 231 PHE A CA    1 
ATOM   388 C  C     . PHE B 2 39 ? 0.173   3.543   8.997   1.00 32.90  ? 231 PHE A C     1 
ATOM   389 O  O     . PHE B 2 39 ? -0.387  4.610   8.709   1.00 32.90  ? 231 PHE A O     1 
ATOM   390 C  CB    . PHE B 2 39 ? 1.501   2.128   7.359   1.00 21.79  ? 231 PHE A CB    1 
ATOM   391 C  CG    . PHE B 2 39 ? 0.388   2.326   6.362   1.00 21.79  ? 231 PHE A CG    1 
ATOM   392 C  CD1   . PHE B 2 39 ? 0.541   3.196   5.287   1.00 21.79  ? 231 PHE A CD1   1 
ATOM   393 C  CD2   . PHE B 2 39 ? -0.821  1.652   6.511   1.00 21.79  ? 231 PHE A CD2   1 
ATOM   394 C  CE1   . PHE B 2 39 ? -0.495  3.395   4.376   1.00 21.79  ? 231 PHE A CE1   1 
ATOM   395 C  CE2   . PHE B 2 39 ? -1.868  1.844   5.602   1.00 21.79  ? 231 PHE A CE2   1 
ATOM   396 C  CZ    . PHE B 2 39 ? -1.700  2.718   4.539   1.00 21.79  ? 231 PHE A CZ    1 
ATOM   397 N  N     . VAL B 2 40 ? -0.391  2.619   9.773   1.00 34.47  ? 232 VAL A N     1 
ATOM   398 C  CA    . VAL B 2 40 ? -1.716  2.795   10.373  1.00 34.47  ? 232 VAL A CA    1 
ATOM   399 C  C     . VAL B 2 40 ? -1.768  4.013   11.309  1.00 34.47  ? 232 VAL A C     1 
ATOM   400 O  O     . VAL B 2 40 ? -2.793  4.697   11.389  1.00 34.47  ? 232 VAL A O     1 
ATOM   401 C  CB    . VAL B 2 40 ? -2.153  1.514   11.143  1.00 22.73  ? 232 VAL A CB    1 
ATOM   402 C  CG1   . VAL B 2 40 ? -3.473  1.726   11.847  1.00 22.73  ? 232 VAL A CG1   1 
ATOM   403 C  CG2   . VAL B 2 40 ? -2.275  0.341   10.182  1.00 22.73  ? 232 VAL A CG2   1 
ATOM   404 N  N     . GLN B 2 41 ? -0.677  4.262   12.025  1.00 39.59  ? 233 GLN A N     1 
ATOM   405 C  CA    . GLN B 2 41 ? -0.602  5.393   12.950  1.00 39.59  ? 233 GLN A CA    1 
ATOM   406 C  C     . GLN B 2 41 ? -0.361  6.762   12.296  1.00 39.59  ? 233 GLN A C     1 
ATOM   407 O  O     . GLN B 2 41 ? -1.084  7.716   12.578  1.00 39.59  ? 233 GLN A O     1 
ATOM   408 C  CB    . GLN B 2 41 ? 0.480   5.154   14.020  1.00 80.86  ? 233 GLN A CB    1 
ATOM   409 C  CG    . GLN B 2 41 ? 0.457   3.785   14.727  1.00 72.38  ? 233 GLN A CG    1 
ATOM   410 C  CD    . GLN B 2 41 ? -0.796  3.520   15.546  1.00 72.38  ? 233 GLN A CD    1 
ATOM   411 O  OE1   . GLN B 2 41 ? -1.283  2.390   15.609  1.00 72.38  ? 233 GLN A OE1   1 
ATOM   412 N  NE2   . GLN B 2 41 ? -1.315  4.559   16.184  1.00 72.38  ? 233 GLN A NE2   1 
ATOM   413 N  N     . GLU B 2 42 ? 0.631   6.847   11.413  1.00 30.34  ? 234 GLU A N     1 
ATOM   414 C  CA    . GLU B 2 42 ? 1.002   8.105   10.768  1.00 30.34  ? 234 GLU A CA    1 
ATOM   415 C  C     . GLU B 2 42 ? 0.328   8.512   9.469   1.00 30.34  ? 234 GLU A C     1 
ATOM   416 O  O     . GLU B 2 42 ? 0.081   9.701   9.251   1.00 30.34  ? 234 GLU A O     1 
ATOM   417 C  CB    . GLU B 2 42 ? 2.512   8.146   10.539  1.00 63.41  ? 234 GLU A CB    1 
ATOM   418 C  CG    . GLU B 2 42 ? 3.357   7.803   11.756  1.00 63.41  ? 234 GLU A CG    1 
ATOM   419 C  CD    . GLU B 2 42 ? 3.061   8.690   12.949  1.00 63.41  ? 234 GLU A CD    1 
ATOM   420 O  OE1   . GLU B 2 42 ? 3.351   9.905   12.877  1.00 63.41  ? 234 GLU A OE1   1 
ATOM   421 O  OE2   . GLU B 2 42 ? 2.532   8.171   13.953  1.00 63.41  ? 234 GLU A OE2   1 
ATOM   422 N  N     . VAL B 2 43 ? 0.028   7.541   8.610   1.00 32.77  ? 235 VAL A N     1 
ATOM   423 C  CA    . VAL B 2 43 ? -0.544  7.825   7.296   1.00 32.77  ? 235 VAL A CA    1 
ATOM   424 C  C     . VAL B 2 43 ? -2.037  7.632   7.098   1.00 32.77  ? 235 VAL A C     1 
ATOM   425 O  O     . VAL B 2 43 ? -2.723  8.525   6.604   1.00 32.77  ? 235 VAL A O     1 
ATOM   426 C  CB    . VAL B 2 43 ? 0.196   7.019   6.196   1.00 26.62  ? 235 VAL A CB    1 
ATOM   427 C  CG1   . VAL B 2 43 ? -0.414  7.279   4.834   1.00 26.62  ? 235 VAL A CG1   1 
ATOM   428 C  CG2   . VAL B 2 43 ? 1.670   7.380   6.188   1.00 26.62  ? 235 VAL A CG2   1 
ATOM   429 N  N     . LEU B 2 44 ? -2.549  6.470   7.479   1.00 34.32  ? 236 LEU A N     1 
ATOM   430 C  CA    . LEU B 2 44 ? -3.967  6.168   7.281   1.00 34.32  ? 236 LEU A CA    1 
ATOM   431 C  C     . LEU B 2 44 ? -4.960  7.267   7.694   1.00 34.32  ? 236 LEU A C     1 
ATOM   432 O  O     . LEU B 2 44 ? -5.762  7.725   6.876   1.00 34.32  ? 236 LEU A O     1 
ATOM   433 C  CB    . LEU B 2 44 ? -4.314  4.827   7.932   1.00 30.66  ? 236 LEU A CB    1 
ATOM   434 C  CG    . LEU B 2 44 ? -5.384  3.988   7.241   1.00 30.66  ? 236 LEU A CG    1 
ATOM   435 C  CD1   . LEU B 2 44 ? -5.148  3.956   5.734   1.00 30.66  ? 236 LEU A CD1   1 
ATOM   436 C  CD2   . LEU B 2 44 ? -5.342  2.586   7.823   1.00 30.66  ? 236 LEU A CD2   1 
ATOM   437 N  N     . PRO B 2 45 ? -4.848  7.782   8.931   1.00 44.03  ? 237 PRO A N     1 
ATOM   438 C  CA    . PRO B 2 45 ? -5.742  8.830   9.431   1.00 44.03  ? 237 PRO A CA    1 
ATOM   439 C  C     . PRO B 2 45 ? -5.863  10.096  8.571   1.00 44.03  ? 237 PRO A C     1 
ATOM   440 O  O     . PRO B 2 45 ? -6.885  10.780  8.619   1.00 44.03  ? 237 PRO A O     1 
ATOM   441 C  CB    . PRO B 2 45 ? -5.135  9.154   10.792  1.00 29.93  ? 237 PRO A CB    1 
ATOM   442 C  CG    . PRO B 2 45 ? -4.578  7.854   11.223  1.00 29.93  ? 237 PRO A CG    1 
ATOM   443 C  CD    . PRO B 2 45 ? -3.886  7.397   9.977   1.00 29.93  ? 237 PRO A CD    1 
ATOM   444 N  N     . LYS B 2 46 ? -4.840  10.395  7.771   1.00 28.53  ? 238 LYS A N     1 
ATOM   445 C  CA    . LYS B 2 46 ? -4.850  11.586  6.929   1.00 28.53  ? 238 LYS A CA    1 
ATOM   446 C  C     . LYS B 2 46 ? -5.778  11.459  5.732   1.00 28.53  ? 238 LYS A C     1 
ATOM   447 O  O     . LYS B 2 46 ? -6.156  12.461  5.131   1.00 28.53  ? 238 LYS A O     1 
ATOM   448 C  CB    . LYS B 2 46 ? -3.449  11.874  6.393   1.00 27.18  ? 238 LYS A CB    1 
ATOM   449 C  CG    . LYS B 2 46 ? -2.401  12.101  7.443   1.00 27.18  ? 238 LYS A CG    1 
ATOM   450 C  CD    . LYS B 2 46 ? -1.053  12.061  6.736   1.00 27.18  ? 238 LYS A CD    1 
ATOM   451 C  CE    . LYS B 2 46 ? -0.770  13.047  5.611   1.00 27.18  ? 238 LYS A CE    1 
ATOM   452 N  NZ    . LYS B 2 46 ? 0.712   13.187  5.380   1.00 27.18  ? 238 LYS A NZ    1 
ATOM   453 N  N     . TYR B 2 47 ? -6.141  10.230  5.381   1.00 34.66  ? 239 TYR A N     1 
ATOM   454 C  CA    . TYR B 2 47 ? -6.989  10.008  4.222   1.00 34.66  ? 239 TYR A CA    1 
ATOM   455 C  C     . TYR B 2 47 ? -8.290  9.318   4.576   1.00 34.66  ? 239 TYR A C     1 
ATOM   456 O  O     . TYR B 2 47 ? -9.284  9.432   3.855   1.00 34.66  ? 239 TYR A O     1 
ATOM   457 C  CB    . TYR B 2 47 ? -6.230  9.180   3.179   1.00 19.59  ? 239 TYR A CB    1 
ATOM   458 C  CG    . TYR B 2 47 ? -4.874  9.749   2.833   1.00 19.59  ? 239 TYR A CG    1 
ATOM   459 C  CD1   . TYR B 2 47 ? -4.731  10.699  1.826   1.00 19.59  ? 239 TYR A CD1   1 
ATOM   460 C  CD2   . TYR B 2 47 ? -3.735  9.366   3.538   1.00 19.59  ? 239 TYR A CD2   1 
ATOM   461 C  CE1   . TYR B 2 47 ? -3.492  11.257  1.535   1.00 19.59  ? 239 TYR A CE1   1 
ATOM   462 C  CE2   . TYR B 2 47 ? -2.495  9.920   3.250   1.00 19.59  ? 239 TYR A CE2   1 
ATOM   463 C  CZ    . TYR B 2 47 ? -2.385  10.862  2.252   1.00 19.59  ? 239 TYR A CZ    1 
ATOM   464 O  OH    . TYR B 2 47 ? -1.163  11.412  1.975   1.00 19.59  ? 239 TYR A OH    1 
ATOM   465 N  N     . PHE B 2 48 ? -8.271  8.559   5.659   1.00 53.51  ? 240 PHE A N     1 
ATOM   466 C  CA    . PHE B 2 48 ? -9.459  7.849   6.089   1.00 53.51  ? 240 PHE A CA    1 
ATOM   467 C  C     . PHE B 2 48 ? -9.683  8.066   7.577   1.00 53.51  ? 240 PHE A C     1 
ATOM   468 O  O     . PHE B 2 48 ? -8.816  7.758   8.386   1.00 53.51  ? 240 PHE A O     1 
ATOM   469 C  CB    . PHE B 2 48 ? -9.293  6.358   5.791   1.00 33.08  ? 240 PHE A CB    1 
ATOM   470 C  CG    . PHE B 2 48 ? -8.872  6.060   4.367   1.00 33.08  ? 240 PHE A CG    1 
ATOM   471 C  CD1   . PHE B 2 48 ? -9.808  6.022   3.341   1.00 33.08  ? 240 PHE A CD1   1 
ATOM   472 C  CD2   . PHE B 2 48 ? -7.534  5.812   4.065   1.00 33.08  ? 240 PHE A CD2   1 
ATOM   473 C  CE1   . PHE B 2 48 ? -9.419  5.740   2.029   1.00 33.08  ? 240 PHE A CE1   1 
ATOM   474 C  CE2   . PHE B 2 48 ? -7.137  5.532   2.764   1.00 33.08  ? 240 PHE A CE2   1 
ATOM   475 C  CZ    . PHE B 2 48 ? -8.080  5.495   1.742   1.00 33.08  ? 240 PHE A CZ    1 
ATOM   476 N  N     . LYS B 2 49 ? -10.842 8.605   7.935   1.00 66.32  ? 241 LYS A N     1 
ATOM   477 C  CA    . LYS B 2 49 ? -11.151 8.857   9.338   1.00 66.32  ? 241 LYS A CA    1 
ATOM   478 C  C     . LYS B 2 49 ? -11.602 7.594   10.069  1.00 66.32  ? 241 LYS A C     1 
ATOM   479 O  O     . LYS B 2 49 ? -11.049 7.222   11.105  1.00 66.32  ? 241 LYS A O     1 
ATOM   480 C  CB    . LYS B 2 49 ? -12.236 9.931   9.458   1.00 96.00  ? 241 LYS A CB    1 
ATOM   481 C  CG    . LYS B 2 49 ? -11.852 11.292  8.892   1.00 96.00  ? 241 LYS A CG    1 
ATOM   482 C  CD    . LYS B 2 49 ? -12.778 12.403  9.373   1.00 96.00  ? 241 LYS A CD    1 
ATOM   483 C  CE    . LYS B 2 49 ? -14.272 12.098  9.306   1.00 96.00  ? 241 LYS A CE    1 
ATOM   484 N  NZ    . LYS B 2 49 ? -14.789 11.977  7.912   1.00 96.00  ? 241 LYS A NZ    1 
ATOM   485 N  N     . HIS B 2 50 ? -12.622 6.939   9.528   1.00 85.45  ? 242 HIS A N     1 
ATOM   486 C  CA    . HIS B 2 50 ? -13.151 5.730   10.142  1.00 85.45  ? 242 HIS A CA    1 
ATOM   487 C  C     . HIS B 2 50 ? -12.517 4.535   9.455   1.00 85.45  ? 242 HIS A C     1 
ATOM   488 O  O     . HIS B 2 50 ? -13.174 3.844   8.676   1.00 85.45  ? 242 HIS A O     1 
ATOM   489 C  CB    . HIS B 2 50 ? -14.674 5.664   9.972   1.00 100.00 ? 242 HIS A CB    1 
ATOM   490 C  CG    . HIS B 2 50 ? -15.375 6.972   10.183  1.00 100.00 ? 242 HIS A CG    1 
ATOM   491 N  ND1   . HIS B 2 50 ? -15.017 7.861   11.174  1.00 100.00 ? 242 HIS A ND1   1 
ATOM   492 C  CD2   . HIS B 2 50 ? -16.412 7.543   9.522   1.00 100.00 ? 242 HIS A CD2   1 
ATOM   493 C  CE1   . HIS B 2 50 ? -15.802 8.925   11.116  1.00 100.00 ? 242 HIS A CE1   1 
ATOM   494 N  NE2   . HIS B 2 50 ? -16.656 8.757   10.124  1.00 100.00 ? 242 HIS A NE2   1 
ATOM   495 N  N     . SER B 2 51 ? -11.239 4.293   9.725   1.00 82.75  ? 243 SER A N     1 
ATOM   496 C  CA    . SER B 2 51 ? -10.582 3.174   9.077   1.00 82.75  ? 243 SER A CA    1 
ATOM   497 C  C     . SER B 2 51 ? -9.479  2.481   9.866   1.00 82.75  ? 243 SER A C     1 
ATOM   498 O  O     . SER B 2 51 ? -8.868  3.045   10.781  1.00 82.75  ? 243 SER A O     1 
ATOM   499 C  CB    . SER B 2 51 ? -10.071 3.590   7.690   1.00 74.01  ? 243 SER A CB    1 
ATOM   500 O  OG    . SER B 2 51 ? -9.877  2.464   6.841   1.00 74.01  ? 243 SER A OG    1 
ATOM   501 N  N     . ASN B 2 52 ? -9.250  1.233   9.470   1.00 44.09  ? 244 ASN A N     1 
ATOM   502 C  CA    . ASN B 2 52 ? -8.260  0.340   10.055  1.00 44.09  ? 244 ASN A CA    1 
ATOM   503 C  C     . ASN B 2 52 ? -7.616  -0.427  8.900   1.00 44.09  ? 244 ASN A C     1 
ATOM   504 O  O     . ASN B 2 52 ? -8.156  -0.470  7.788   1.00 44.09  ? 244 ASN A O     1 
ATOM   505 C  CB    . ASN B 2 52 ? -8.916  -0.623  11.068  1.00 84.79  ? 244 ASN A CB    1 
ATOM   506 C  CG    . ASN B 2 52 ? -9.797  -1.698  10.412  1.00 84.79  ? 244 ASN A CG    1 
ATOM   507 O  OD1   . ASN B 2 52 ? -9.910  -2.809  10.930  1.00 84.79  ? 244 ASN A OD1   1 
ATOM   508 N  ND2   . ASN B 2 52 ? -10.436 -1.368  9.294   1.00 84.79  ? 244 ASN A ND2   1 
ATOM   509 N  N     . PHE B 2 53 ? -6.510  -1.095  9.173   1.00 32.81  ? 245 PHE A N     1 
ATOM   510 C  CA    . PHE B 2 53 ? -5.795  -1.804  8.133   1.00 32.81  ? 245 PHE A CA    1 
ATOM   511 C  C     . PHE B 2 53 ? -6.609  -2.802  7.321   1.00 32.81  ? 245 PHE A C     1 
ATOM   512 O  O     . PHE B 2 53 ? -6.531  -2.809  6.089   1.00 32.81  ? 245 PHE A O     1 
ATOM   513 C  CB    . PHE B 2 53 ? -4.574  -2.492  8.705   1.00 21.65  ? 245 PHE A CB    1 
ATOM   514 C  CG    . PHE B 2 53 ? -3.533  -2.760  7.687   1.00 21.65  ? 245 PHE A CG    1 
ATOM   515 C  CD1   . PHE B 2 53 ? -2.962  -1.707  6.990   1.00 21.65  ? 245 PHE A CD1   1 
ATOM   516 C  CD2   . PHE B 2 53 ? -3.113  -4.052  7.424   1.00 21.65  ? 245 PHE A CD2   1 
ATOM   517 C  CE1   . PHE B 2 53 ? -1.987  -1.931  6.048   1.00 21.65  ? 245 PHE A CE1   1 
ATOM   518 C  CE2   . PHE B 2 53 ? -2.140  -4.286  6.486   1.00 21.65  ? 245 PHE A CE2   1 
ATOM   519 C  CZ    . PHE B 2 53 ? -1.570  -3.216  5.793   1.00 21.65  ? 245 PHE A CZ    1 
ATOM   520 N  N     . ALA B 2 54 ? -7.401  -3.632  7.996   1.00 35.83  ? 246 ALA A N     1 
ATOM   521 C  CA    . ALA B 2 54 ? -8.218  -4.641  7.320   1.00 35.83  ? 246 ALA A CA    1 
ATOM   522 C  C     . ALA B 2 54 ? -9.154  -4.043  6.274   1.00 35.83  ? 246 ALA A C     1 
ATOM   523 O  O     . ALA B 2 54 ? -9.268  -4.567  5.168   1.00 35.83  ? 246 ALA A O     1 
ATOM   524 C  CB    . ALA B 2 54 ? -9.009  -5.443  8.335   1.00 24.55  ? 246 ALA A CB    1 
ATOM   525 N  N     . SER B 2 55 ? -9.809  -2.933  6.614   1.00 34.11  ? 247 SER A N     1 
ATOM   526 C  CA    . SER B 2 55 ? -10.734 -2.257  5.701   1.00 34.11  ? 247 SER A CA    1 
ATOM   527 C  C     . SER B 2 55 ? -9.964  -1.704  4.492   1.00 34.11  ? 247 SER A C     1 
ATOM   528 O  O     . SER B 2 55 ? -10.409 -1.813  3.349   1.00 34.11  ? 247 SER A O     1 
ATOM   529 C  CB    . SER B 2 55 ? -11.489 -1.154  6.447   1.00 52.11  ? 247 SER A CB    1 
ATOM   530 O  OG    . SER B 2 55 ? -11.891 -0.105  5.588   1.00 52.11  ? 247 SER A OG    1 
ATOM   531 N  N     . PHE B 2 56 ? -8.788  -1.142  4.756   1.00 23.68  ? 248 PHE A N     1 
ATOM   532 C  CA    . PHE B 2 56 ? -7.913  -0.600  3.721   1.00 23.68  ? 248 PHE A CA    1 
ATOM   533 C  C     . PHE B 2 56 ? -7.558  -1.698  2.712   1.00 23.68  ? 248 PHE A C     1 
ATOM   534 O  O     . PHE B 2 56 ? -7.741  -1.526  1.508   1.00 23.68  ? 248 PHE A O     1 
ATOM   535 C  CB    . PHE B 2 56 ? -6.650  -0.055  4.378   1.00 15.87  ? 248 PHE A CB    1 
ATOM   536 C  CG    . PHE B 2 56 ? -5.689  0.577   3.421   1.00 15.87  ? 248 PHE A CG    1 
ATOM   537 C  CD1   . PHE B 2 56 ? -6.079  1.654   2.635   1.00 15.87  ? 248 PHE A CD1   1 
ATOM   538 C  CD2   . PHE B 2 56 ? -4.386  0.102   3.316   1.00 15.87  ? 248 PHE A CD2   1 
ATOM   539 C  CE1   . PHE B 2 56 ? -5.185  2.246   1.756   1.00 15.87  ? 248 PHE A CE1   1 
ATOM   540 C  CE2   . PHE B 2 56 ? -3.488  0.695   2.438   1.00 15.87  ? 248 PHE A CE2   1 
ATOM   541 C  CZ    . PHE B 2 56 ? -3.890  1.767   1.658   1.00 15.87  ? 248 PHE A CZ    1 
ATOM   542 N  N     . VAL B 2 57 ? -7.056  -2.830  3.201   1.00 21.80  ? 249 VAL A N     1 
ATOM   543 C  CA    . VAL B 2 57 ? -6.701  -3.963  2.339   1.00 21.80  ? 249 VAL A CA    1 
ATOM   544 C  C     . VAL B 2 57 ? -7.909  -4.444  1.549   1.00 21.80  ? 249 VAL A C     1 
ATOM   545 O  O     . VAL B 2 57 ? -7.780  -4.799  0.376   1.00 21.80  ? 249 VAL A O     1 
ATOM   546 C  CB    . VAL B 2 57 ? -6.131  -5.147  3.142   1.00 15.01  ? 249 VAL A CB    1 
ATOM   547 C  CG1   . VAL B 2 57 ? -5.866  -6.338  2.222   1.00 15.01  ? 249 VAL A CG1   1 
ATOM   548 C  CG2   . VAL B 2 57 ? -4.865  -4.735  3.824   1.00 15.01  ? 249 VAL A CG2   1 
ATOM   549 N  N     . ARG B 2 58 ? -9.071  -4.494  2.197   1.00 24.25  ? 250 ARG A N     1 
ATOM   550 C  CA    . ARG B 2 58 ? -10.303 -4.900  1.532   1.00 24.25  ? 250 ARG A CA    1 
ATOM   551 C  C     . ARG B 2 58 ? -10.536 -3.970  0.337   1.00 24.25  ? 250 ARG A C     1 
ATOM   552 O  O     . ARG B 2 58 ? -10.863 -4.433  -0.754  1.00 24.25  ? 250 ARG A O     1 
ATOM   553 C  CB    . ARG B 2 58 ? -11.480 -4.846  2.501   1.00 89.77  ? 250 ARG A CB    1 
ATOM   554 C  CG    . ARG B 2 58 ? -12.583 -5.839  2.178   1.00 89.77  ? 250 ARG A CG    1 
ATOM   555 C  CD    . ARG B 2 58 ? -13.675 -5.840  3.246   1.00 89.77  ? 250 ARG A CD    1 
ATOM   556 N  NE    . ARG B 2 58 ? -13.213 -6.114  4.616   1.00 89.77  ? 250 ARG A NE    1 
ATOM   557 C  CZ    . ARG B 2 58 ? -13.979 -6.023  5.703   1.00 89.77  ? 250 ARG A CZ    1 
ATOM   558 N  NH1   . ARG B 2 58 ? -15.256 -5.670  5.601   1.00 89.77  ? 250 ARG A NH1   1 
ATOM   559 N  NH2   . ARG B 2 58 ? -13.466 -6.276  6.902   1.00 89.77  ? 250 ARG A NH2   1 
ATOM   560 N  N     . GLN B 2 59 ? -10.345 -2.664  0.531   1.00 23.52  ? 251 GLN A N     1 
ATOM   561 C  CA    . GLN B 2 59 ? -10.484 -1.682  -0.555  1.00 23.52  ? 251 GLN A CA    1 
ATOM   562 C  C     . GLN B 2 59 ? -9.469  -1.972  -1.673  1.00 23.52  ? 251 GLN A C     1 
ATOM   563 O  O     . GLN B 2 59 ? -9.806  -1.992  -2.850  1.00 23.52  ? 251 GLN A O     1 
ATOM   564 C  CB    . GLN B 2 59 ? -10.256 -0.268  -0.025  1.00 56.23  ? 251 GLN A CB    1 
ATOM   565 C  CG    . GLN B 2 59 ? -11.369 0.271   0.837   1.00 56.23  ? 251 GLN A CG    1 
ATOM   566 C  CD    . GLN B 2 59 ? -12.513 0.821   0.020   1.00 56.23  ? 251 GLN A CD    1 
ATOM   567 O  OE1   . GLN B 2 59 ? -12.656 0.528   -1.173  1.00 56.23  ? 251 GLN A OE1   1 
ATOM   568 N  NE2   . GLN B 2 59 ? -13.340 1.633   0.657   1.00 56.23  ? 251 GLN A NE2   1 
ATOM   569 N  N     . LEU B 2 60 ? -8.210  -2.173  -1.293  1.00 22.10  ? 252 LEU A N     1 
ATOM   570 C  CA    . LEU B 2 60 ? -7.148  -2.485  -2.238  1.00 22.10  ? 252 LEU A CA    1 
ATOM   571 C  C     . LEU B 2 60 ? -7.490  -3.698  -3.095  1.00 22.10  ? 252 LEU A C     1 
ATOM   572 O  O     . LEU B 2 60 ? -7.305  -3.660  -4.316  1.00 22.10  ? 252 LEU A O     1 
ATOM   573 C  CB    . LEU B 2 60 ? -5.826  -2.726  -1.496  1.00 13.18  ? 252 LEU A CB    1 
ATOM   574 C  CG    . LEU B 2 60 ? -5.096  -1.517  -0.922  1.00 13.18  ? 252 LEU A CG    1 
ATOM   575 C  CD1   . LEU B 2 60 ? -3.840  -1.983  -0.236  1.00 13.18  ? 252 LEU A CD1   1 
ATOM   576 C  CD2   . LEU B 2 60 ? -4.752  -0.537  -2.033  1.00 13.18  ? 252 LEU A CD2   1 
ATOM   577 N  N     . ASN B 2 61 ? -7.922  -4.787  -2.448  1.00 29.71  ? 253 ASN A N     1 
ATOM   578 C  CA    . ASN B 2 61 ? -8.315  -6.031  -3.136  1.00 29.71  ? 253 ASN A CA    1 
ATOM   579 C  C     . ASN B 2 61 ? -9.351  -5.714  -4.211  1.00 29.71  ? 253 ASN A C     1 
ATOM   580 O  O     . ASN B 2 61 ? -9.270  -6.234  -5.323  1.00 29.71  ? 253 ASN A O     1 
ATOM   581 C  CB    . ASN B 2 61 ? -8.946  -7.052  -2.168  1.00 22.74  ? 253 ASN A CB    1 
ATOM   582 C  CG    . ASN B 2 61 ? -7.991  -7.565  -1.099  1.00 22.74  ? 253 ASN A CG    1 
ATOM   583 O  OD1   . ASN B 2 61 ? -8.440  -8.102  -0.086  1.00 22.74  ? 253 ASN A OD1   1 
ATOM   584 N  ND2   . ASN B 2 61 ? -6.686  -7.443  -1.322  1.00 22.74  ? 253 ASN A ND2   1 
HETATM 585 N  N     . MSE B 2 62 ? -10.335 -4.887  -3.854  1.00 21.88  ? 254 MSE A N     1 
HETATM 586 C  CA    . MSE B 2 62 ? -11.405 -4.458  -4.761  1.00 21.88  ? 254 MSE A CA    1 
HETATM 587 C  C     . MSE B 2 62 ? -10.840 -3.882  -6.055  1.00 21.88  ? 254 MSE A C     1 
HETATM 588 O  O     . MSE B 2 62 ? -11.386 -4.107  -7.137  1.00 21.88  ? 254 MSE A O     1 
HETATM 589 C  CB    . MSE B 2 62 ? -12.297 -3.416  -4.086  1.00 53.82  ? 254 MSE A CB    1 
HETATM 590 C  CG    . MSE B 2 62 ? -13.769 -3.783  -4.032  1.00 53.82  ? 254 MSE A CG    1 
HETATM 591 SE SE    . MSE B 2 62 ? -14.715 -2.571  -3.077  1.00 53.82  ? 254 MSE A SE    1 
HETATM 592 C  CE    . MSE B 2 62 ? -14.646 -3.315  -1.429  1.00 53.82  ? 254 MSE A CE    1 
ATOM   593 N  N     . TYR B 2 63 ? -9.768  -3.105  -5.944  1.00 20.46  ? 255 TYR A N     1 
ATOM   594 C  CA    . TYR B 2 63 ? -9.143  -2.542  -7.135  1.00 20.46  ? 255 TYR A CA    1 
ATOM   595 C  C     . TYR B 2 63 ? -8.046  -3.399  -7.773  1.00 20.46  ? 255 TYR A C     1 
ATOM   596 O  O     . TYR B 2 63 ? -7.295  -2.941  -8.627  1.00 20.46  ? 255 TYR A O     1 
ATOM   597 C  CB    . TYR B 2 63 ? -8.720  -1.104  -6.880  1.00 27.46  ? 255 TYR A CB    1 
ATOM   598 C  CG    . TYR B 2 63 ? -9.947  -0.260  -6.725  1.00 27.46  ? 255 TYR A CG    1 
ATOM   599 C  CD1   . TYR B 2 63 ? -10.708 0.092   -7.835  1.00 27.46  ? 255 TYR A CD1   1 
ATOM   600 C  CD2   . TYR B 2 63 ? -10.424 0.077   -5.463  1.00 27.46  ? 255 TYR A CD2   1 
ATOM   601 C  CE1   . TYR B 2 63 ? -11.923 0.753   -7.694  1.00 27.46  ? 255 TYR A CE1   1 
ATOM   602 C  CE2   . TYR B 2 63 ? -11.635 0.739   -5.306  1.00 27.46  ? 255 TYR A CE2   1 
ATOM   603 C  CZ    . TYR B 2 63 ? -12.382 1.069   -6.426  1.00 27.46  ? 255 TYR A CZ    1 
ATOM   604 O  OH    . TYR B 2 63 ? -13.594 1.704   -6.269  1.00 27.46  ? 255 TYR A OH    1 
ATOM   605 N  N     . GLY B 2 64 ? -8.047  -4.683  -7.420  1.00 16.40  ? 256 GLY A N     1 
ATOM   606 C  CA    . GLY B 2 64 ? -7.098  -5.628  -7.967  1.00 16.40  ? 256 GLY A CA    1 
ATOM   607 C  C     . GLY B 2 64 ? -5.752  -5.743  -7.294  1.00 16.40  ? 256 GLY A C     1 
ATOM   608 O  O     . GLY B 2 64 ? -4.863  -6.386  -7.863  1.00 16.40  ? 256 GLY A O     1 
ATOM   609 N  N     . TRP B 2 65 ? -5.557  -5.128  -6.130  1.00 13.58  ? 257 TRP A N     1 
ATOM   610 C  CA    . TRP B 2 65 ? -4.260  -5.220  -5.465  1.00 13.58  ? 257 TRP A CA    1 
ATOM   611 C  C     . TRP B 2 65 ? -4.223  -6.433  -4.555  1.00 13.58  ? 257 TRP A C     1 
ATOM   612 O  O     . TRP B 2 65 ? -5.180  -6.710  -3.837  1.00 13.58  ? 257 TRP A O     1 
ATOM   613 C  CB    . TRP B 2 65 ? -3.941  -3.951  -4.672  1.00 12.24  ? 257 TRP A CB    1 
ATOM   614 C  CG    . TRP B 2 65 ? -3.851  -2.690  -5.496  1.00 12.24  ? 257 TRP A CG    1 
ATOM   615 C  CD1   . TRP B 2 65 ? -4.854  -1.797  -5.726  1.00 12.24  ? 257 TRP A CD1   1 
ATOM   616 C  CD2   . TRP B 2 65 ? -2.700  -2.190  -6.193  1.00 12.24  ? 257 TRP A CD2   1 
ATOM   617 N  NE1   . TRP B 2 65 ? -4.403  -0.776  -6.517  1.00 12.24  ? 257 TRP A NE1   1 
ATOM   618 C  CE2   . TRP B 2 65 ? -3.083  -0.993  -6.827  1.00 12.24  ? 257 TRP A CE2   1 
ATOM   619 C  CE3   . TRP B 2 65 ? -1.375  -2.639  -6.341  1.00 12.24  ? 257 TRP A CE3   1 
ATOM   620 C  CZ2   . TRP B 2 65 ? -2.197  -0.230  -7.602  1.00 12.24  ? 257 TRP A CZ2   1 
ATOM   621 C  CZ3   . TRP B 2 65 ? -0.485  -1.876  -7.117  1.00 12.24  ? 257 TRP A CZ3   1 
ATOM   622 C  CH2   . TRP B 2 65 ? -0.904  -0.692  -7.735  1.00 12.24  ? 257 TRP A CH2   1 
ATOM   623 N  N     . HIS B 2 66 ? -3.127  -7.179  -4.623  1.00 18.03  ? 258 HIS A N     1 
ATOM   624 C  CA    . HIS B 2 66 ? -2.939  -8.376  -3.826  1.00 18.03  ? 258 HIS A CA    1 
ATOM   625 C  C     . HIS B 2 66 ? -1.637  -8.322  -3.067  1.00 18.03  ? 258 HIS A C     1 
ATOM   626 O  O     . HIS B 2 66 ? -0.649  -7.779  -3.560  1.00 18.03  ? 258 HIS A O     1 
ATOM   627 C  CB    . HIS B 2 66 ? -2.924  -9.615  -4.721  1.00 16.36  ? 258 HIS A CB    1 
ATOM   628 C  CG    . HIS B 2 66 ? -4.214  -9.851  -5.433  1.00 16.36  ? 258 HIS A CG    1 
ATOM   629 N  ND1   . HIS B 2 66 ? -5.333  -10.340 -4.801  1.00 16.36  ? 258 HIS A ND1   1 
ATOM   630 C  CD2   . HIS B 2 66 ? -4.577  -9.611  -6.713  1.00 16.36  ? 258 HIS A CD2   1 
ATOM   631 C  CE1   . HIS B 2 66 ? -6.335  -10.389 -5.657  1.00 16.36  ? 258 HIS A CE1   1 
ATOM   632 N  NE2   . HIS B 2 66 ? -5.903  -9.954  -6.823  1.00 16.36  ? 258 HIS A NE2   1 
ATOM   633 N  N     . LYS B 2 67 ? -1.628  -8.953  -1.898  1.00 18.02  ? 259 LYS A N     1 
ATOM   634 C  CA    . LYS B 2 67 ? -0.451  -8.988  -1.059  1.00 18.02  ? 259 LYS A CA    1 
ATOM   635 C  C     . LYS B 2 67 ? 0.544   -9.986  -1.637  1.00 18.02  ? 259 LYS A C     1 
ATOM   636 O  O     . LYS B 2 67 ? 0.177   -11.113 -1.974  1.00 18.02  ? 259 LYS A O     1 
ATOM   637 C  CB    . LYS B 2 67 ? -0.831  -9.398  0.365   1.00 25.67  ? 259 LYS A CB    1 
ATOM   638 C  CG    . LYS B 2 67 ? 0.332   -9.399  1.324   1.00 25.67  ? 259 LYS A CG    1 
ATOM   639 C  CD    . LYS B 2 67 ? 0.161   -10.169 2.627   1.00 25.67  ? 259 LYS A CD    1 
ATOM   640 C  CE    . LYS B 2 67 ? 1.579   -9.981  3.135   1.00 25.67  ? 259 LYS A CE    1 
ATOM   641 N  NZ    . LYS B 2 67 ? 1.676   -10.062 4.604   1.00 25.67  ? 259 LYS A NZ    1 
ATOM   642 N  N     . VAL B 2 68 ? 1.786   -9.546  -1.805  1.00 21.49  ? 260 VAL A N     1 
ATOM   643 C  CA    . VAL B 2 68 ? 2.857   -10.387 -2.313  1.00 21.49  ? 260 VAL A CA    1 
ATOM   644 C  C     . VAL B 2 68 ? 3.149   -11.380 -1.184  1.00 21.49  ? 260 VAL A C     1 
ATOM   645 O  O     . VAL B 2 68 ? 3.325   -10.987 -0.027  1.00 21.49  ? 260 VAL A O     1 
ATOM   646 C  CB    . VAL B 2 68 ? 4.129   -9.546  -2.666  1.00 11.71  ? 260 VAL A CB    1 
ATOM   647 C  CG1   . VAL B 2 68 ? 5.279   -10.447 -3.065  1.00 11.71  ? 260 VAL A CG1   1 
ATOM   648 C  CG2   . VAL B 2 68 ? 3.829   -8.597  -3.812  1.00 11.71  ? 260 VAL A CG2   1 
ATOM   649 N  N     . GLN B 2 69 ? 3.139   -12.668 -1.520  1.00 21.48  ? 261 GLN A N     1 
ATOM   650 C  CA    . GLN B 2 69 ? 3.367   -13.744 -0.561  1.00 21.48  ? 261 GLN A CA    1 
ATOM   651 C  C     . GLN B 2 69 ? 4.618   -14.493 -0.982  1.00 21.48  ? 261 GLN A C     1 
ATOM   652 O  O     . GLN B 2 69 ? 4.536   -15.602 -1.519  1.00 21.48  ? 261 GLN A O     1 
ATOM   653 C  CB    . GLN B 2 69 ? 2.158   -14.696 -0.541  1.00 17.27  ? 261 GLN A CB    1 
ATOM   654 C  CG    . GLN B 2 69 ? 0.852   -14.062 -0.054  1.00 17.27  ? 261 GLN A CG    1 
ATOM   655 C  CD    . GLN B 2 69 ? 0.834   -13.814 1.446   1.00 17.27  ? 261 GLN A CD    1 
ATOM   656 O  OE1   . GLN B 2 69 ? 1.878   -13.675 2.077   1.00 17.27  ? 261 GLN A OE1   1 
ATOM   657 N  NE2   . GLN B 2 69 ? -0.362  -13.774 2.023   1.00 17.27  ? 261 GLN A NE2   1 
ATOM   658 N  N     . ASP B 2 70 ? 5.770   -13.874 -0.731  1.00 21.27  ? 262 ASP A N     1 
ATOM   659 C  CA    . ASP B 2 70 ? 7.073   -14.427 -1.091  1.00 21.27  ? 262 ASP A CA    1 
ATOM   660 C  C     . ASP B 2 70 ? 7.905   -14.876 0.097   1.00 21.27  ? 262 ASP A C     1 
ATOM   661 O  O     . ASP B 2 70 ? 9.099   -15.115 -0.029  1.00 21.27  ? 262 ASP A O     1 
ATOM   662 C  CB    . ASP B 2 70 ? 7.871   -13.395 -1.897  1.00 32.67  ? 262 ASP A CB    1 
ATOM   663 C  CG    . ASP B 2 70 ? 8.172   -12.121 -1.110  1.00 32.67  ? 262 ASP A CG    1 
ATOM   664 O  OD1   . ASP B 2 70 ? 7.605   -11.908 -0.018  1.00 32.67  ? 262 ASP A OD1   1 
ATOM   665 O  OD2   . ASP B 2 70 ? 8.991   -11.318 -1.595  1.00 32.67  ? 262 ASP A OD2   1 
ATOM   666 N  N     . VAL B 2 71 ? 7.279   -14.982 1.257   1.00 21.97  ? 263 VAL A N     1 
ATOM   667 C  CA    . VAL B 2 71 ? 7.997   -15.383 2.446   1.00 21.97  ? 263 VAL A CA    1 
ATOM   668 C  C     . VAL B 2 71 ? 7.815   -16.851 2.804   1.00 21.97  ? 263 VAL A C     1 
ATOM   669 O  O     . VAL B 2 71 ? 6.732   -17.299 3.154   1.00 21.97  ? 263 VAL A O     1 
ATOM   670 C  CB    . VAL B 2 71 ? 7.631   -14.464 3.621   1.00 29.42  ? 263 VAL A CB    1 
ATOM   671 C  CG1   . VAL B 2 71 ? 8.055   -15.079 4.942   1.00 29.42  ? 263 VAL A CG1   1 
ATOM   672 C  CG2   . VAL B 2 71 ? 8.298   -13.114 3.423   1.00 29.42  ? 263 VAL A CG2   1 
ATOM   673 N  N     . LYS B 2 72 ? 8.889   -17.609 2.649   1.00 47.40  ? 264 LYS A N     1 
ATOM   674 C  CA    . LYS B 2 72 ? 8.888   -19.025 2.970   1.00 47.40  ? 264 LYS A CA    1 
ATOM   675 C  C     . LYS B 2 72 ? 8.629   -19.086 4.474   1.00 47.40  ? 264 LYS A C     1 
ATOM   676 O  O     . LYS B 2 72 ? 9.342   -18.453 5.240   1.00 47.40  ? 264 LYS A O     1 
ATOM   677 C  CB    . LYS B 2 72 ? 10.265  -19.599 2.634   1.00 41.76  ? 264 LYS A CB    1 
ATOM   678 C  CG    . LYS B 2 72 ? 10.371  -21.101 2.663   1.00 53.71  ? 264 LYS A CG    1 
ATOM   679 C  CD    . LYS B 2 72 ? 11.775  -21.424 2.128   1.00 53.71  ? 264 LYS A CD    1 
ATOM   680 C  CE    . LYS B 2 72 ? 12.060  -21.069 0.660   1.00 53.71  ? 264 LYS A CE    1 
ATOM   681 N  NZ    . LYS B 2 72 ? 13.340  -21.647 0.126   1.00 53.71  ? 264 LYS A NZ    1 
ATOM   682 N  N     . SER B 2 73 ? 7.579   -19.784 4.889   1.00 71.21  ? 265 SER A N     1 
ATOM   683 C  CA    . SER B 2 73 ? 7.253   -19.887 6.307   1.00 71.21  ? 265 SER A CA    1 
ATOM   684 C  C     . SER B 2 73 ? 8.303   -20.692 7.077   1.00 71.21  ? 265 SER A C     1 
ATOM   685 O  O     . SER B 2 73 ? 8.092   -21.862 7.401   1.00 71.21  ? 265 SER A O     1 
ATOM   686 C  CB    . SER B 2 73 ? 5.857   -20.487 6.490   1.00 59.64  ? 265 SER A CB    1 
ATOM   687 O  OG    . SER B 2 73 ? 4.865   -19.609 5.982   1.00 59.64  ? 265 SER A OG    1 
ATOM   688 N  N     . GLY B 2 74 ? 9.431   -20.041 7.353   1.00 88.93  ? 266 GLY A N     1 
ATOM   689 C  CA    . GLY B 2 74 ? 10.530  -20.648 8.079   1.00 88.93  ? 266 GLY A CA    1 
ATOM   690 C  C     . GLY B 2 74 ? 11.530  -19.575 8.481   1.00 88.93  ? 266 GLY A C     1 
ATOM   691 O  O     . GLY B 2 74 ? 12.303  -19.119 7.608   1.00 88.93  ? 266 GLY A O     1 
ATOM   692 N  N     . ASN B 2 79 ? 12.775  -7.219  8.136   1.00 100.00 ? 271 ASN A N     1 
ATOM   693 C  CA    . ASN B 2 79 ? 11.449  -6.965  8.773   1.00 100.00 ? 271 ASN A CA    1 
ATOM   694 C  C     . ASN B 2 79 ? 10.519  -8.152  8.563   1.00 100.00 ? 271 ASN A C     1 
ATOM   695 O  O     . ASN B 2 79 ? 10.378  -8.646  7.444   1.00 100.00 ? 271 ASN A O     1 
ATOM   696 C  CB    . ASN B 2 79 ? 10.820  -5.690  8.203   1.00 100.00 ? 271 ASN A CB    1 
ATOM   697 C  CG    . ASN B 2 79 ? 11.676  -4.466  8.457   1.00 100.00 ? 271 ASN A CG    1 
ATOM   698 O  OD1   . ASN B 2 79 ? 12.892  -4.581  8.625   1.00 100.00 ? 271 ASN A OD1   1 
ATOM   699 N  ND2   . ASN B 2 79 ? 11.058  -3.296  8.465   1.00 100.00 ? 271 ASN A ND2   1 
ATOM   700 N  N     . ASN B 2 80 ? 9.932   -8.633  9.657   1.00 100.00 ? 272 ASN A N     1 
ATOM   701 C  CA    . ASN B 2 80 ? 9.024   -9.777  9.623   1.00 100.00 ? 272 ASN A CA    1 
ATOM   702 C  C     . ASN B 2 80 ? 7.600   -9.402  9.209   1.00 100.00 ? 272 ASN A C     1 
ATOM   703 O  O     . ASN B 2 80 ? 7.403   -8.470  8.435   1.00 100.00 ? 272 ASN A O     1 
ATOM   704 C  CB    . ASN B 2 80 ? 9.023   -10.495 10.981  1.00 99.10  ? 272 ASN A CB    1 
ATOM   705 C  CG    . ASN B 2 80 ? 10.379  -11.068 11.339  1.00 99.10  ? 272 ASN A CG    1 
ATOM   706 O  OD1   . ASN B 2 80 ? 11.220  -10.385 11.924  1.00 99.10  ? 272 ASN A OD1   1 
ATOM   707 N  ND2   . ASN B 2 80 ? 10.607  -12.324 10.975  1.00 99.10  ? 272 ASN A ND2   1 
ATOM   708 N  N     . ASP B 2 81 ? 6.615   -10.094 9.784   1.00 46.67  ? 273 ASP A N     1 
ATOM   709 C  CA    . ASP B 2 81 ? 5.186   -9.894  9.507   1.00 46.67  ? 273 ASP A CA    1 
ATOM   710 C  C     . ASP B 2 81 ? 4.634   -8.459  9.444   1.00 46.67  ? 273 ASP A C     1 
ATOM   711 O  O     . ASP B 2 81 ? 3.442   -8.261  9.191   1.00 46.67  ? 273 ASP A O     1 
ATOM   712 C  CB    . ASP B 2 81 ? 4.340   -10.738 10.478  1.00 100.00 ? 273 ASP A CB    1 
ATOM   713 C  CG    . ASP B 2 81 ? 4.607   -10.408 11.952  1.00 100.00 ? 273 ASP A CG    1 
ATOM   714 O  OD1   . ASP B 2 81 ? 5.772   -10.143 12.326  1.00 100.00 ? 273 ASP A OD1   1 
ATOM   715 O  OD2   . ASP B 2 81 ? 3.642   -10.435 12.748  1.00 100.00 ? 273 ASP A OD2   1 
ATOM   716 N  N     . SER B 2 82 ? 5.469   -7.463  9.722   1.00 46.14  ? 274 SER A N     1 
ATOM   717 C  CA    . SER B 2 82 ? 5.031   -6.073  9.655   1.00 46.14  ? 274 SER A CA    1 
ATOM   718 C  C     . SER B 2 82 ? 5.185   -5.494  8.249   1.00 46.14  ? 274 SER A C     1 
ATOM   719 O  O     . SER B 2 82 ? 4.656   -4.423  7.977   1.00 46.14  ? 274 SER A O     1 
ATOM   720 C  CB    . SER B 2 82 ? 5.806   -5.209  10.656  1.00 91.54  ? 274 SER A CB    1 
ATOM   721 O  OG    . SER B 2 82 ? 5.473   -5.533  11.994  1.00 91.54  ? 274 SER A OG    1 
ATOM   722 N  N     . ARG B 2 83 ? 5.943   -6.176  7.392   1.00 32.83  ? 275 ARG A N     1 
ATOM   723 C  CA    . ARG B 2 83 ? 6.169   -5.729  6.020   1.00 32.83  ? 275 ARG A CA    1 
ATOM   724 C  C     . ARG B 2 83 ? 5.109   -6.240  5.060   1.00 32.83  ? 275 ARG A C     1 
ATOM   725 O  O     . ARG B 2 83 ? 4.805   -7.436  5.003   1.00 32.83  ? 275 ARG A O     1 
ATOM   726 C  CB    . ARG B 2 83 ? 7.557   -6.141  5.523   1.00 41.09  ? 275 ARG A CB    1 
ATOM   727 C  CG    . ARG B 2 83 ? 7.942   -5.498  4.199   1.00 41.09  ? 275 ARG A CG    1 
ATOM   728 C  CD    . ARG B 2 83 ? 9.298   -5.997  3.755   1.00 41.09  ? 275 ARG A CD    1 
ATOM   729 N  NE    . ARG B 2 83 ? 9.827   -5.219  2.636   1.00 41.09  ? 275 ARG A NE    1 
ATOM   730 C  CZ    . ARG B 2 83 ? 9.494   -5.406  1.357   1.00 41.09  ? 275 ARG A CZ    1 
ATOM   731 N  NH1   . ARG B 2 83 ? 8.624   -6.349  1.016   1.00 41.09  ? 275 ARG A NH1   1 
ATOM   732 N  NH2   . ARG B 2 83 ? 10.057  -4.666  0.406   1.00 41.09  ? 275 ARG A NH2   1 
ATOM   733 N  N     . TRP B 2 84 ? 4.521   -5.302  4.337   1.00 21.32  ? 276 TRP A N     1 
ATOM   734 C  CA    . TRP B 2 84 ? 3.497   -5.611  3.370   1.00 21.32  ? 276 TRP A CA    1 
ATOM   735 C  C     . TRP B 2 84 ? 3.856   -5.021  2.027   1.00 21.32  ? 276 TRP A C     1 
ATOM   736 O  O     . TRP B 2 84 ? 4.377   -3.915  1.944   1.00 21.32  ? 276 TRP A O     1 
ATOM   737 C  CB    . TRP B 2 84 ? 2.163   -5.039  3.832   1.00 20.83  ? 276 TRP A CB    1 
ATOM   738 C  CG    . TRP B 2 84 ? 1.549   -5.824  4.920   1.00 20.83  ? 276 TRP A CG    1 
ATOM   739 C  CD1   . TRP B 2 84 ? 2.061   -6.042  6.157   1.00 20.83  ? 276 TRP A CD1   1 
ATOM   740 C  CD2   . TRP B 2 84 ? 0.307   -6.537  4.863   1.00 20.83  ? 276 TRP A CD2   1 
ATOM   741 N  NE1   . TRP B 2 84 ? 1.224   -6.857  6.878   1.00 20.83  ? 276 TRP A NE1   1 
ATOM   742 C  CE2   . TRP B 2 84 ? 0.135   -7.172  6.108   1.00 20.83  ? 276 TRP A CE2   1 
ATOM   743 C  CE3   . TRP B 2 84 ? -0.675  -6.699  3.879   1.00 20.83  ? 276 TRP A CE3   1 
ATOM   744 C  CZ2   . TRP B 2 84 ? -0.980  -7.962  6.400   1.00 20.83  ? 276 TRP A CZ2   1 
ATOM   745 C  CZ3   . TRP B 2 84 ? -1.789  -7.482  4.168   1.00 20.83  ? 276 TRP A CZ3   1 
ATOM   746 C  CH2   . TRP B 2 84 ? -1.930  -8.103  5.420   1.00 20.83  ? 276 TRP A CH2   1 
ATOM   747 N  N     . GLU B 2 85 ? 3.541   -5.748  0.968   1.00 18.21  ? 277 GLU A N     1 
ATOM   748 C  CA    . GLU B 2 85 ? 3.811   -5.287  -0.377  1.00 18.21  ? 277 GLU A CA    1 
ATOM   749 C  C     . GLU B 2 85 ? 2.633   -5.714  -1.215  1.00 18.21  ? 277 GLU A C     1 
ATOM   750 O  O     . GLU B 2 85 ? 2.174   -6.839  -1.110  1.00 18.21  ? 277 GLU A O     1 
ATOM   751 C  CB    . GLU B 2 85 ? 5.090   -5.926  -0.900  1.00 39.28  ? 277 GLU A CB    1 
ATOM   752 C  CG    . GLU B 2 85 ? 5.472   -5.486  -2.292  1.00 39.28  ? 277 GLU A CG    1 
ATOM   753 C  CD    . GLU B 2 85 ? 6.885   -5.889  -2.662  1.00 39.28  ? 277 GLU A CD    1 
ATOM   754 O  OE1   . GLU B 2 85 ? 7.703   -6.134  -1.747  1.00 39.28  ? 277 GLU A OE1   1 
ATOM   755 O  OE2   . GLU B 2 85 ? 7.184   -5.943  -3.869  1.00 39.28  ? 277 GLU A OE2   1 
ATOM   756 N  N     . PHE B 2 86 ? 2.111   -4.791  -2.007  1.00 21.70  ? 278 PHE A N     1 
ATOM   757 C  CA    . PHE B 2 86 ? 0.968   -5.064  -2.867  1.00 21.70  ? 278 PHE A CA    1 
ATOM   758 C  C     . PHE B 2 86 ? 1.300   -4.915  -4.326  1.00 21.70  ? 278 PHE A C     1 
ATOM   759 O  O     . PHE B 2 86 ? 1.961   -3.964  -4.718  1.00 21.70  ? 278 PHE A O     1 
ATOM   760 C  CB    . PHE B 2 86 ? -0.194  -4.128  -2.526  1.00 13.28  ? 278 PHE A CB    1 
ATOM   761 C  CG    . PHE B 2 86 ? -0.673  -4.260  -1.120  1.00 13.28  ? 278 PHE A CG    1 
ATOM   762 C  CD1   . PHE B 2 86 ? -1.622  -5.222  -0.789  1.00 13.28  ? 278 PHE A CD1   1 
ATOM   763 C  CD2   . PHE B 2 86 ? -0.155  -3.451  -0.122  1.00 13.28  ? 278 PHE A CD2   1 
ATOM   764 C  CE1   . PHE B 2 86 ? -2.047  -5.378  0.517   1.00 13.28  ? 278 PHE A CE1   1 
ATOM   765 C  CE2   . PHE B 2 86 ? -0.575  -3.601  1.186   1.00 13.28  ? 278 PHE A CE2   1 
ATOM   766 C  CZ    . PHE B 2 86 ? -1.523  -4.569  1.509   1.00 13.28  ? 278 PHE A CZ    1 
ATOM   767 N  N     . GLU B 2 87 ? 0.800   -5.850  -5.119  1.00 19.83  ? 279 GLU A N     1 
ATOM   768 C  CA    . GLU B 2 87 ? 1.005   -5.863  -6.555  1.00 19.83  ? 279 GLU A CA    1 
ATOM   769 C  C     . GLU B 2 87 ? -0.366  -6.121  -7.184  1.00 19.83  ? 279 GLU A C     1 
ATOM   770 O  O     . GLU B 2 87 ? -1.179  -6.858  -6.638  1.00 19.83  ? 279 GLU A O     1 
ATOM   771 C  CB    . GLU B 2 87 ? 1.995   -6.964  -6.918  1.00 41.40  ? 279 GLU A CB    1 
ATOM   772 C  CG    . GLU B 2 87 ? 2.728   -6.725  -8.205  1.00 41.40  ? 279 GLU A CG    1 
ATOM   773 C  CD    . GLU B 2 87 ? 4.082   -7.381  -8.211  1.00 41.40  ? 279 GLU A CD    1 
ATOM   774 O  OE1   . GLU B 2 87 ? 5.013   -6.806  -7.617  1.00 41.40  ? 279 GLU A OE1   1 
ATOM   775 O  OE2   . GLU B 2 87 ? 4.213   -8.474  -8.805  1.00 41.40  ? 279 GLU A OE2   1 
ATOM   776 N  N     . ASN B 2 88 ? -0.661  -5.411  -8.258  1.00 16.01  ? 280 ASN A N     1 
ATOM   777 C  CA    . ASN B 2 88 ? -1.942  -5.541  -8.946  1.00 16.01  ? 280 ASN A CA    1 
ATOM   778 C  C     . ASN B 2 88 ? -2.001  -6.681  -9.970  1.00 16.01  ? 280 ASN A C     1 
ATOM   779 O  O     . ASN B 2 88 ? -1.013  -6.975  -10.655 1.00 16.01  ? 280 ASN A O     1 
ATOM   780 C  CB    . ASN B 2 88 ? -2.277  -4.214  -9.615  1.00 11.60  ? 280 ASN A CB    1 
ATOM   781 C  CG    . ASN B 2 88 ? -3.742  -4.061  -9.879  1.00 11.60  ? 280 ASN A CG    1 
ATOM   782 O  OD1   . ASN B 2 88 ? -4.278  -4.698  -10.771 1.00 11.60  ? 280 ASN A OD1   1 
ATOM   783 N  ND2   . ASN B 2 88 ? -4.395  -3.193  -9.128  1.00 11.60  ? 280 ASN A ND2   1 
ATOM   784 N  N     . GLU B 2 89 ? -3.157  -7.336  -10.050 1.00 20.63  ? 281 GLU A N     1 
ATOM   785 C  CA    . GLU B 2 89 ? -3.363  -8.443  -10.985 1.00 20.63  ? 281 GLU A CA    1 
ATOM   786 C  C     . GLU B 2 89 ? -3.255  -7.995  -12.444 1.00 20.63  ? 281 GLU A C     1 
ATOM   787 O  O     . GLU B 2 89 ? -2.843  -8.775  -13.307 1.00 20.63  ? 281 GLU A O     1 
ATOM   788 C  CB    . GLU B 2 89 ? -4.710  -9.130  -10.731 1.00 28.50  ? 281 GLU A CB    1 
ATOM   789 C  CG    . GLU B 2 89 ? -5.921  -8.228  -10.876 1.00 28.50  ? 281 GLU A CG    1 
ATOM   790 C  CD    . GLU B 2 89 ? -7.209  -8.878  -10.406 1.00 28.50  ? 281 GLU A CD    1 
ATOM   791 O  OE1   . GLU B 2 89 ? -7.177  -9.548  -9.364  1.00 28.50  ? 281 GLU A OE1   1 
ATOM   792 O  OE2   . GLU B 2 89 ? -8.250  -8.697  -11.071 1.00 28.50  ? 281 GLU A OE2   1 
ATOM   793 N  N     . ARG B 2 90 ? -3.629  -6.742  -12.717 1.00 25.88  ? 282 ARG A N     1 
ATOM   794 C  CA    . ARG B 2 90 ? -3.550  -6.173  -14.065 1.00 25.88  ? 282 ARG A CA    1 
ATOM   795 C  C     . ARG B 2 90 ? -2.146  -5.583  -14.261 1.00 25.88  ? 282 ARG A C     1 
ATOM   796 O  O     . ARG B 2 90 ? -1.839  -4.499  -13.758 1.00 25.88  ? 282 ARG A O     1 
ATOM   797 C  CB    . ARG B 2 90 ? -4.624  -5.091  -14.269 1.00 48.28  ? 282 ARG A CB    1 
ATOM   798 C  CG    . ARG B 2 90 ? -6.064  -5.608  -14.233 1.00 48.28  ? 282 ARG A CG    1 
ATOM   799 C  CD    . ARG B 2 90 ? -7.293  -4.724  -14.506 1.00 48.28  ? 282 ARG A CD    1 
ATOM   800 N  NE    . ARG B 2 90 ? -7.295  -3.551  -13.641 1.00 48.28  ? 282 ARG A NE    1 
ATOM   801 C  CZ    . ARG B 2 90 ? -7.643  -3.552  -12.354 1.00 48.28  ? 282 ARG A CZ    1 
ATOM   802 N  NH1   . ARG B 2 90 ? -8.044  -4.672  -11.765 1.00 48.28  ? 282 ARG A NH1   1 
ATOM   803 N  NH2   . ARG B 2 90 ? -7.539  -2.427  -11.639 1.00 48.28  ? 282 ARG A NH2   1 
ATOM   804 N  N     . HIS B 2 91 ? -1.291  -6.319  -14.962 1.00 31.56  ? 283 HIS A N     1 
ATOM   805 C  CA    . HIS B 2 91 ? 0.086   -5.891  -15.221 1.00 31.56  ? 283 HIS A CA    1 
ATOM   806 C  C     . HIS B 2 91 ? 0.520   -6.284  -16.636 1.00 31.56  ? 283 HIS A C     1 
ATOM   807 O  O     . HIS B 2 91 ? -0.181  -7.039  -17.317 1.00 31.56  ? 283 HIS A O     1 
ATOM   808 C  CB    . HIS B 2 91 ? 1.028   -6.518  -14.188 1.00 61.12  ? 283 HIS A CB    1 
ATOM   809 C  CG    . HIS B 2 91 ? 0.973   -8.012  -14.156 1.00 61.12  ? 283 HIS A CG    1 
ATOM   810 N  ND1   . HIS B 2 91 ? 1.505   -8.797  -15.160 1.00 61.12  ? 283 HIS A ND1   1 
ATOM   811 C  CD2   . HIS B 2 91 ? 0.422   -8.865  -13.264 1.00 61.12  ? 283 HIS A CD2   1 
ATOM   812 C  CE1   . HIS B 2 91 ? 1.279   -10.069 -14.886 1.00 61.12  ? 283 HIS A CE1   1 
ATOM   813 N  NE2   . HIS B 2 91 ? 0.623   -10.142 -13.743 1.00 61.12  ? 283 HIS A NE2   1 
ATOM   814 N  N     . ALA B 2 92 ? 1.667   -5.768  -17.078 1.00 48.86  ? 284 ALA A N     1 
ATOM   815 C  CA    . ALA B 2 92 ? 2.186   -6.057  -18.414 1.00 48.86  ? 284 ALA A CA    1 
ATOM   816 C  C     . ALA B 2 92 ? 2.913   -7.395  -18.499 1.00 48.86  ? 284 ALA A C     1 
ATOM   817 O  O     . ALA B 2 92 ? 3.924   -7.581  -17.789 1.00 48.86  ? 284 ALA A O     1 
ATOM   818 C  CB    . ALA B 2 92 ? 3.093   -4.931  -18.893 1.00 49.73  ? 284 ALA A CB    1 
ATOM   819 O  OXT   . ALA B 2 92 ? 2.447   -8.245  -19.282 1.00 49.73  ? 284 ALA A OXT   1 
HETATM 820 O  O     . HOH C 3 .  ? -1.973  4.096   -6.580  1.00 15.59  ? 1   HOH A O     1 
HETATM 821 O  O     . HOH C 3 .  ? 5.431   1.492   6.962   1.00 27.95  ? 2   HOH A O     1 
HETATM 822 O  O     . HOH C 3 .  ? -5.921  1.608   -7.260  1.00 12.91  ? 3   HOH A O     1 
HETATM 823 O  O     . HOH C 3 .  ? -3.103  -11.869 2.547   1.00 35.82  ? 4   HOH A O     1 
HETATM 824 O  O     . HOH C 3 .  ? 0.082   0.928   -11.044 1.00 16.56  ? 5   HOH A O     1 
HETATM 825 O  O     . HOH C 3 .  ? -4.349  4.391   -9.975  1.00 32.98  ? 6   HOH A O     1 
HETATM 826 O  O     . HOH C 3 .  ? 7.757   9.932   5.585   1.00 40.02  ? 7   HOH A O     1 
HETATM 827 O  O     . HOH C 3 .  ? -4.170  7.049   -10.565 1.00 36.04  ? 8   HOH A O     1 
HETATM 828 O  O     . HOH C 3 .  ? -14.014 2.401   -3.181  1.00 58.47  ? 9   HOH A O     1 
HETATM 829 O  O     . HOH C 3 .  ? -4.550  4.483   -7.091  1.00 24.64  ? 10  HOH A O     1 
HETATM 830 O  O     . HOH C 3 .  ? 1.167   -4.013  -9.897  1.00 28.97  ? 11  HOH A O     1 
HETATM 831 O  O     . HOH C 3 .  ? 0.007   -1.665  -10.952 1.00 16.25  ? 12  HOH A O     1 
HETATM 832 O  O     . HOH C 3 .  ? -0.199  -13.128 -3.749  1.00 35.10  ? 13  HOH A O     1 
HETATM 833 O  O     . HOH C 3 .  ? -1.236  12.631  -11.312 1.00 70.93  ? 14  HOH A O     1 
HETATM 834 O  O     . HOH C 3 .  ? -8.195  -7.451  4.912   1.00 67.97  ? 15  HOH A O     1 
HETATM 835 O  O     . HOH C 3 .  ? 4.010   -8.496  1.622   1.00 27.03  ? 16  HOH A O     1 
HETATM 836 O  O     . HOH C 3 .  ? -8.633  6.603   -15.547 1.00 59.32  ? 17  HOH A O     1 
HETATM 837 O  O     . HOH C 3 .  ? -14.022 4.957   -3.748  1.00 30.73  ? 18  HOH A O     1 
HETATM 838 O  O     . HOH C 3 .  ? -6.846  1.600   12.951  1.00 49.46  ? 19  HOH A O     1 
HETATM 839 O  O     . HOH C 3 .  ? -4.610  -9.692  3.194   1.00 57.90  ? 20  HOH A O     1 
HETATM 840 O  O     . HOH C 3 .  ? 6.414   6.642   -3.552  1.00 35.26  ? 21  HOH A O     1 
HETATM 841 O  O     . HOH C 3 .  ? -5.254  -1.500  12.319  1.00 34.41  ? 22  HOH A O     1 
HETATM 842 O  O     . HOH C 3 .  ? -1.300  13.346  0.114   1.00 28.14  ? 23  HOH A O     1 
HETATM 843 O  O     . HOH C 3 .  ? -6.058  9.331   -9.465  1.00 35.53  ? 24  HOH A O     1 
HETATM 844 O  O     . HOH C 3 .  ? -11.496 11.643  -10.806 1.00 53.43  ? 25  HOH A O     1 
HETATM 845 O  O     . HOH C 3 .  ? 0.117   -9.677  -18.459 1.00 58.45  ? 26  HOH A O     1 
HETATM 846 O  O     . HOH C 3 .  ? -7.039  -3.553  11.053  1.00 58.12  ? 27  HOH A O     1 
HETATM 847 O  O     . HOH C 3 .  ? -7.173  5.312   10.012  1.00 71.16  ? 28  HOH A O     1 
HETATM 848 O  O     . HOH C 3 .  ? -1.717  -9.671  -15.896 1.00 50.23  ? 29  HOH A O     1 
HETATM 849 O  O     . HOH C 3 .  ? 4.986   14.995  -2.957  1.00 30.33  ? 30  HOH A O     1 
HETATM 850 O  O     . HOH C 3 .  ? -8.335  -9.602  2.275   1.00 47.35  ? 31  HOH A O     1 
HETATM 851 O  O     . HOH C 3 .  ? 6.779   -8.906  1.005   1.00 49.42  ? 32  HOH A O     1 
HETATM 852 O  O     . HOH C 3 .  ? -6.775  -6.222  10.941  1.00 49.58  ? 33  HOH A O     1 
HETATM 853 O  O     . HOH C 3 .  ? -2.318  -2.192  12.825  1.00 43.27  ? 34  HOH A O     1 
HETATM 854 O  O     . HOH C 3 .  ? -5.569  4.496   12.292  1.00 55.78  ? 35  HOH A O     1 
HETATM 855 O  O     . HOH C 3 .  ? -6.959  -11.399 4.170   1.00 61.95  ? 36  HOH A O     1 
HETATM 856 O  O     . HOH C 3 .  ? 8.657   -2.318  -13.422 1.00 63.74  ? 37  HOH A O     1 
HETATM 857 O  O     . HOH C 3 .  ? 2.378   -5.966  11.542  1.00 97.26  ? 38  HOH A O     1 
# 
